data_6GUS
# 
_entry.id   6GUS 
# 
_audit_conform.dict_name       mmcif_pdbx.dic 
_audit_conform.dict_version    5.398 
_audit_conform.dict_location   http://mmcif.pdb.org/dictionaries/ascii/mmcif_pdbx.dic 
# 
loop_
_database_2.database_id 
_database_2.database_code 
_database_2.pdbx_database_accession 
_database_2.pdbx_DOI 
PDB   6GUS         pdb_00006gus 10.2210/pdb6gus/pdb 
WWPDB D_1200010547 ?            ?                   
# 
loop_
_pdbx_audit_revision_history.ordinal 
_pdbx_audit_revision_history.data_content_type 
_pdbx_audit_revision_history.major_revision 
_pdbx_audit_revision_history.minor_revision 
_pdbx_audit_revision_history.revision_date 
1 'Structure model' 1 0 2019-05-29 
2 'Structure model' 1 1 2019-07-31 
3 'Structure model' 1 2 2024-11-06 
# 
_pdbx_audit_revision_details.ordinal             1 
_pdbx_audit_revision_details.revision_ordinal    1 
_pdbx_audit_revision_details.data_content_type   'Structure model' 
_pdbx_audit_revision_details.provider            repository 
_pdbx_audit_revision_details.type                'Initial release' 
_pdbx_audit_revision_details.description         ? 
_pdbx_audit_revision_details.details             ? 
# 
loop_
_pdbx_audit_revision_group.ordinal 
_pdbx_audit_revision_group.revision_ordinal 
_pdbx_audit_revision_group.data_content_type 
_pdbx_audit_revision_group.group 
1 2 'Structure model' 'Data collection'     
2 2 'Structure model' 'Database references' 
3 3 'Structure model' 'Data collection'     
4 3 'Structure model' 'Database references' 
5 3 'Structure model' 'Structure summary'   
# 
loop_
_pdbx_audit_revision_category.ordinal 
_pdbx_audit_revision_category.revision_ordinal 
_pdbx_audit_revision_category.data_content_type 
_pdbx_audit_revision_category.category 
1 2 'Structure model' citation                  
2 2 'Structure model' citation_author           
3 3 'Structure model' chem_comp_atom            
4 3 'Structure model' chem_comp_bond            
5 3 'Structure model' database_2                
6 3 'Structure model' pdbx_entry_details        
7 3 'Structure model' pdbx_modification_feature 
# 
loop_
_pdbx_audit_revision_item.ordinal 
_pdbx_audit_revision_item.revision_ordinal 
_pdbx_audit_revision_item.data_content_type 
_pdbx_audit_revision_item.item 
1 2 'Structure model' '_citation.journal_volume'            
2 2 'Structure model' '_citation.title'                     
3 2 'Structure model' '_citation_author.identifier_ORCID'   
4 3 'Structure model' '_database_2.pdbx_DOI'                
5 3 'Structure model' '_database_2.pdbx_database_accession' 
# 
_pdbx_database_status.status_code                     REL 
_pdbx_database_status.status_code_sf                  REL 
_pdbx_database_status.status_code_mr                  ? 
_pdbx_database_status.entry_id                        6GUS 
_pdbx_database_status.recvd_initial_deposition_date   2018-06-19 
_pdbx_database_status.SG_entry                        N 
_pdbx_database_status.deposit_site                    PDBE 
_pdbx_database_status.process_site                    PDBE 
_pdbx_database_status.status_code_cs                  ? 
_pdbx_database_status.methods_development_category    ? 
_pdbx_database_status.pdb_format_compatible           Y 
_pdbx_database_status.status_code_nmr_data            ? 
# 
_audit_author.name               'Somers, D.' 
_audit_author.pdbx_ordinal       1 
_audit_author.identifier_ORCID   ? 
# 
_citation.abstract                  ? 
_citation.abstract_id_CAS           ? 
_citation.book_id_ISBN              ? 
_citation.book_publisher            ? 
_citation.book_publisher_city       ? 
_citation.book_title                ? 
_citation.coordinate_linkage        ? 
_citation.country                   US 
_citation.database_id_Medline       ? 
_citation.details                   ? 
_citation.id                        primary 
_citation.journal_abbrev            Infect.Immun. 
_citation.journal_id_ASTM           ? 
_citation.journal_id_CSD            999 
_citation.journal_id_ISSN           1098-5522 
_citation.journal_full              ? 
_citation.journal_issue             ? 
_citation.journal_volume            87 
_citation.language                  ? 
_citation.page_first                ? 
_citation.page_last                 ? 
_citation.title                     
'Design and Characterization of Protein E-PilA, a Candidate Fusion Antigen for Nontypeable Haemophilus influenzae Vaccine.' 
_citation.year                      2019 
_citation.database_id_CSD           ? 
_citation.pdbx_database_id_DOI      10.1128/IAI.00022-19 
_citation.pdbx_database_id_PubMed   31085711 
_citation.unpublished_flag          ? 
# 
loop_
_citation_author.citation_id 
_citation_author.name 
_citation_author.ordinal 
_citation_author.identifier_ORCID 
primary 'Blais, N.'     1  0000-0002-8817-507X 
primary 'Somers, D.'    2  ?                   
primary 'Faubert, D.'   3  ?                   
primary 'Labbe, S.'     4  ?                   
primary 'Castado, C.'   5  ?                   
primary 'Ysebaert, C.'  6  ?                   
primary 'Gagnon, L.P.'  7  ?                   
primary 'Champagne, J.' 8  ?                   
primary 'Gagne, M.'     9  ?                   
primary 'Martin, D.'    10 ?                   
# 
loop_
_entity.id 
_entity.type 
_entity.src_method 
_entity.pdbx_description 
_entity.formula_weight 
_entity.pdbx_number_of_molecules 
_entity.pdbx_ec 
_entity.pdbx_mutation 
_entity.pdbx_fragment 
_entity.details 
1 polymer     man 'Surface-adhesin protein' 18009.314 1   ? ? ? ? 
2 non-polymer syn 'SULFATE ION'             96.063    1   ? ? ? ? 
3 non-polymer syn GLYCEROL                  92.094    2   ? ? ? ? 
4 non-polymer syn 'CHLORIDE ION'            35.453    1   ? ? ? ? 
5 water       nat water                     18.015    100 ? ? ? ? 
# 
_entity_name_com.entity_id   1 
_entity_name_com.name        'protein E' 
# 
_entity_poly.entity_id                      1 
_entity_poly.type                           'polypeptide(L)' 
_entity_poly.nstd_linkage                   no 
_entity_poly.nstd_monomer                   no 
_entity_poly.pdbx_seq_one_letter_code       
;QIQKAEQNDVKLAPPTDVRSGYIRLVKNVNYYIDSESIWVDNQEPQIVHFDAVVNLDKGLYVYPEPKRYARSVRQYKILN
CANYHLTQVRTDFYDEFWGQGLRAAPKKQKKHTLSLTPDTTLYNAAQIICANYGEAFSVDKKKLAAALEHHHHHH
;
_entity_poly.pdbx_seq_one_letter_code_can   
;QIQKAEQNDVKLAPPTDVRSGYIRLVKNVNYYIDSESIWVDNQEPQIVHFDAVVNLDKGLYVYPEPKRYARSVRQYKILN
CANYHLTQVRTDFYDEFWGQGLRAAPKKQKKHTLSLTPDTTLYNAAQIICANYGEAFSVDKKKLAAALEHHHHHH
;
_entity_poly.pdbx_strand_id                 A 
_entity_poly.pdbx_target_identifier         ? 
# 
loop_
_pdbx_entity_nonpoly.entity_id 
_pdbx_entity_nonpoly.name 
_pdbx_entity_nonpoly.comp_id 
2 'SULFATE ION'  SO4 
3 GLYCEROL       GOL 
4 'CHLORIDE ION' CL  
5 water          HOH 
# 
loop_
_entity_poly_seq.entity_id 
_entity_poly_seq.num 
_entity_poly_seq.mon_id 
_entity_poly_seq.hetero 
1 1   GLN n 
1 2   ILE n 
1 3   GLN n 
1 4   LYS n 
1 5   ALA n 
1 6   GLU n 
1 7   GLN n 
1 8   ASN n 
1 9   ASP n 
1 10  VAL n 
1 11  LYS n 
1 12  LEU n 
1 13  ALA n 
1 14  PRO n 
1 15  PRO n 
1 16  THR n 
1 17  ASP n 
1 18  VAL n 
1 19  ARG n 
1 20  SER n 
1 21  GLY n 
1 22  TYR n 
1 23  ILE n 
1 24  ARG n 
1 25  LEU n 
1 26  VAL n 
1 27  LYS n 
1 28  ASN n 
1 29  VAL n 
1 30  ASN n 
1 31  TYR n 
1 32  TYR n 
1 33  ILE n 
1 34  ASP n 
1 35  SER n 
1 36  GLU n 
1 37  SER n 
1 38  ILE n 
1 39  TRP n 
1 40  VAL n 
1 41  ASP n 
1 42  ASN n 
1 43  GLN n 
1 44  GLU n 
1 45  PRO n 
1 46  GLN n 
1 47  ILE n 
1 48  VAL n 
1 49  HIS n 
1 50  PHE n 
1 51  ASP n 
1 52  ALA n 
1 53  VAL n 
1 54  VAL n 
1 55  ASN n 
1 56  LEU n 
1 57  ASP n 
1 58  LYS n 
1 59  GLY n 
1 60  LEU n 
1 61  TYR n 
1 62  VAL n 
1 63  TYR n 
1 64  PRO n 
1 65  GLU n 
1 66  PRO n 
1 67  LYS n 
1 68  ARG n 
1 69  TYR n 
1 70  ALA n 
1 71  ARG n 
1 72  SER n 
1 73  VAL n 
1 74  ARG n 
1 75  GLN n 
1 76  TYR n 
1 77  LYS n 
1 78  ILE n 
1 79  LEU n 
1 80  ASN n 
1 81  CYS n 
1 82  ALA n 
1 83  ASN n 
1 84  TYR n 
1 85  HIS n 
1 86  LEU n 
1 87  THR n 
1 88  GLN n 
1 89  VAL n 
1 90  ARG n 
1 91  THR n 
1 92  ASP n 
1 93  PHE n 
1 94  TYR n 
1 95  ASP n 
1 96  GLU n 
1 97  PHE n 
1 98  TRP n 
1 99  GLY n 
1 100 GLN n 
1 101 GLY n 
1 102 LEU n 
1 103 ARG n 
1 104 ALA n 
1 105 ALA n 
1 106 PRO n 
1 107 LYS n 
1 108 LYS n 
1 109 GLN n 
1 110 LYS n 
1 111 LYS n 
1 112 HIS n 
1 113 THR n 
1 114 LEU n 
1 115 SER n 
1 116 LEU n 
1 117 THR n 
1 118 PRO n 
1 119 ASP n 
1 120 THR n 
1 121 THR n 
1 122 LEU n 
1 123 TYR n 
1 124 ASN n 
1 125 ALA n 
1 126 ALA n 
1 127 GLN n 
1 128 ILE n 
1 129 ILE n 
1 130 CYS n 
1 131 ALA n 
1 132 ASN n 
1 133 TYR n 
1 134 GLY n 
1 135 GLU n 
1 136 ALA n 
1 137 PHE n 
1 138 SER n 
1 139 VAL n 
1 140 ASP n 
1 141 LYS n 
1 142 LYS n 
1 143 LYS n 
1 144 LEU n 
1 145 ALA n 
1 146 ALA n 
1 147 ALA n 
1 148 LEU n 
1 149 GLU n 
1 150 HIS n 
1 151 HIS n 
1 152 HIS n 
1 153 HIS n 
1 154 HIS n 
1 155 HIS n 
# 
_entity_src_gen.entity_id                          1 
_entity_src_gen.pdbx_src_id                        1 
_entity_src_gen.pdbx_alt_source_flag               sample 
_entity_src_gen.pdbx_seq_type                      'Biological sequence' 
_entity_src_gen.pdbx_beg_seq_num                   1 
_entity_src_gen.pdbx_end_seq_num                   155 
_entity_src_gen.gene_src_common_name               ? 
_entity_src_gen.gene_src_genus                     ? 
_entity_src_gen.pdbx_gene_src_gene                 pe 
_entity_src_gen.gene_src_species                   ? 
_entity_src_gen.gene_src_strain                    ? 
_entity_src_gen.gene_src_tissue                    ? 
_entity_src_gen.gene_src_tissue_fraction           ? 
_entity_src_gen.gene_src_details                   ? 
_entity_src_gen.pdbx_gene_src_fragment             ? 
_entity_src_gen.pdbx_gene_src_scientific_name      'Haemophilus influenzae' 
_entity_src_gen.pdbx_gene_src_ncbi_taxonomy_id     727 
_entity_src_gen.pdbx_gene_src_variant              ? 
_entity_src_gen.pdbx_gene_src_cell_line            ? 
_entity_src_gen.pdbx_gene_src_atcc                 ? 
_entity_src_gen.pdbx_gene_src_organ                ? 
_entity_src_gen.pdbx_gene_src_organelle            ? 
_entity_src_gen.pdbx_gene_src_cell                 ? 
_entity_src_gen.pdbx_gene_src_cellular_location    ? 
_entity_src_gen.host_org_common_name               ? 
_entity_src_gen.pdbx_host_org_scientific_name      'Escherichia coli' 
_entity_src_gen.pdbx_host_org_ncbi_taxonomy_id     562 
_entity_src_gen.host_org_genus                     ? 
_entity_src_gen.pdbx_host_org_gene                 ? 
_entity_src_gen.pdbx_host_org_organ                ? 
_entity_src_gen.host_org_species                   ? 
_entity_src_gen.pdbx_host_org_tissue               ? 
_entity_src_gen.pdbx_host_org_tissue_fraction      ? 
_entity_src_gen.pdbx_host_org_strain               ? 
_entity_src_gen.pdbx_host_org_variant              ? 
_entity_src_gen.pdbx_host_org_cell_line            ? 
_entity_src_gen.pdbx_host_org_atcc                 ? 
_entity_src_gen.pdbx_host_org_culture_collection   ? 
_entity_src_gen.pdbx_host_org_cell                 ? 
_entity_src_gen.pdbx_host_org_organelle            ? 
_entity_src_gen.pdbx_host_org_cellular_location    ? 
_entity_src_gen.pdbx_host_org_vector_type          ? 
_entity_src_gen.pdbx_host_org_vector               ? 
_entity_src_gen.host_org_details                   ? 
_entity_src_gen.expression_system_id               ? 
_entity_src_gen.plasmid_name                       ? 
_entity_src_gen.plasmid_details                    ? 
_entity_src_gen.pdbx_description                   ? 
# 
loop_
_chem_comp.id 
_chem_comp.type 
_chem_comp.mon_nstd_flag 
_chem_comp.name 
_chem_comp.pdbx_synonyms 
_chem_comp.formula 
_chem_comp.formula_weight 
ALA 'L-peptide linking' y ALANINE         ?                               'C3 H7 N O2'     89.093  
ARG 'L-peptide linking' y ARGININE        ?                               'C6 H15 N4 O2 1' 175.209 
ASN 'L-peptide linking' y ASPARAGINE      ?                               'C4 H8 N2 O3'    132.118 
ASP 'L-peptide linking' y 'ASPARTIC ACID' ?                               'C4 H7 N O4'     133.103 
CL  non-polymer         . 'CHLORIDE ION'  ?                               'Cl -1'          35.453  
CYS 'L-peptide linking' y CYSTEINE        ?                               'C3 H7 N O2 S'   121.158 
GLN 'L-peptide linking' y GLUTAMINE       ?                               'C5 H10 N2 O3'   146.144 
GLU 'L-peptide linking' y 'GLUTAMIC ACID' ?                               'C5 H9 N O4'     147.129 
GLY 'peptide linking'   y GLYCINE         ?                               'C2 H5 N O2'     75.067  
GOL non-polymer         . GLYCEROL        'GLYCERIN; PROPANE-1,2,3-TRIOL' 'C3 H8 O3'       92.094  
HIS 'L-peptide linking' y HISTIDINE       ?                               'C6 H10 N3 O2 1' 156.162 
HOH non-polymer         . WATER           ?                               'H2 O'           18.015  
ILE 'L-peptide linking' y ISOLEUCINE      ?                               'C6 H13 N O2'    131.173 
LEU 'L-peptide linking' y LEUCINE         ?                               'C6 H13 N O2'    131.173 
LYS 'L-peptide linking' y LYSINE          ?                               'C6 H15 N2 O2 1' 147.195 
PHE 'L-peptide linking' y PHENYLALANINE   ?                               'C9 H11 N O2'    165.189 
PRO 'L-peptide linking' y PROLINE         ?                               'C5 H9 N O2'     115.130 
SER 'L-peptide linking' y SERINE          ?                               'C3 H7 N O3'     105.093 
SO4 non-polymer         . 'SULFATE ION'   ?                               'O4 S -2'        96.063  
THR 'L-peptide linking' y THREONINE       ?                               'C4 H9 N O3'     119.119 
TRP 'L-peptide linking' y TRYPTOPHAN      ?                               'C11 H12 N2 O2'  204.225 
TYR 'L-peptide linking' y TYROSINE        ?                               'C9 H11 N O3'    181.189 
VAL 'L-peptide linking' y VALINE          ?                               'C5 H11 N O2'    117.146 
# 
loop_
_pdbx_poly_seq_scheme.asym_id 
_pdbx_poly_seq_scheme.entity_id 
_pdbx_poly_seq_scheme.seq_id 
_pdbx_poly_seq_scheme.mon_id 
_pdbx_poly_seq_scheme.ndb_seq_num 
_pdbx_poly_seq_scheme.pdb_seq_num 
_pdbx_poly_seq_scheme.auth_seq_num 
_pdbx_poly_seq_scheme.pdb_mon_id 
_pdbx_poly_seq_scheme.auth_mon_id 
_pdbx_poly_seq_scheme.pdb_strand_id 
_pdbx_poly_seq_scheme.pdb_ins_code 
_pdbx_poly_seq_scheme.hetero 
A 1 1   GLN 1   19  ?   ?   ?   A . n 
A 1 2   ILE 2   20  ?   ?   ?   A . n 
A 1 3   GLN 3   21  ?   ?   ?   A . n 
A 1 4   LYS 4   22  ?   ?   ?   A . n 
A 1 5   ALA 5   23  ?   ?   ?   A . n 
A 1 6   GLU 6   24  24  GLU GLU A . n 
A 1 7   GLN 7   25  25  GLN GLN A . n 
A 1 8   ASN 8   26  26  ASN ASN A . n 
A 1 9   ASP 9   27  27  ASP ASP A . n 
A 1 10  VAL 10  28  28  VAL VAL A . n 
A 1 11  LYS 11  29  29  LYS LYS A . n 
A 1 12  LEU 12  30  30  LEU LEU A . n 
A 1 13  ALA 13  31  31  ALA ALA A . n 
A 1 14  PRO 14  32  32  PRO PRO A . n 
A 1 15  PRO 15  33  33  PRO PRO A . n 
A 1 16  THR 16  34  34  THR THR A . n 
A 1 17  ASP 17  35  35  ASP ASP A . n 
A 1 18  VAL 18  36  36  VAL VAL A . n 
A 1 19  ARG 19  37  37  ARG ARG A . n 
A 1 20  SER 20  38  38  SER SER A . n 
A 1 21  GLY 21  39  39  GLY GLY A . n 
A 1 22  TYR 22  40  40  TYR TYR A . n 
A 1 23  ILE 23  41  41  ILE ILE A . n 
A 1 24  ARG 24  42  42  ARG ARG A . n 
A 1 25  LEU 25  43  43  LEU LEU A . n 
A 1 26  VAL 26  44  44  VAL VAL A . n 
A 1 27  LYS 27  45  45  LYS LYS A . n 
A 1 28  ASN 28  46  46  ASN ASN A . n 
A 1 29  VAL 29  47  47  VAL VAL A . n 
A 1 30  ASN 30  48  48  ASN ASN A . n 
A 1 31  TYR 31  49  49  TYR TYR A . n 
A 1 32  TYR 32  50  50  TYR TYR A . n 
A 1 33  ILE 33  51  51  ILE ILE A . n 
A 1 34  ASP 34  52  52  ASP ASP A . n 
A 1 35  SER 35  53  53  SER SER A . n 
A 1 36  GLU 36  54  54  GLU GLU A . n 
A 1 37  SER 37  55  55  SER SER A . n 
A 1 38  ILE 38  56  56  ILE ILE A . n 
A 1 39  TRP 39  57  57  TRP TRP A . n 
A 1 40  VAL 40  58  58  VAL VAL A . n 
A 1 41  ASP 41  59  59  ASP ASP A . n 
A 1 42  ASN 42  60  60  ASN ASN A . n 
A 1 43  GLN 43  61  61  GLN GLN A . n 
A 1 44  GLU 44  62  62  GLU GLU A . n 
A 1 45  PRO 45  63  63  PRO PRO A . n 
A 1 46  GLN 46  64  64  GLN GLN A . n 
A 1 47  ILE 47  65  65  ILE ILE A . n 
A 1 48  VAL 48  66  66  VAL VAL A . n 
A 1 49  HIS 49  67  67  HIS HIS A . n 
A 1 50  PHE 50  68  68  PHE PHE A . n 
A 1 51  ASP 51  69  69  ASP ASP A . n 
A 1 52  ALA 52  70  70  ALA ALA A . n 
A 1 53  VAL 53  71  71  VAL VAL A . n 
A 1 54  VAL 54  72  72  VAL VAL A . n 
A 1 55  ASN 55  73  73  ASN ASN A . n 
A 1 56  LEU 56  74  74  LEU LEU A . n 
A 1 57  ASP 57  75  75  ASP ASP A . n 
A 1 58  LYS 58  76  76  LYS LYS A . n 
A 1 59  GLY 59  77  77  GLY GLY A . n 
A 1 60  LEU 60  78  78  LEU LEU A . n 
A 1 61  TYR 61  79  79  TYR TYR A . n 
A 1 62  VAL 62  80  80  VAL VAL A . n 
A 1 63  TYR 63  81  81  TYR TYR A . n 
A 1 64  PRO 64  82  82  PRO PRO A . n 
A 1 65  GLU 65  83  83  GLU GLU A . n 
A 1 66  PRO 66  84  84  PRO PRO A . n 
A 1 67  LYS 67  85  85  LYS LYS A . n 
A 1 68  ARG 68  86  86  ARG ARG A . n 
A 1 69  TYR 69  87  87  TYR TYR A . n 
A 1 70  ALA 70  88  88  ALA ALA A . n 
A 1 71  ARG 71  89  89  ARG ARG A . n 
A 1 72  SER 72  90  90  SER SER A . n 
A 1 73  VAL 73  91  91  VAL VAL A . n 
A 1 74  ARG 74  92  92  ARG ARG A . n 
A 1 75  GLN 75  93  93  GLN GLN A . n 
A 1 76  TYR 76  94  94  TYR TYR A . n 
A 1 77  LYS 77  95  95  LYS LYS A . n 
A 1 78  ILE 78  96  96  ILE ILE A . n 
A 1 79  LEU 79  97  97  LEU LEU A . n 
A 1 80  ASN 80  98  98  ASN ASN A . n 
A 1 81  CYS 81  99  99  CYS CYS A . n 
A 1 82  ALA 82  100 100 ALA ALA A . n 
A 1 83  ASN 83  101 101 ASN ASN A . n 
A 1 84  TYR 84  102 102 TYR TYR A . n 
A 1 85  HIS 85  103 103 HIS HIS A . n 
A 1 86  LEU 86  104 104 LEU LEU A . n 
A 1 87  THR 87  105 105 THR THR A . n 
A 1 88  GLN 88  106 106 GLN GLN A . n 
A 1 89  VAL 89  107 107 VAL VAL A . n 
A 1 90  ARG 90  108 108 ARG ARG A . n 
A 1 91  THR 91  109 109 THR THR A . n 
A 1 92  ASP 92  110 110 ASP ASP A . n 
A 1 93  PHE 93  111 111 PHE PHE A . n 
A 1 94  TYR 94  112 112 TYR TYR A . n 
A 1 95  ASP 95  113 113 ASP ASP A . n 
A 1 96  GLU 96  114 114 GLU GLU A . n 
A 1 97  PHE 97  115 115 PHE PHE A . n 
A 1 98  TRP 98  116 116 TRP TRP A . n 
A 1 99  GLY 99  117 117 GLY GLY A . n 
A 1 100 GLN 100 118 118 GLN GLN A . n 
A 1 101 GLY 101 119 119 GLY GLY A . n 
A 1 102 LEU 102 120 120 LEU LEU A . n 
A 1 103 ARG 103 121 121 ARG ARG A . n 
A 1 104 ALA 104 122 122 ALA ALA A . n 
A 1 105 ALA 105 123 123 ALA ALA A . n 
A 1 106 PRO 106 124 124 PRO PRO A . n 
A 1 107 LYS 107 125 125 LYS LYS A . n 
A 1 108 LYS 108 126 126 LYS LYS A . n 
A 1 109 GLN 109 127 127 GLN GLN A . n 
A 1 110 LYS 110 128 128 LYS LYS A . n 
A 1 111 LYS 111 129 129 LYS LYS A . n 
A 1 112 HIS 112 130 130 HIS HIS A . n 
A 1 113 THR 113 131 131 THR THR A . n 
A 1 114 LEU 114 132 132 LEU LEU A . n 
A 1 115 SER 115 133 133 SER SER A . n 
A 1 116 LEU 116 134 134 LEU LEU A . n 
A 1 117 THR 117 135 135 THR THR A . n 
A 1 118 PRO 118 136 136 PRO PRO A . n 
A 1 119 ASP 119 137 137 ASP ASP A . n 
A 1 120 THR 120 138 138 THR THR A . n 
A 1 121 THR 121 139 139 THR THR A . n 
A 1 122 LEU 122 140 140 LEU LEU A . n 
A 1 123 TYR 123 141 141 TYR TYR A . n 
A 1 124 ASN 124 142 142 ASN ASN A . n 
A 1 125 ALA 125 143 143 ALA ALA A . n 
A 1 126 ALA 126 144 144 ALA ALA A . n 
A 1 127 GLN 127 145 145 GLN GLN A . n 
A 1 128 ILE 128 146 146 ILE ILE A . n 
A 1 129 ILE 129 147 147 ILE ILE A . n 
A 1 130 CYS 130 148 148 CYS CYS A . n 
A 1 131 ALA 131 149 149 ALA ALA A . n 
A 1 132 ASN 132 150 150 ASN ASN A . n 
A 1 133 TYR 133 151 151 TYR TYR A . n 
A 1 134 GLY 134 152 152 GLY GLY A . n 
A 1 135 GLU 135 153 153 GLU GLU A . n 
A 1 136 ALA 136 154 154 ALA ALA A . n 
A 1 137 PHE 137 155 155 PHE PHE A . n 
A 1 138 SER 138 156 156 SER SER A . n 
A 1 139 VAL 139 157 157 VAL VAL A . n 
A 1 140 ASP 140 158 158 ASP ASP A . n 
A 1 141 LYS 141 159 159 LYS LYS A . n 
A 1 142 LYS 142 160 160 LYS LYS A . n 
A 1 143 LYS 143 161 161 LYS LYS A . n 
A 1 144 LEU 144 162 162 LEU LEU A . n 
A 1 145 ALA 145 163 163 ALA ALA A . n 
A 1 146 ALA 146 164 164 ALA ALA A . n 
A 1 147 ALA 147 165 165 ALA ALA A . n 
A 1 148 LEU 148 166 166 LEU LEU A . n 
A 1 149 GLU 149 167 167 GLU GLU A . n 
A 1 150 HIS 150 168 168 HIS HIS A . n 
A 1 151 HIS 151 169 169 HIS HIS A . n 
A 1 152 HIS 152 170 170 HIS HIS A . n 
A 1 153 HIS 153 171 ?   ?   ?   A . n 
A 1 154 HIS 154 172 ?   ?   ?   A . n 
A 1 155 HIS 155 173 ?   ?   ?   A . n 
# 
loop_
_pdbx_nonpoly_scheme.asym_id 
_pdbx_nonpoly_scheme.entity_id 
_pdbx_nonpoly_scheme.mon_id 
_pdbx_nonpoly_scheme.ndb_seq_num 
_pdbx_nonpoly_scheme.pdb_seq_num 
_pdbx_nonpoly_scheme.auth_seq_num 
_pdbx_nonpoly_scheme.pdb_mon_id 
_pdbx_nonpoly_scheme.auth_mon_id 
_pdbx_nonpoly_scheme.pdb_strand_id 
_pdbx_nonpoly_scheme.pdb_ins_code 
B 2 SO4 1   201 1   SO4 SO4 A . 
C 3 GOL 1   202 1   GOL GOL A . 
D 3 GOL 1   203 2   GOL GOL A . 
E 4 CL  1   204 1   CL  CL  A . 
F 5 HOH 1   301 95  HOH HOH A . 
F 5 HOH 2   302 33  HOH HOH A . 
F 5 HOH 3   303 81  HOH HOH A . 
F 5 HOH 4   304 7   HOH HOH A . 
F 5 HOH 5   305 87  HOH HOH A . 
F 5 HOH 6   306 84  HOH HOH A . 
F 5 HOH 7   307 21  HOH HOH A . 
F 5 HOH 8   308 88  HOH HOH A . 
F 5 HOH 9   309 59  HOH HOH A . 
F 5 HOH 10  310 48  HOH HOH A . 
F 5 HOH 11  311 11  HOH HOH A . 
F 5 HOH 12  312 26  HOH HOH A . 
F 5 HOH 13  313 22  HOH HOH A . 
F 5 HOH 14  314 51  HOH HOH A . 
F 5 HOH 15  315 36  HOH HOH A . 
F 5 HOH 16  316 64  HOH HOH A . 
F 5 HOH 17  317 38  HOH HOH A . 
F 5 HOH 18  318 58  HOH HOH A . 
F 5 HOH 19  319 28  HOH HOH A . 
F 5 HOH 20  320 82  HOH HOH A . 
F 5 HOH 21  321 25  HOH HOH A . 
F 5 HOH 22  322 15  HOH HOH A . 
F 5 HOH 23  323 23  HOH HOH A . 
F 5 HOH 24  324 16  HOH HOH A . 
F 5 HOH 25  325 76  HOH HOH A . 
F 5 HOH 26  326 42  HOH HOH A . 
F 5 HOH 27  327 45  HOH HOH A . 
F 5 HOH 28  328 2   HOH HOH A . 
F 5 HOH 29  329 85  HOH HOH A . 
F 5 HOH 30  330 75  HOH HOH A . 
F 5 HOH 31  331 67  HOH HOH A . 
F 5 HOH 32  332 47  HOH HOH A . 
F 5 HOH 33  333 18  HOH HOH A . 
F 5 HOH 34  334 89  HOH HOH A . 
F 5 HOH 35  335 24  HOH HOH A . 
F 5 HOH 36  336 29  HOH HOH A . 
F 5 HOH 37  337 9   HOH HOH A . 
F 5 HOH 38  338 72  HOH HOH A . 
F 5 HOH 39  339 52  HOH HOH A . 
F 5 HOH 40  340 3   HOH HOH A . 
F 5 HOH 41  341 49  HOH HOH A . 
F 5 HOH 42  342 4   HOH HOH A . 
F 5 HOH 43  343 74  HOH HOH A . 
F 5 HOH 44  344 37  HOH HOH A . 
F 5 HOH 45  345 8   HOH HOH A . 
F 5 HOH 46  346 54  HOH HOH A . 
F 5 HOH 47  347 43  HOH HOH A . 
F 5 HOH 48  348 44  HOH HOH A . 
F 5 HOH 49  349 61  HOH HOH A . 
F 5 HOH 50  350 14  HOH HOH A . 
F 5 HOH 51  351 83  HOH HOH A . 
F 5 HOH 52  352 57  HOH HOH A . 
F 5 HOH 53  353 50  HOH HOH A . 
F 5 HOH 54  354 35  HOH HOH A . 
F 5 HOH 55  355 78  HOH HOH A . 
F 5 HOH 56  356 32  HOH HOH A . 
F 5 HOH 57  357 69  HOH HOH A . 
F 5 HOH 58  358 13  HOH HOH A . 
F 5 HOH 59  359 17  HOH HOH A . 
F 5 HOH 60  360 73  HOH HOH A . 
F 5 HOH 61  361 46  HOH HOH A . 
F 5 HOH 62  362 30  HOH HOH A . 
F 5 HOH 63  363 56  HOH HOH A . 
F 5 HOH 64  364 12  HOH HOH A . 
F 5 HOH 65  365 99  HOH HOH A . 
F 5 HOH 66  366 86  HOH HOH A . 
F 5 HOH 67  367 96  HOH HOH A . 
F 5 HOH 68  368 62  HOH HOH A . 
F 5 HOH 69  369 41  HOH HOH A . 
F 5 HOH 70  370 5   HOH HOH A . 
F 5 HOH 71  371 6   HOH HOH A . 
F 5 HOH 72  372 92  HOH HOH A . 
F 5 HOH 73  373 10  HOH HOH A . 
F 5 HOH 74  374 71  HOH HOH A . 
F 5 HOH 75  375 60  HOH HOH A . 
F 5 HOH 76  376 40  HOH HOH A . 
F 5 HOH 77  377 19  HOH HOH A . 
F 5 HOH 78  378 34  HOH HOH A . 
F 5 HOH 79  379 80  HOH HOH A . 
F 5 HOH 80  380 31  HOH HOH A . 
F 5 HOH 81  381 27  HOH HOH A . 
F 5 HOH 82  382 77  HOH HOH A . 
F 5 HOH 83  383 1   HOH HOH A . 
F 5 HOH 84  384 65  HOH HOH A . 
F 5 HOH 85  385 97  HOH HOH A . 
F 5 HOH 86  386 63  HOH HOH A . 
F 5 HOH 87  387 68  HOH HOH A . 
F 5 HOH 88  388 70  HOH HOH A . 
F 5 HOH 89  389 55  HOH HOH A . 
F 5 HOH 90  390 39  HOH HOH A . 
F 5 HOH 91  391 93  HOH HOH A . 
F 5 HOH 92  392 20  HOH HOH A . 
F 5 HOH 93  393 90  HOH HOH A . 
F 5 HOH 94  394 66  HOH HOH A . 
F 5 HOH 95  395 79  HOH HOH A . 
F 5 HOH 96  396 100 HOH HOH A . 
F 5 HOH 97  397 91  HOH HOH A . 
F 5 HOH 98  398 98  HOH HOH A . 
F 5 HOH 99  399 53  HOH HOH A . 
F 5 HOH 100 400 94  HOH HOH A . 
# 
loop_
_pdbx_unobs_or_zero_occ_atoms.id 
_pdbx_unobs_or_zero_occ_atoms.PDB_model_num 
_pdbx_unobs_or_zero_occ_atoms.polymer_flag 
_pdbx_unobs_or_zero_occ_atoms.occupancy_flag 
_pdbx_unobs_or_zero_occ_atoms.auth_asym_id 
_pdbx_unobs_or_zero_occ_atoms.auth_comp_id 
_pdbx_unobs_or_zero_occ_atoms.auth_seq_id 
_pdbx_unobs_or_zero_occ_atoms.PDB_ins_code 
_pdbx_unobs_or_zero_occ_atoms.auth_atom_id 
_pdbx_unobs_or_zero_occ_atoms.label_alt_id 
_pdbx_unobs_or_zero_occ_atoms.label_asym_id 
_pdbx_unobs_or_zero_occ_atoms.label_comp_id 
_pdbx_unobs_or_zero_occ_atoms.label_seq_id 
_pdbx_unobs_or_zero_occ_atoms.label_atom_id 
1  1 Y 1 A LYS 125 ? CG  ? A LYS 107 CG  
2  1 Y 1 A LYS 125 ? CD  ? A LYS 107 CD  
3  1 Y 1 A LYS 125 ? CE  ? A LYS 107 CE  
4  1 Y 1 A LYS 125 ? NZ  ? A LYS 107 NZ  
5  1 Y 1 A LYS 126 ? CG  ? A LYS 108 CG  
6  1 Y 1 A LYS 126 ? CD  ? A LYS 108 CD  
7  1 Y 1 A LYS 126 ? CE  ? A LYS 108 CE  
8  1 Y 1 A LYS 126 ? NZ  ? A LYS 108 NZ  
9  1 Y 1 A LYS 128 ? CG  ? A LYS 110 CG  
10 1 Y 1 A LYS 128 ? CD  ? A LYS 110 CD  
11 1 Y 1 A LYS 128 ? CE  ? A LYS 110 CE  
12 1 Y 1 A LYS 128 ? NZ  ? A LYS 110 NZ  
13 1 Y 1 A LYS 129 ? CG  ? A LYS 111 CG  
14 1 Y 1 A LYS 129 ? CD  ? A LYS 111 CD  
15 1 Y 1 A LYS 129 ? CE  ? A LYS 111 CE  
16 1 Y 1 A LYS 129 ? NZ  ? A LYS 111 NZ  
17 1 Y 1 A HIS 168 ? CG  ? A HIS 150 CG  
18 1 Y 1 A HIS 168 ? ND1 ? A HIS 150 ND1 
19 1 Y 1 A HIS 168 ? CD2 ? A HIS 150 CD2 
20 1 Y 1 A HIS 168 ? CE1 ? A HIS 150 CE1 
21 1 Y 1 A HIS 168 ? NE2 ? A HIS 150 NE2 
# 
loop_
_software.citation_id 
_software.classification 
_software.compiler_name 
_software.compiler_version 
_software.contact_author 
_software.contact_author_email 
_software.date 
_software.description 
_software.dependencies 
_software.hardware 
_software.language 
_software.location 
_software.mods 
_software.name 
_software.os 
_software.os_version 
_software.type 
_software.version 
_software.pdbx_ordinal 
? 'data reduction' ? ? ? ? ? ? ? ? ? ? ? XDS    ? ? ? 'December 31, 2011' 1 
? 'data scaling'   ? ? ? ? ? ? ? ? ? ? ? XSCALE ? ? ? 'December 31, 2011' 2 
? 'data scaling'   ? ? ? ? ? ? ? ? ? ? ? SCALA  ? ? ? 3.3.20              3 
? phasing          ? ? ? ? ? ? ? ? ? ? ? SHARP  ? ? ? 2.9.2BETA           4 
? refinement       ? ? ? ? ? ? ? ? ? ? ? REFMAC ? ? ? 5.8.0073            5 
# 
_cell.angle_alpha                  90.000 
_cell.angle_alpha_esd              ? 
_cell.angle_beta                   90.000 
_cell.angle_beta_esd               ? 
_cell.angle_gamma                  90.000 
_cell.angle_gamma_esd              ? 
_cell.entry_id                     6GUS 
_cell.details                      ? 
_cell.formula_units_Z              ? 
_cell.length_a                     77.670 
_cell.length_a_esd                 ? 
_cell.length_b                     77.670 
_cell.length_b_esd                 ? 
_cell.length_c                     66.130 
_cell.length_c_esd                 ? 
_cell.volume                       ? 
_cell.volume_esd                   ? 
_cell.Z_PDB                        8 
_cell.reciprocal_angle_alpha       ? 
_cell.reciprocal_angle_beta        ? 
_cell.reciprocal_angle_gamma       ? 
_cell.reciprocal_angle_alpha_esd   ? 
_cell.reciprocal_angle_beta_esd    ? 
_cell.reciprocal_angle_gamma_esd   ? 
_cell.reciprocal_length_a          ? 
_cell.reciprocal_length_b          ? 
_cell.reciprocal_length_c          ? 
_cell.reciprocal_length_a_esd      ? 
_cell.reciprocal_length_b_esd      ? 
_cell.reciprocal_length_c_esd      ? 
_cell.pdbx_unique_axis             ? 
# 
_symmetry.entry_id                         6GUS 
_symmetry.cell_setting                     ? 
_symmetry.Int_Tables_number                80 
_symmetry.space_group_name_Hall            ? 
_symmetry.space_group_name_H-M             'I 41' 
_symmetry.pdbx_full_space_group_name_H-M   ? 
# 
_exptl.absorpt_coefficient_mu     ? 
_exptl.absorpt_correction_T_max   ? 
_exptl.absorpt_correction_T_min   ? 
_exptl.absorpt_correction_type    ? 
_exptl.absorpt_process_details    ? 
_exptl.entry_id                   6GUS 
_exptl.crystals_number            1 
_exptl.details                    ? 
_exptl.method                     'X-RAY DIFFRACTION' 
_exptl.method_details             ? 
# 
_exptl_crystal.colour                      ? 
_exptl_crystal.density_diffrn              ? 
_exptl_crystal.density_Matthews            2.77 
_exptl_crystal.density_method              ? 
_exptl_crystal.density_percent_sol         55.58 
_exptl_crystal.description                 ? 
_exptl_crystal.F_000                       ? 
_exptl_crystal.id                          1 
_exptl_crystal.preparation                 ? 
_exptl_crystal.size_max                    ? 
_exptl_crystal.size_mid                    ? 
_exptl_crystal.size_min                    ? 
_exptl_crystal.size_rad                    ? 
_exptl_crystal.colour_lustre               ? 
_exptl_crystal.colour_modifier             ? 
_exptl_crystal.colour_primary              ? 
_exptl_crystal.density_meas                ? 
_exptl_crystal.density_meas_esd            ? 
_exptl_crystal.density_meas_gt             ? 
_exptl_crystal.density_meas_lt             ? 
_exptl_crystal.density_meas_temp           ? 
_exptl_crystal.density_meas_temp_esd       ? 
_exptl_crystal.density_meas_temp_gt        ? 
_exptl_crystal.density_meas_temp_lt        ? 
_exptl_crystal.pdbx_crystal_image_url      ? 
_exptl_crystal.pdbx_crystal_image_format   ? 
_exptl_crystal.pdbx_mosaicity              ? 
_exptl_crystal.pdbx_mosaicity_esd          ? 
# 
_exptl_crystal_grow.apparatus       ? 
_exptl_crystal_grow.atmosphere      ? 
_exptl_crystal_grow.crystal_id      1 
_exptl_crystal_grow.details         ? 
_exptl_crystal_grow.method          'VAPOR DIFFUSION, HANGING DROP' 
_exptl_crystal_grow.method_ref      ? 
_exptl_crystal_grow.pH              4.5 
_exptl_crystal_grow.pressure        ? 
_exptl_crystal_grow.pressure_esd    ? 
_exptl_crystal_grow.seeding         ? 
_exptl_crystal_grow.seeding_ref     ? 
_exptl_crystal_grow.temp            293 
_exptl_crystal_grow.temp_details    ? 
_exptl_crystal_grow.temp_esd        ? 
_exptl_crystal_grow.time            ? 
_exptl_crystal_grow.pdbx_details    'PEG3350, AMMONIUM SULPHATE, SODIUM ACETATE.' 
_exptl_crystal_grow.pdbx_pH_range   ? 
# 
_diffrn.ambient_environment    ? 
_diffrn.ambient_temp           100 
_diffrn.ambient_temp_details   ? 
_diffrn.ambient_temp_esd       ? 
_diffrn.crystal_id             1 
_diffrn.crystal_support        ? 
_diffrn.crystal_treatment      ? 
_diffrn.details                ? 
_diffrn.id                     1 
_diffrn.ambient_pressure       ? 
_diffrn.ambient_pressure_esd   ? 
_diffrn.ambient_pressure_gt    ? 
_diffrn.ambient_pressure_lt    ? 
_diffrn.ambient_temp_gt        ? 
_diffrn.ambient_temp_lt        ? 
# 
_diffrn_detector.details                      ? 
_diffrn_detector.detector                     PIXEL 
_diffrn_detector.diffrn_id                    1 
_diffrn_detector.type                         'DECTRIS PILATUS 2M' 
_diffrn_detector.area_resol_mean              ? 
_diffrn_detector.dtime                        ? 
_diffrn_detector.pdbx_frames_total            ? 
_diffrn_detector.pdbx_collection_time_total   ? 
_diffrn_detector.pdbx_collection_date         2012-02-13 
# 
_diffrn_radiation.collimation                      ? 
_diffrn_radiation.diffrn_id                        1 
_diffrn_radiation.filter_edge                      ? 
_diffrn_radiation.inhomogeneity                    ? 
_diffrn_radiation.monochromator                    ? 
_diffrn_radiation.polarisn_norm                    ? 
_diffrn_radiation.polarisn_ratio                   ? 
_diffrn_radiation.probe                            ? 
_diffrn_radiation.type                             ? 
_diffrn_radiation.xray_symbol                      ? 
_diffrn_radiation.wavelength_id                    1 
_diffrn_radiation.pdbx_monochromatic_or_laue_m_l   M 
_diffrn_radiation.pdbx_wavelength_list             ? 
_diffrn_radiation.pdbx_wavelength                  ? 
_diffrn_radiation.pdbx_diffrn_protocol             'SINGLE WAVELENGTH' 
_diffrn_radiation.pdbx_analyzer                    ? 
_diffrn_radiation.pdbx_scattering_type             x-ray 
# 
_diffrn_radiation_wavelength.id           1 
_diffrn_radiation_wavelength.wavelength   0.9173 
_diffrn_radiation_wavelength.wt           1.0 
# 
_diffrn_source.current                     ? 
_diffrn_source.details                     ? 
_diffrn_source.diffrn_id                   1 
_diffrn_source.power                       ? 
_diffrn_source.size                        ? 
_diffrn_source.source                      SYNCHROTRON 
_diffrn_source.target                      ? 
_diffrn_source.type                        'DIAMOND BEAMLINE I04-1' 
_diffrn_source.voltage                     ? 
_diffrn_source.take-off_angle              ? 
_diffrn_source.pdbx_wavelength_list        0.9173 
_diffrn_source.pdbx_wavelength             ? 
_diffrn_source.pdbx_synchrotron_beamline   I04-1 
_diffrn_source.pdbx_synchrotron_site       Diamond 
# 
_reflns.B_iso_Wilson_estimate            39.02 
_reflns.entry_id                         6GUS 
_reflns.data_reduction_details           ? 
_reflns.data_reduction_method            ? 
_reflns.d_resolution_high                1.920 
_reflns.d_resolution_low                 30.751 
_reflns.details                          ? 
_reflns.limit_h_max                      ? 
_reflns.limit_h_min                      ? 
_reflns.limit_k_max                      ? 
_reflns.limit_k_min                      ? 
_reflns.limit_l_max                      ? 
_reflns.limit_l_min                      ? 
_reflns.number_all                       ? 
_reflns.number_obs                       14861 
_reflns.observed_criterion               ? 
_reflns.observed_criterion_F_max         ? 
_reflns.observed_criterion_F_min         ? 
_reflns.observed_criterion_I_max         ? 
_reflns.observed_criterion_I_min         ? 
_reflns.observed_criterion_sigma_F       ? 
_reflns.observed_criterion_sigma_I       ? 
_reflns.percent_possible_obs             98.600 
_reflns.R_free_details                   ? 
_reflns.Rmerge_F_all                     ? 
_reflns.Rmerge_F_obs                     ? 
_reflns.Friedel_coverage                 ? 
_reflns.number_gt                        ? 
_reflns.threshold_expression             ? 
_reflns.pdbx_redundancy                  6.900 
_reflns.pdbx_Rmerge_I_obs                ? 
_reflns.pdbx_Rmerge_I_all                ? 
_reflns.pdbx_Rsym_value                  0.029 
_reflns.pdbx_netI_over_av_sigmaI         13.500 
_reflns.pdbx_netI_over_sigmaI            28.100 
_reflns.pdbx_res_netI_over_av_sigmaI_2   ? 
_reflns.pdbx_res_netI_over_sigmaI_2      ? 
_reflns.pdbx_chi_squared                 ? 
_reflns.pdbx_scaling_rejects             ? 
_reflns.pdbx_d_res_high_opt              ? 
_reflns.pdbx_d_res_low_opt               ? 
_reflns.pdbx_d_res_opt_method            ? 
_reflns.phase_calculation_details        ? 
_reflns.pdbx_Rrim_I_all                  0.034 
_reflns.pdbx_Rpim_I_all                  0.013 
_reflns.pdbx_d_opt                       ? 
_reflns.pdbx_number_measured_all         ? 
_reflns.pdbx_diffrn_id                   1 
_reflns.pdbx_ordinal                     1 
_reflns.pdbx_CC_half                     ? 
_reflns.pdbx_R_split                     ? 
# 
loop_
_reflns_shell.d_res_high 
_reflns_shell.d_res_low 
_reflns_shell.meanI_over_sigI_all 
_reflns_shell.meanI_over_sigI_obs 
_reflns_shell.number_measured_all 
_reflns_shell.number_measured_obs 
_reflns_shell.number_possible 
_reflns_shell.number_unique_all 
_reflns_shell.number_unique_obs 
_reflns_shell.percent_possible_all 
_reflns_shell.percent_possible_obs 
_reflns_shell.Rmerge_F_all 
_reflns_shell.Rmerge_F_obs 
_reflns_shell.Rmerge_I_all 
_reflns_shell.Rmerge_I_obs 
_reflns_shell.meanI_over_sigI_gt 
_reflns_shell.meanI_over_uI_all 
_reflns_shell.meanI_over_uI_gt 
_reflns_shell.number_measured_gt 
_reflns_shell.number_unique_gt 
_reflns_shell.percent_possible_gt 
_reflns_shell.Rmerge_F_gt 
_reflns_shell.Rmerge_I_gt 
_reflns_shell.pdbx_redundancy 
_reflns_shell.pdbx_Rsym_value 
_reflns_shell.pdbx_chi_squared 
_reflns_shell.pdbx_netI_over_sigmaI_all 
_reflns_shell.pdbx_netI_over_sigmaI_obs 
_reflns_shell.pdbx_Rrim_I_all 
_reflns_shell.pdbx_Rpim_I_all 
_reflns_shell.pdbx_rejects 
_reflns_shell.pdbx_ordinal 
_reflns_shell.pdbx_diffrn_id 
_reflns_shell.pdbx_CC_half 
_reflns_shell.pdbx_R_split 
1.920 1.970  ? 1.700  ? ? ? ? 1084 97.600  ? ? ? ? 0.466 ? ? ? ? ? ? ? ? 7.200 0.466 ? ? ? 0.545 0.201 ? 1  1 ? ? 
1.970 2.020  ? 2.400  ? ? ? ? 1078 99.200  ? ? ? ? 0.323 ? ? ? ? ? ? ? ? 7.200 0.323 ? ? ? 0.378 0.140 ? 2  1 ? ? 
2.020 2.080  ? 3.200  ? ? ? ? 1047 98.900  ? ? ? ? 0.246 ? ? ? ? ? ? ? ? 7.100 0.246 ? ? ? 0.294 0.109 ? 3  1 ? ? 
2.080 2.150  ? 4.200  ? ? ? ? 996  98.800  ? ? ? ? 0.183 ? ? ? ? ? ? ? ? 7.100 0.183 ? ? ? 0.216 0.080 ? 4  1 ? ? 
2.150 2.220  ? 5.200  ? ? ? ? 999  99.400  ? ? ? ? 0.149 ? ? ? ? ? ? ? ? 7.000 0.149 ? ? ? 0.177 0.066 ? 5  1 ? ? 
2.220 2.300  ? 6.400  ? ? ? ? 949  99.400  ? ? ? ? 0.119 ? ? ? ? ? ? ? ? 6.800 0.119 ? ? ? 0.140 0.053 ? 6  1 ? ? 
2.300 2.380  ? 7.300  ? ? ? ? 920  99.100  ? ? ? ? 0.104 ? ? ? ? ? ? ? ? 6.700 0.104 ? ? ? 0.124 0.048 ? 7  1 ? ? 
2.380 2.480  ? 8.700  ? ? ? ? 872  97.800  ? ? ? ? 0.087 ? ? ? ? ? ? ? ? 6.200 0.087 ? ? ? 0.105 0.042 ? 8  1 ? ? 
2.480 2.590  ? 12.100 ? ? ? ? 778  93.900  ? ? ? ? 0.060 ? ? ? ? ? ? ? ? 6.700 0.060 ? ? ? 0.074 0.028 ? 9  1 ? ? 
2.590 2.720  ? 14.400 ? ? ? ? 820  99.800  ? ? ? ? 0.049 ? ? ? ? ? ? ? ? 7.200 0.049 ? ? ? 0.059 0.022 ? 10 1 ? ? 
2.720 2.860  ? 17.700 ? ? ? ? 778  99.600  ? ? ? ? 0.040 ? ? ? ? ? ? ? ? 7.200 0.040 ? ? ? 0.048 0.018 ? 11 1 ? ? 
2.860 3.040  ? 20.400 ? ? ? ? 737  99.200  ? ? ? ? 0.033 ? ? ? ? ? ? ? ? 7.100 0.033 ? ? ? 0.039 0.014 ? 12 1 ? ? 
3.040 3.250  ? 24.100 ? ? ? ? 683  100.000 ? ? ? ? 0.027 ? ? ? ? ? ? ? ? 7.100 0.027 ? ? ? 0.032 0.012 ? 13 1 ? ? 
3.250 3.510  ? 23.900 ? ? ? ? 654  100.000 ? ? ? ? 0.024 ? ? ? ? ? ? ? ? 6.900 0.024 ? ? ? 0.029 0.011 ? 14 1 ? ? 
3.510 3.840  ? 27.700 ? ? ? ? 595  100.000 ? ? ? ? 0.023 ? ? ? ? ? ? ? ? 6.700 0.023 ? ? ? 0.027 0.010 ? 15 1 ? ? 
3.840 4.290  ? 27.300 ? ? ? ? 542  99.800  ? ? ? ? 0.021 ? ? ? ? ? ? ? ? 6.400 0.021 ? ? ? 0.024 0.009 ? 16 1 ? ? 
4.290 4.960  ? 31.400 ? ? ? ? 437  91.900  ? ? ? ? 0.018 ? ? ? ? ? ? ? ? 6.200 0.018 ? ? ? 0.022 0.009 ? 17 1 ? ? 
4.960 6.070  ? 28.000 ? ? ? ? 403  99.700  ? ? ? ? 0.020 ? ? ? ? ? ? ? ? 7.300 0.020 ? ? ? 0.023 0.008 ? 18 1 ? ? 
6.070 8.590  ? 26.900 ? ? ? ? 315  100.000 ? ? ? ? 0.021 ? ? ? ? ? ? ? ? 7.300 0.021 ? ? ? 0.025 0.009 ? 19 1 ? ? 
8.590 30.751 ? 24.900 ? ? ? ? 174  95.900  ? ? ? ? 0.022 ? ? ? ? ? ? ? ? 6.900 0.022 ? ? ? 0.027 0.010 ? 20 1 ? ? 
# 
_refine.aniso_B[1][1]                            -2.5200 
_refine.aniso_B[1][2]                            0.0000 
_refine.aniso_B[1][3]                            0.0000 
_refine.aniso_B[2][2]                            -2.5200 
_refine.aniso_B[2][3]                            0.0000 
_refine.aniso_B[3][3]                            5.0300 
_refine.B_iso_max                                164.240 
_refine.B_iso_mean                               58.1600 
_refine.B_iso_min                                30.350 
_refine.correlation_coeff_Fo_to_Fc               0.9710 
_refine.correlation_coeff_Fo_to_Fc_free          0.9430 
_refine.details                                  
'HYDROGENS HAVE BEEN ADDED IN THE RIDING POSITIONS U VALUES      : REFINED INDIVIDUALLY' 
_refine.diff_density_max                         ? 
_refine.diff_density_max_esd                     ? 
_refine.diff_density_min                         ? 
_refine.diff_density_min_esd                     ? 
_refine.diff_density_rms                         ? 
_refine.diff_density_rms_esd                     ? 
_refine.entry_id                                 6GUS 
_refine.pdbx_refine_id                           'X-RAY DIFFRACTION' 
_refine.ls_abs_structure_details                 ? 
_refine.ls_abs_structure_Flack                   ? 
_refine.ls_abs_structure_Flack_esd               ? 
_refine.ls_abs_structure_Rogers                  ? 
_refine.ls_abs_structure_Rogers_esd              ? 
_refine.ls_d_res_high                            1.9200 
_refine.ls_d_res_low                             20.0000 
_refine.ls_extinction_coef                       ? 
_refine.ls_extinction_coef_esd                   ? 
_refine.ls_extinction_expression                 ? 
_refine.ls_extinction_method                     ? 
_refine.ls_goodness_of_fit_all                   ? 
_refine.ls_goodness_of_fit_all_esd               ? 
_refine.ls_goodness_of_fit_obs                   ? 
_refine.ls_goodness_of_fit_obs_esd               ? 
_refine.ls_hydrogen_treatment                    ? 
_refine.ls_matrix_type                           ? 
_refine.ls_number_constraints                    ? 
_refine.ls_number_parameters                     ? 
_refine.ls_number_reflns_all                     ? 
_refine.ls_number_reflns_obs                     14093 
_refine.ls_number_reflns_R_free                  754 
_refine.ls_number_reflns_R_work                  ? 
_refine.ls_number_restraints                     ? 
_refine.ls_percent_reflns_obs                    98.4000 
_refine.ls_percent_reflns_R_free                 5.1000 
_refine.ls_R_factor_all                          ? 
_refine.ls_R_factor_obs                          0.1872 
_refine.ls_R_factor_R_free                       0.2444 
_refine.ls_R_factor_R_free_error                 ? 
_refine.ls_R_factor_R_free_error_details         ? 
_refine.ls_R_factor_R_work                       0.1847 
_refine.ls_R_Fsqd_factor_obs                     ? 
_refine.ls_R_I_factor_obs                        ? 
_refine.ls_redundancy_reflns_all                 ? 
_refine.ls_redundancy_reflns_obs                 ? 
_refine.ls_restrained_S_all                      ? 
_refine.ls_restrained_S_obs                      ? 
_refine.ls_shift_over_esd_max                    ? 
_refine.ls_shift_over_esd_mean                   ? 
_refine.ls_structure_factor_coef                 ? 
_refine.ls_weighting_details                     ? 
_refine.ls_weighting_scheme                      ? 
_refine.ls_wR_factor_all                         ? 
_refine.ls_wR_factor_obs                         ? 
_refine.ls_wR_factor_R_free                      ? 
_refine.ls_wR_factor_R_work                      ? 
_refine.occupancy_max                            ? 
_refine.occupancy_min                            ? 
_refine.solvent_model_details                    ? 
_refine.solvent_model_param_bsol                 ? 
_refine.solvent_model_param_ksol                 ? 
_refine.ls_R_factor_gt                           ? 
_refine.ls_goodness_of_fit_gt                    ? 
_refine.ls_goodness_of_fit_ref                   ? 
_refine.ls_shift_over_su_max                     ? 
_refine.ls_shift_over_su_max_lt                  ? 
_refine.ls_shift_over_su_mean                    ? 
_refine.ls_shift_over_su_mean_lt                 ? 
_refine.pdbx_ls_sigma_I                          ? 
_refine.pdbx_ls_sigma_F                          0.000 
_refine.pdbx_ls_sigma_Fsqd                       ? 
_refine.pdbx_data_cutoff_high_absF               ? 
_refine.pdbx_data_cutoff_high_rms_absF           ? 
_refine.pdbx_data_cutoff_low_absF                ? 
_refine.pdbx_isotropic_thermal_model             ? 
_refine.pdbx_ls_cross_valid_method               THROUGHOUT 
_refine.pdbx_method_to_determine_struct          MIR 
_refine.pdbx_starting_model                      ? 
_refine.pdbx_stereochemistry_target_values       ? 
_refine.pdbx_R_Free_selection_details            RANDOM 
_refine.pdbx_stereochem_target_val_spec_case     ? 
_refine.pdbx_overall_ESU_R                       0.1390 
_refine.pdbx_overall_ESU_R_Free                  0.1460 
_refine.pdbx_solvent_vdw_probe_radii             1.2000 
_refine.pdbx_solvent_ion_probe_radii             0.8000 
_refine.pdbx_solvent_shrinkage_radii             0.8000 
_refine.pdbx_real_space_R                        ? 
_refine.pdbx_density_correlation                 ? 
_refine.pdbx_pd_number_of_powder_patterns        ? 
_refine.pdbx_pd_number_of_points                 ? 
_refine.pdbx_pd_meas_number_of_points            ? 
_refine.pdbx_pd_proc_ls_prof_R_factor            ? 
_refine.pdbx_pd_proc_ls_prof_wR_factor           ? 
_refine.pdbx_pd_Marquardt_correlation_coeff      ? 
_refine.pdbx_pd_Fsqrd_R_factor                   ? 
_refine.pdbx_pd_ls_matrix_band_width             ? 
_refine.pdbx_overall_phase_error                 ? 
_refine.pdbx_overall_SU_R_free_Cruickshank_DPI   ? 
_refine.pdbx_overall_SU_R_free_Blow_DPI          ? 
_refine.pdbx_overall_SU_R_Blow_DPI               ? 
_refine.pdbx_TLS_residual_ADP_flag               ? 
_refine.pdbx_diffrn_id                           1 
_refine.overall_SU_B                             4.0850 
_refine.overall_SU_ML                            0.1150 
_refine.overall_SU_R_Cruickshank_DPI             0.1436 
_refine.overall_SU_R_free                        ? 
_refine.overall_FOM_free_R_set                   ? 
_refine.overall_FOM_work_R_set                   ? 
_refine.pdbx_average_fsc_overall                 ? 
_refine.pdbx_average_fsc_work                    ? 
_refine.pdbx_average_fsc_free                    ? 
# 
_refine_hist.cycle_id                         final 
_refine_hist.pdbx_refine_id                   'X-RAY DIFFRACTION' 
_refine_hist.d_res_high                       1.9200 
_refine_hist.d_res_low                        20.0000 
_refine_hist.pdbx_number_atoms_ligand         18 
_refine_hist.number_atoms_solvent             100 
_refine_hist.number_atoms_total               1300 
_refine_hist.pdbx_number_residues_total       147 
_refine_hist.pdbx_B_iso_mean_ligand           73.18 
_refine_hist.pdbx_B_iso_mean_solvent          61.67 
_refine_hist.pdbx_number_atoms_protein        1182 
_refine_hist.pdbx_number_atoms_nucleic_acid   0 
# 
loop_
_refine_ls_restr.pdbx_refine_id 
_refine_ls_restr.criterion 
_refine_ls_restr.dev_ideal 
_refine_ls_restr.dev_ideal_target 
_refine_ls_restr.number 
_refine_ls_restr.rejects 
_refine_ls_restr.type 
_refine_ls_restr.weight 
_refine_ls_restr.pdbx_restraint_function 
'X-RAY DIFFRACTION' ? 0.009  0.019  1234 ? r_bond_refined_d       ? ? 
'X-RAY DIFFRACTION' ? 0.001  0.020  1132 ? r_bond_other_d         ? ? 
'X-RAY DIFFRACTION' ? 1.368  1.947  1682 ? r_angle_refined_deg    ? ? 
'X-RAY DIFFRACTION' ? 0.748  3.000  2592 ? r_angle_other_deg      ? ? 
'X-RAY DIFFRACTION' ? 4.945  5.000  148  ? r_dihedral_angle_1_deg ? ? 
'X-RAY DIFFRACTION' ? 33.882 24.286 63   ? r_dihedral_angle_2_deg ? ? 
'X-RAY DIFFRACTION' ? 12.842 15.000 190  ? r_dihedral_angle_3_deg ? ? 
'X-RAY DIFFRACTION' ? 9.006  15.000 7    ? r_dihedral_angle_4_deg ? ? 
'X-RAY DIFFRACTION' ? 0.088  0.200  184  ? r_chiral_restr         ? ? 
'X-RAY DIFFRACTION' ? 0.006  0.021  1414 ? r_gen_planes_refined   ? ? 
'X-RAY DIFFRACTION' ? 0.001  0.020  299  ? r_gen_planes_other     ? ? 
# 
_refine_ls_shell.pdbx_refine_id                   'X-RAY DIFFRACTION' 
_refine_ls_shell.d_res_high                       1.9200 
_refine_ls_shell.d_res_low                        1.9700 
_refine_ls_shell.number_reflns_all                1074 
_refine_ls_shell.number_reflns_obs                ? 
_refine_ls_shell.number_reflns_R_free             62 
_refine_ls_shell.number_reflns_R_work             1012 
_refine_ls_shell.percent_reflns_obs               97.6400 
_refine_ls_shell.percent_reflns_R_free            ? 
_refine_ls_shell.R_factor_all                     ? 
_refine_ls_shell.R_factor_obs                     ? 
_refine_ls_shell.R_factor_R_free                  0.2850 
_refine_ls_shell.R_factor_R_free_error            0.0000 
_refine_ls_shell.R_factor_R_work                  0.3140 
_refine_ls_shell.redundancy_reflns_all            ? 
_refine_ls_shell.redundancy_reflns_obs            ? 
_refine_ls_shell.wR_factor_all                    ? 
_refine_ls_shell.wR_factor_obs                    ? 
_refine_ls_shell.wR_factor_R_free                 ? 
_refine_ls_shell.wR_factor_R_work                 ? 
_refine_ls_shell.pdbx_total_number_of_bins_used   20 
_refine_ls_shell.pdbx_phase_error                 ? 
_refine_ls_shell.pdbx_fsc_work                    ? 
_refine_ls_shell.pdbx_fsc_free                    ? 
# 
_struct.entry_id                     6GUS 
_struct.title                        'CRYSTAL STRUCTURE OF PROTEIN E FROM NON-TYPEABLE HAEMOPHILUS INFLUENZAE' 
_struct.pdbx_model_details           ? 
_struct.pdbx_formula_weight          ? 
_struct.pdbx_formula_weight_method   ? 
_struct.pdbx_model_type_details      ? 
_struct.pdbx_CASP_flag               N 
# 
_struct_keywords.entry_id        6GUS 
_struct_keywords.text            'BACTERIAL PROTEIN, SURFACE ADHESIN, PROT-E, SURFACE LIPOPROTEIN., ADHESIN, CELL ADHESION' 
_struct_keywords.pdbx_keywords   'CELL ADHESION' 
# 
loop_
_struct_asym.id 
_struct_asym.pdbx_blank_PDB_chainid_flag 
_struct_asym.pdbx_modified 
_struct_asym.entity_id 
_struct_asym.details 
A N N 1 ? 
B N N 2 ? 
C N N 3 ? 
D N N 3 ? 
E N N 4 ? 
F N N 5 ? 
# 
_struct_ref.id                         1 
_struct_ref.db_name                    UNP 
_struct_ref.db_code                    S5ZIQ9_HAEIF 
_struct_ref.pdbx_db_accession          S5ZIQ9 
_struct_ref.pdbx_db_isoform            ? 
_struct_ref.entity_id                  1 
_struct_ref.pdbx_seq_one_letter_code   
;QNDVKLAPPTDVRSGYIRLVKNVNYYIDSESIWVDNQEPQIVHFDAVVNLDKGLYVYPEPKRYARSVRQYKILNCANYHL
TQVRTDFYDEFWGQGLRAAPKKQKKHTLSLTPDTTLYNAAQIICANYGEAFSVDKK
;
_struct_ref.pdbx_align_begin           25 
# 
_struct_ref_seq.align_id                      1 
_struct_ref_seq.ref_id                        1 
_struct_ref_seq.pdbx_PDB_id_code              6GUS 
_struct_ref_seq.pdbx_strand_id                A 
_struct_ref_seq.seq_align_beg                 7 
_struct_ref_seq.pdbx_seq_align_beg_ins_code   ? 
_struct_ref_seq.seq_align_end                 142 
_struct_ref_seq.pdbx_seq_align_end_ins_code   ? 
_struct_ref_seq.pdbx_db_accession             S5ZIQ9 
_struct_ref_seq.db_align_beg                  25 
_struct_ref_seq.pdbx_db_align_beg_ins_code    ? 
_struct_ref_seq.db_align_end                  160 
_struct_ref_seq.pdbx_db_align_end_ins_code    ? 
_struct_ref_seq.pdbx_auth_seq_align_beg       25 
_struct_ref_seq.pdbx_auth_seq_align_end       160 
# 
loop_
_struct_ref_seq_dif.align_id 
_struct_ref_seq_dif.pdbx_pdb_id_code 
_struct_ref_seq_dif.mon_id 
_struct_ref_seq_dif.pdbx_pdb_strand_id 
_struct_ref_seq_dif.seq_num 
_struct_ref_seq_dif.pdbx_pdb_ins_code 
_struct_ref_seq_dif.pdbx_seq_db_name 
_struct_ref_seq_dif.pdbx_seq_db_accession_code 
_struct_ref_seq_dif.db_mon_id 
_struct_ref_seq_dif.pdbx_seq_db_seq_num 
_struct_ref_seq_dif.details 
_struct_ref_seq_dif.pdbx_auth_seq_num 
_struct_ref_seq_dif.pdbx_ordinal 
1 6GUS GLN A 1   ? UNP S5ZIQ9 ? ? 'expression tag' 19  1  
1 6GUS ILE A 2   ? UNP S5ZIQ9 ? ? 'expression tag' 20  2  
1 6GUS GLN A 3   ? UNP S5ZIQ9 ? ? 'expression tag' 21  3  
1 6GUS LYS A 4   ? UNP S5ZIQ9 ? ? 'expression tag' 22  4  
1 6GUS ALA A 5   ? UNP S5ZIQ9 ? ? 'expression tag' 23  5  
1 6GUS GLU A 6   ? UNP S5ZIQ9 ? ? 'expression tag' 24  6  
1 6GUS LYS A 143 ? UNP S5ZIQ9 ? ? 'expression tag' 161 7  
1 6GUS LEU A 144 ? UNP S5ZIQ9 ? ? 'expression tag' 162 8  
1 6GUS ALA A 145 ? UNP S5ZIQ9 ? ? 'expression tag' 163 9  
1 6GUS ALA A 146 ? UNP S5ZIQ9 ? ? 'expression tag' 164 10 
1 6GUS ALA A 147 ? UNP S5ZIQ9 ? ? 'expression tag' 165 11 
1 6GUS LEU A 148 ? UNP S5ZIQ9 ? ? 'expression tag' 166 12 
1 6GUS GLU A 149 ? UNP S5ZIQ9 ? ? 'expression tag' 167 13 
1 6GUS HIS A 150 ? UNP S5ZIQ9 ? ? 'expression tag' 168 14 
1 6GUS HIS A 151 ? UNP S5ZIQ9 ? ? 'expression tag' 169 15 
1 6GUS HIS A 152 ? UNP S5ZIQ9 ? ? 'expression tag' 170 16 
1 6GUS HIS A 153 ? UNP S5ZIQ9 ? ? 'expression tag' 171 17 
1 6GUS HIS A 154 ? UNP S5ZIQ9 ? ? 'expression tag' 172 18 
1 6GUS HIS A 155 ? UNP S5ZIQ9 ? ? 'expression tag' 173 19 
# 
_pdbx_struct_assembly.id                   1 
_pdbx_struct_assembly.details              software_defined_assembly 
_pdbx_struct_assembly.method_details       PISA 
_pdbx_struct_assembly.oligomeric_details   monomeric 
_pdbx_struct_assembly.oligomeric_count     1 
# 
loop_
_pdbx_struct_assembly_prop.biol_id 
_pdbx_struct_assembly_prop.type 
_pdbx_struct_assembly_prop.value 
_pdbx_struct_assembly_prop.details 
1 'ABSA (A^2)' 570  ? 
1 MORE         -17  ? 
1 'SSA (A^2)'  8750 ? 
# 
_pdbx_struct_assembly_gen.assembly_id       1 
_pdbx_struct_assembly_gen.oper_expression   1 
_pdbx_struct_assembly_gen.asym_id_list      A,B,C,D,E,F 
# 
_pdbx_struct_assembly_auth_evidence.id                     1 
_pdbx_struct_assembly_auth_evidence.assembly_id            1 
_pdbx_struct_assembly_auth_evidence.experimental_support   'gel filtration' 
_pdbx_struct_assembly_auth_evidence.details                ? 
# 
_pdbx_struct_oper_list.id                   1 
_pdbx_struct_oper_list.type                 'identity operation' 
_pdbx_struct_oper_list.name                 1_555 
_pdbx_struct_oper_list.symmetry_operation   x,y,z 
_pdbx_struct_oper_list.matrix[1][1]         1.0000000000 
_pdbx_struct_oper_list.matrix[1][2]         0.0000000000 
_pdbx_struct_oper_list.matrix[1][3]         0.0000000000 
_pdbx_struct_oper_list.vector[1]            0.0000000000 
_pdbx_struct_oper_list.matrix[2][1]         0.0000000000 
_pdbx_struct_oper_list.matrix[2][2]         1.0000000000 
_pdbx_struct_oper_list.matrix[2][3]         0.0000000000 
_pdbx_struct_oper_list.vector[2]            0.0000000000 
_pdbx_struct_oper_list.matrix[3][1]         0.0000000000 
_pdbx_struct_oper_list.matrix[3][2]         0.0000000000 
_pdbx_struct_oper_list.matrix[3][3]         1.0000000000 
_pdbx_struct_oper_list.vector[3]            0.0000000000 
# 
loop_
_struct_conf.conf_type_id 
_struct_conf.id 
_struct_conf.pdbx_PDB_helix_id 
_struct_conf.beg_label_comp_id 
_struct_conf.beg_label_asym_id 
_struct_conf.beg_label_seq_id 
_struct_conf.pdbx_beg_PDB_ins_code 
_struct_conf.end_label_comp_id 
_struct_conf.end_label_asym_id 
_struct_conf.end_label_seq_id 
_struct_conf.pdbx_end_PDB_ins_code 
_struct_conf.beg_auth_comp_id 
_struct_conf.beg_auth_asym_id 
_struct_conf.beg_auth_seq_id 
_struct_conf.end_auth_comp_id 
_struct_conf.end_auth_asym_id 
_struct_conf.end_auth_seq_id 
_struct_conf.pdbx_PDB_helix_class 
_struct_conf.details 
_struct_conf.pdbx_PDB_helix_length 
HELX_P HELX_P1 AA1 GLU A 36  ? ILE A 38  ? GLU A 54  ILE A 56  5 ? 3  
HELX_P HELX_P2 AA2 GLU A 96  ? GLN A 100 ? GLU A 114 GLN A 118 5 ? 5  
HELX_P HELX_P3 AA3 LEU A 122 ? GLU A 135 ? LEU A 140 GLU A 153 1 ? 14 
HELX_P HELX_P4 AA4 ASP A 140 ? HIS A 152 ? ASP A 158 HIS A 170 1 ? 13 
# 
_struct_conf_type.id          HELX_P 
_struct_conf_type.criteria    ? 
_struct_conf_type.reference   ? 
# 
_struct_conn.id                            disulf1 
_struct_conn.conn_type_id                  disulf 
_struct_conn.pdbx_leaving_atom_flag        ? 
_struct_conn.pdbx_PDB_id                   ? 
_struct_conn.ptnr1_label_asym_id           A 
_struct_conn.ptnr1_label_comp_id           CYS 
_struct_conn.ptnr1_label_seq_id            81 
_struct_conn.ptnr1_label_atom_id           SG 
_struct_conn.pdbx_ptnr1_label_alt_id       ? 
_struct_conn.pdbx_ptnr1_PDB_ins_code       ? 
_struct_conn.pdbx_ptnr1_standard_comp_id   ? 
_struct_conn.ptnr1_symmetry                1_555 
_struct_conn.ptnr2_label_asym_id           A 
_struct_conn.ptnr2_label_comp_id           CYS 
_struct_conn.ptnr2_label_seq_id            130 
_struct_conn.ptnr2_label_atom_id           SG 
_struct_conn.pdbx_ptnr2_label_alt_id       ? 
_struct_conn.pdbx_ptnr2_PDB_ins_code       ? 
_struct_conn.ptnr1_auth_asym_id            A 
_struct_conn.ptnr1_auth_comp_id            CYS 
_struct_conn.ptnr1_auth_seq_id             99 
_struct_conn.ptnr2_auth_asym_id            A 
_struct_conn.ptnr2_auth_comp_id            CYS 
_struct_conn.ptnr2_auth_seq_id             148 
_struct_conn.ptnr2_symmetry                1_555 
_struct_conn.pdbx_ptnr3_label_atom_id      ? 
_struct_conn.pdbx_ptnr3_label_seq_id       ? 
_struct_conn.pdbx_ptnr3_label_comp_id      ? 
_struct_conn.pdbx_ptnr3_label_asym_id      ? 
_struct_conn.pdbx_ptnr3_label_alt_id       ? 
_struct_conn.pdbx_ptnr3_PDB_ins_code       ? 
_struct_conn.details                       ? 
_struct_conn.pdbx_dist_value               2.063 
_struct_conn.pdbx_value_order              ? 
_struct_conn.pdbx_role                     ? 
# 
_struct_conn_type.id          disulf 
_struct_conn_type.criteria    ? 
_struct_conn_type.reference   ? 
# 
_pdbx_modification_feature.ordinal                            1 
_pdbx_modification_feature.label_comp_id                      CYS 
_pdbx_modification_feature.label_asym_id                      A 
_pdbx_modification_feature.label_seq_id                       81 
_pdbx_modification_feature.label_alt_id                       ? 
_pdbx_modification_feature.modified_residue_label_comp_id     CYS 
_pdbx_modification_feature.modified_residue_label_asym_id     A 
_pdbx_modification_feature.modified_residue_label_seq_id      130 
_pdbx_modification_feature.modified_residue_label_alt_id      ? 
_pdbx_modification_feature.auth_comp_id                       CYS 
_pdbx_modification_feature.auth_asym_id                       A 
_pdbx_modification_feature.auth_seq_id                        99 
_pdbx_modification_feature.PDB_ins_code                       ? 
_pdbx_modification_feature.symmetry                           1_555 
_pdbx_modification_feature.modified_residue_auth_comp_id      CYS 
_pdbx_modification_feature.modified_residue_auth_asym_id      A 
_pdbx_modification_feature.modified_residue_auth_seq_id       148 
_pdbx_modification_feature.modified_residue_PDB_ins_code      ? 
_pdbx_modification_feature.modified_residue_symmetry          1_555 
_pdbx_modification_feature.comp_id_linking_atom               SG 
_pdbx_modification_feature.modified_residue_id_linking_atom   SG 
_pdbx_modification_feature.modified_residue_id                . 
_pdbx_modification_feature.ref_pcm_id                         . 
_pdbx_modification_feature.ref_comp_id                        . 
_pdbx_modification_feature.type                               None 
_pdbx_modification_feature.category                           'Disulfide bridge' 
# 
loop_
_struct_sheet.id 
_struct_sheet.type 
_struct_sheet.number_strands 
_struct_sheet.details 
AA1 ? 6 ? 
AA2 ? 5 ? 
# 
loop_
_struct_sheet_order.sheet_id 
_struct_sheet_order.range_id_1 
_struct_sheet_order.range_id_2 
_struct_sheet_order.offset 
_struct_sheet_order.sense 
AA1 1 2 ? anti-parallel 
AA1 2 3 ? anti-parallel 
AA1 3 4 ? anti-parallel 
AA1 4 5 ? anti-parallel 
AA1 5 6 ? anti-parallel 
AA2 1 2 ? anti-parallel 
AA2 2 3 ? anti-parallel 
AA2 3 4 ? anti-parallel 
AA2 4 5 ? anti-parallel 
# 
loop_
_struct_sheet_range.sheet_id 
_struct_sheet_range.id 
_struct_sheet_range.beg_label_comp_id 
_struct_sheet_range.beg_label_asym_id 
_struct_sheet_range.beg_label_seq_id 
_struct_sheet_range.pdbx_beg_PDB_ins_code 
_struct_sheet_range.end_label_comp_id 
_struct_sheet_range.end_label_asym_id 
_struct_sheet_range.end_label_seq_id 
_struct_sheet_range.pdbx_end_PDB_ins_code 
_struct_sheet_range.beg_auth_comp_id 
_struct_sheet_range.beg_auth_asym_id 
_struct_sheet_range.beg_auth_seq_id 
_struct_sheet_range.end_auth_comp_id 
_struct_sheet_range.end_auth_asym_id 
_struct_sheet_range.end_auth_seq_id 
AA1 1 TYR A 22  ? ARG A 24  ? TYR A 40  ARG A 42  
AA1 2 TYR A 31  ? ASP A 34  ? TYR A 49  ASP A 52  
AA1 3 ILE A 47  ? LEU A 60  ? ILE A 65  LEU A 78  
AA1 4 ALA A 70  ? ASN A 80  ? ALA A 88  ASN A 98  
AA1 5 HIS A 85  ? TYR A 94  ? HIS A 103 TYR A 112 
AA1 6 ARG A 103 ? ALA A 104 ? ARG A 121 ALA A 122 
AA2 1 TRP A 39  ? VAL A 40  ? TRP A 57  VAL A 58  
AA2 2 ILE A 47  ? LEU A 60  ? ILE A 65  LEU A 78  
AA2 3 ALA A 70  ? ASN A 80  ? ALA A 88  ASN A 98  
AA2 4 HIS A 85  ? TYR A 94  ? HIS A 103 TYR A 112 
AA2 5 HIS A 112 ? SER A 115 ? HIS A 130 SER A 133 
# 
loop_
_pdbx_struct_sheet_hbond.sheet_id 
_pdbx_struct_sheet_hbond.range_id_1 
_pdbx_struct_sheet_hbond.range_id_2 
_pdbx_struct_sheet_hbond.range_1_label_atom_id 
_pdbx_struct_sheet_hbond.range_1_label_comp_id 
_pdbx_struct_sheet_hbond.range_1_label_asym_id 
_pdbx_struct_sheet_hbond.range_1_label_seq_id 
_pdbx_struct_sheet_hbond.range_1_PDB_ins_code 
_pdbx_struct_sheet_hbond.range_1_auth_atom_id 
_pdbx_struct_sheet_hbond.range_1_auth_comp_id 
_pdbx_struct_sheet_hbond.range_1_auth_asym_id 
_pdbx_struct_sheet_hbond.range_1_auth_seq_id 
_pdbx_struct_sheet_hbond.range_2_label_atom_id 
_pdbx_struct_sheet_hbond.range_2_label_comp_id 
_pdbx_struct_sheet_hbond.range_2_label_asym_id 
_pdbx_struct_sheet_hbond.range_2_label_seq_id 
_pdbx_struct_sheet_hbond.range_2_PDB_ins_code 
_pdbx_struct_sheet_hbond.range_2_auth_atom_id 
_pdbx_struct_sheet_hbond.range_2_auth_comp_id 
_pdbx_struct_sheet_hbond.range_2_auth_asym_id 
_pdbx_struct_sheet_hbond.range_2_auth_seq_id 
AA1 1 2 N ILE A 23 ? N ILE A 41  O ILE A 33  ? O ILE A 51  
AA1 2 3 N TYR A 32 ? N TYR A 50  O VAL A 53  ? O VAL A 71  
AA1 3 4 N VAL A 48 ? N VAL A 66  O LEU A 79  ? O LEU A 97  
AA1 4 5 N ARG A 74 ? N ARG A 92  O ASP A 92  ? O ASP A 110 
AA1 5 6 N PHE A 93 ? N PHE A 111 O ALA A 104 ? O ALA A 122 
AA2 1 2 N TRP A 39 ? N TRP A 57  O HIS A 49  ? O HIS A 67  
AA2 2 3 N VAL A 48 ? N VAL A 66  O LEU A 79  ? O LEU A 97  
AA2 3 4 N ARG A 74 ? N ARG A 92  O ASP A 92  ? O ASP A 110 
AA2 4 5 N LEU A 86 ? N LEU A 104 O LEU A 114 ? O LEU A 132 
# 
loop_
_struct_site.id 
_struct_site.pdbx_evidence_code 
_struct_site.pdbx_auth_asym_id 
_struct_site.pdbx_auth_comp_id 
_struct_site.pdbx_auth_seq_id 
_struct_site.pdbx_auth_ins_code 
_struct_site.pdbx_num_residues 
_struct_site.details 
AC1 Software A SO4 201 ? 3 'binding site for residue SO4 A 201' 
AC2 Software A GOL 202 ? 3 'binding site for residue GOL A 202' 
AC3 Software A GOL 203 ? 3 'binding site for residue GOL A 203' 
AC4 Software A CL  204 ? 2 'binding site for residue CL A 204'  
# 
loop_
_struct_site_gen.id 
_struct_site_gen.site_id 
_struct_site_gen.pdbx_num_res 
_struct_site_gen.label_comp_id 
_struct_site_gen.label_asym_id 
_struct_site_gen.label_seq_id 
_struct_site_gen.pdbx_auth_ins_code 
_struct_site_gen.auth_comp_id 
_struct_site_gen.auth_asym_id 
_struct_site_gen.auth_seq_id 
_struct_site_gen.label_atom_id 
_struct_site_gen.label_alt_id 
_struct_site_gen.symmetry 
_struct_site_gen.details 
1  AC1 3 ASN A 80  ? ASN A 98  . ? 1_555 ? 
2  AC1 3 ASN A 83  ? ASN A 101 . ? 1_555 ? 
3  AC1 3 HIS A 85  ? HIS A 103 . ? 1_555 ? 
4  AC2 3 ARG A 19  ? ARG A 37  . ? 6_655 ? 
5  AC2 3 TRP A 98  ? TRP A 116 . ? 6_655 ? 
6  AC2 3 HOH F .   ? HOH A 348 . ? 1_555 ? 
7  AC3 3 ARG A 24  ? ARG A 42  . ? 1_555 ? 
8  AC3 3 HIS A 152 ? HIS A 170 . ? 1_555 ? 
9  AC3 3 HOH F .   ? HOH A 314 . ? 1_555 ? 
10 AC4 2 SER A 20  ? SER A 38  . ? 1_555 ? 
11 AC4 2 LYS A 141 ? LYS A 159 . ? 6_655 ? 
# 
_pdbx_entry_details.entry_id                   6GUS 
_pdbx_entry_details.compound_details           ? 
_pdbx_entry_details.source_details             ? 
_pdbx_entry_details.nonpolymer_details         ? 
_pdbx_entry_details.sequence_details           ? 
_pdbx_entry_details.has_ligand_of_interest     ? 
_pdbx_entry_details.has_protein_modification   Y 
# 
loop_
_pdbx_validate_torsion.id 
_pdbx_validate_torsion.PDB_model_num 
_pdbx_validate_torsion.auth_comp_id 
_pdbx_validate_torsion.auth_asym_id 
_pdbx_validate_torsion.auth_seq_id 
_pdbx_validate_torsion.PDB_ins_code 
_pdbx_validate_torsion.label_alt_id 
_pdbx_validate_torsion.phi 
_pdbx_validate_torsion.psi 
1 1 ALA A 31  ? ? -108.11 75.27  
2 1 GLN A 64  ? ? 72.09   -7.13  
3 1 LYS A 126 ? ? 35.08   90.47  
4 1 PRO A 136 ? ? -49.98  -16.71 
5 1 THR A 139 ? ? -56.37  -70.32 
6 1 ALA A 154 ? ? -144.06 -5.73  
# 
loop_
_pdbx_struct_special_symmetry.id 
_pdbx_struct_special_symmetry.PDB_model_num 
_pdbx_struct_special_symmetry.auth_asym_id 
_pdbx_struct_special_symmetry.auth_comp_id 
_pdbx_struct_special_symmetry.auth_seq_id 
_pdbx_struct_special_symmetry.PDB_ins_code 
_pdbx_struct_special_symmetry.label_asym_id 
_pdbx_struct_special_symmetry.label_comp_id 
_pdbx_struct_special_symmetry.label_seq_id 
1 1 A HOH 377 ? F HOH . 
2 1 A HOH 383 ? F HOH . 
# 
loop_
_pdbx_unobs_or_zero_occ_residues.id 
_pdbx_unobs_or_zero_occ_residues.PDB_model_num 
_pdbx_unobs_or_zero_occ_residues.polymer_flag 
_pdbx_unobs_or_zero_occ_residues.occupancy_flag 
_pdbx_unobs_or_zero_occ_residues.auth_asym_id 
_pdbx_unobs_or_zero_occ_residues.auth_comp_id 
_pdbx_unobs_or_zero_occ_residues.auth_seq_id 
_pdbx_unobs_or_zero_occ_residues.PDB_ins_code 
_pdbx_unobs_or_zero_occ_residues.label_asym_id 
_pdbx_unobs_or_zero_occ_residues.label_comp_id 
_pdbx_unobs_or_zero_occ_residues.label_seq_id 
1 1 Y 1 A GLN 19  ? A GLN 1   
2 1 Y 1 A ILE 20  ? A ILE 2   
3 1 Y 1 A GLN 21  ? A GLN 3   
4 1 Y 1 A LYS 22  ? A LYS 4   
5 1 Y 1 A ALA 23  ? A ALA 5   
6 1 Y 1 A HIS 171 ? A HIS 153 
7 1 Y 1 A HIS 172 ? A HIS 154 
8 1 Y 1 A HIS 173 ? A HIS 155 
# 
loop_
_chem_comp_atom.comp_id 
_chem_comp_atom.atom_id 
_chem_comp_atom.type_symbol 
_chem_comp_atom.pdbx_aromatic_flag 
_chem_comp_atom.pdbx_stereo_config 
_chem_comp_atom.pdbx_ordinal 
ALA N    N  N N 1   
ALA CA   C  N S 2   
ALA C    C  N N 3   
ALA O    O  N N 4   
ALA CB   C  N N 5   
ALA OXT  O  N N 6   
ALA H    H  N N 7   
ALA H2   H  N N 8   
ALA HA   H  N N 9   
ALA HB1  H  N N 10  
ALA HB2  H  N N 11  
ALA HB3  H  N N 12  
ALA HXT  H  N N 13  
ARG N    N  N N 14  
ARG CA   C  N S 15  
ARG C    C  N N 16  
ARG O    O  N N 17  
ARG CB   C  N N 18  
ARG CG   C  N N 19  
ARG CD   C  N N 20  
ARG NE   N  N N 21  
ARG CZ   C  N N 22  
ARG NH1  N  N N 23  
ARG NH2  N  N N 24  
ARG OXT  O  N N 25  
ARG H    H  N N 26  
ARG H2   H  N N 27  
ARG HA   H  N N 28  
ARG HB2  H  N N 29  
ARG HB3  H  N N 30  
ARG HG2  H  N N 31  
ARG HG3  H  N N 32  
ARG HD2  H  N N 33  
ARG HD3  H  N N 34  
ARG HE   H  N N 35  
ARG HH11 H  N N 36  
ARG HH12 H  N N 37  
ARG HH21 H  N N 38  
ARG HH22 H  N N 39  
ARG HXT  H  N N 40  
ASN N    N  N N 41  
ASN CA   C  N S 42  
ASN C    C  N N 43  
ASN O    O  N N 44  
ASN CB   C  N N 45  
ASN CG   C  N N 46  
ASN OD1  O  N N 47  
ASN ND2  N  N N 48  
ASN OXT  O  N N 49  
ASN H    H  N N 50  
ASN H2   H  N N 51  
ASN HA   H  N N 52  
ASN HB2  H  N N 53  
ASN HB3  H  N N 54  
ASN HD21 H  N N 55  
ASN HD22 H  N N 56  
ASN HXT  H  N N 57  
ASP N    N  N N 58  
ASP CA   C  N S 59  
ASP C    C  N N 60  
ASP O    O  N N 61  
ASP CB   C  N N 62  
ASP CG   C  N N 63  
ASP OD1  O  N N 64  
ASP OD2  O  N N 65  
ASP OXT  O  N N 66  
ASP H    H  N N 67  
ASP H2   H  N N 68  
ASP HA   H  N N 69  
ASP HB2  H  N N 70  
ASP HB3  H  N N 71  
ASP HD2  H  N N 72  
ASP HXT  H  N N 73  
CL  CL   CL N N 74  
CYS N    N  N N 75  
CYS CA   C  N R 76  
CYS C    C  N N 77  
CYS O    O  N N 78  
CYS CB   C  N N 79  
CYS SG   S  N N 80  
CYS OXT  O  N N 81  
CYS H    H  N N 82  
CYS H2   H  N N 83  
CYS HA   H  N N 84  
CYS HB2  H  N N 85  
CYS HB3  H  N N 86  
CYS HG   H  N N 87  
CYS HXT  H  N N 88  
GLN N    N  N N 89  
GLN CA   C  N S 90  
GLN C    C  N N 91  
GLN O    O  N N 92  
GLN CB   C  N N 93  
GLN CG   C  N N 94  
GLN CD   C  N N 95  
GLN OE1  O  N N 96  
GLN NE2  N  N N 97  
GLN OXT  O  N N 98  
GLN H    H  N N 99  
GLN H2   H  N N 100 
GLN HA   H  N N 101 
GLN HB2  H  N N 102 
GLN HB3  H  N N 103 
GLN HG2  H  N N 104 
GLN HG3  H  N N 105 
GLN HE21 H  N N 106 
GLN HE22 H  N N 107 
GLN HXT  H  N N 108 
GLU N    N  N N 109 
GLU CA   C  N S 110 
GLU C    C  N N 111 
GLU O    O  N N 112 
GLU CB   C  N N 113 
GLU CG   C  N N 114 
GLU CD   C  N N 115 
GLU OE1  O  N N 116 
GLU OE2  O  N N 117 
GLU OXT  O  N N 118 
GLU H    H  N N 119 
GLU H2   H  N N 120 
GLU HA   H  N N 121 
GLU HB2  H  N N 122 
GLU HB3  H  N N 123 
GLU HG2  H  N N 124 
GLU HG3  H  N N 125 
GLU HE2  H  N N 126 
GLU HXT  H  N N 127 
GLY N    N  N N 128 
GLY CA   C  N N 129 
GLY C    C  N N 130 
GLY O    O  N N 131 
GLY OXT  O  N N 132 
GLY H    H  N N 133 
GLY H2   H  N N 134 
GLY HA2  H  N N 135 
GLY HA3  H  N N 136 
GLY HXT  H  N N 137 
GOL C1   C  N N 138 
GOL O1   O  N N 139 
GOL C2   C  N N 140 
GOL O2   O  N N 141 
GOL C3   C  N N 142 
GOL O3   O  N N 143 
GOL H11  H  N N 144 
GOL H12  H  N N 145 
GOL HO1  H  N N 146 
GOL H2   H  N N 147 
GOL HO2  H  N N 148 
GOL H31  H  N N 149 
GOL H32  H  N N 150 
GOL HO3  H  N N 151 
HIS N    N  N N 152 
HIS CA   C  N S 153 
HIS C    C  N N 154 
HIS O    O  N N 155 
HIS CB   C  N N 156 
HIS CG   C  Y N 157 
HIS ND1  N  Y N 158 
HIS CD2  C  Y N 159 
HIS CE1  C  Y N 160 
HIS NE2  N  Y N 161 
HIS OXT  O  N N 162 
HIS H    H  N N 163 
HIS H2   H  N N 164 
HIS HA   H  N N 165 
HIS HB2  H  N N 166 
HIS HB3  H  N N 167 
HIS HD1  H  N N 168 
HIS HD2  H  N N 169 
HIS HE1  H  N N 170 
HIS HE2  H  N N 171 
HIS HXT  H  N N 172 
HOH O    O  N N 173 
HOH H1   H  N N 174 
HOH H2   H  N N 175 
ILE N    N  N N 176 
ILE CA   C  N S 177 
ILE C    C  N N 178 
ILE O    O  N N 179 
ILE CB   C  N S 180 
ILE CG1  C  N N 181 
ILE CG2  C  N N 182 
ILE CD1  C  N N 183 
ILE OXT  O  N N 184 
ILE H    H  N N 185 
ILE H2   H  N N 186 
ILE HA   H  N N 187 
ILE HB   H  N N 188 
ILE HG12 H  N N 189 
ILE HG13 H  N N 190 
ILE HG21 H  N N 191 
ILE HG22 H  N N 192 
ILE HG23 H  N N 193 
ILE HD11 H  N N 194 
ILE HD12 H  N N 195 
ILE HD13 H  N N 196 
ILE HXT  H  N N 197 
LEU N    N  N N 198 
LEU CA   C  N S 199 
LEU C    C  N N 200 
LEU O    O  N N 201 
LEU CB   C  N N 202 
LEU CG   C  N N 203 
LEU CD1  C  N N 204 
LEU CD2  C  N N 205 
LEU OXT  O  N N 206 
LEU H    H  N N 207 
LEU H2   H  N N 208 
LEU HA   H  N N 209 
LEU HB2  H  N N 210 
LEU HB3  H  N N 211 
LEU HG   H  N N 212 
LEU HD11 H  N N 213 
LEU HD12 H  N N 214 
LEU HD13 H  N N 215 
LEU HD21 H  N N 216 
LEU HD22 H  N N 217 
LEU HD23 H  N N 218 
LEU HXT  H  N N 219 
LYS N    N  N N 220 
LYS CA   C  N S 221 
LYS C    C  N N 222 
LYS O    O  N N 223 
LYS CB   C  N N 224 
LYS CG   C  N N 225 
LYS CD   C  N N 226 
LYS CE   C  N N 227 
LYS NZ   N  N N 228 
LYS OXT  O  N N 229 
LYS H    H  N N 230 
LYS H2   H  N N 231 
LYS HA   H  N N 232 
LYS HB2  H  N N 233 
LYS HB3  H  N N 234 
LYS HG2  H  N N 235 
LYS HG3  H  N N 236 
LYS HD2  H  N N 237 
LYS HD3  H  N N 238 
LYS HE2  H  N N 239 
LYS HE3  H  N N 240 
LYS HZ1  H  N N 241 
LYS HZ2  H  N N 242 
LYS HZ3  H  N N 243 
LYS HXT  H  N N 244 
PHE N    N  N N 245 
PHE CA   C  N S 246 
PHE C    C  N N 247 
PHE O    O  N N 248 
PHE CB   C  N N 249 
PHE CG   C  Y N 250 
PHE CD1  C  Y N 251 
PHE CD2  C  Y N 252 
PHE CE1  C  Y N 253 
PHE CE2  C  Y N 254 
PHE CZ   C  Y N 255 
PHE OXT  O  N N 256 
PHE H    H  N N 257 
PHE H2   H  N N 258 
PHE HA   H  N N 259 
PHE HB2  H  N N 260 
PHE HB3  H  N N 261 
PHE HD1  H  N N 262 
PHE HD2  H  N N 263 
PHE HE1  H  N N 264 
PHE HE2  H  N N 265 
PHE HZ   H  N N 266 
PHE HXT  H  N N 267 
PRO N    N  N N 268 
PRO CA   C  N S 269 
PRO C    C  N N 270 
PRO O    O  N N 271 
PRO CB   C  N N 272 
PRO CG   C  N N 273 
PRO CD   C  N N 274 
PRO OXT  O  N N 275 
PRO H    H  N N 276 
PRO HA   H  N N 277 
PRO HB2  H  N N 278 
PRO HB3  H  N N 279 
PRO HG2  H  N N 280 
PRO HG3  H  N N 281 
PRO HD2  H  N N 282 
PRO HD3  H  N N 283 
PRO HXT  H  N N 284 
SER N    N  N N 285 
SER CA   C  N S 286 
SER C    C  N N 287 
SER O    O  N N 288 
SER CB   C  N N 289 
SER OG   O  N N 290 
SER OXT  O  N N 291 
SER H    H  N N 292 
SER H2   H  N N 293 
SER HA   H  N N 294 
SER HB2  H  N N 295 
SER HB3  H  N N 296 
SER HG   H  N N 297 
SER HXT  H  N N 298 
SO4 S    S  N N 299 
SO4 O1   O  N N 300 
SO4 O2   O  N N 301 
SO4 O3   O  N N 302 
SO4 O4   O  N N 303 
THR N    N  N N 304 
THR CA   C  N S 305 
THR C    C  N N 306 
THR O    O  N N 307 
THR CB   C  N R 308 
THR OG1  O  N N 309 
THR CG2  C  N N 310 
THR OXT  O  N N 311 
THR H    H  N N 312 
THR H2   H  N N 313 
THR HA   H  N N 314 
THR HB   H  N N 315 
THR HG1  H  N N 316 
THR HG21 H  N N 317 
THR HG22 H  N N 318 
THR HG23 H  N N 319 
THR HXT  H  N N 320 
TRP N    N  N N 321 
TRP CA   C  N S 322 
TRP C    C  N N 323 
TRP O    O  N N 324 
TRP CB   C  N N 325 
TRP CG   C  Y N 326 
TRP CD1  C  Y N 327 
TRP CD2  C  Y N 328 
TRP NE1  N  Y N 329 
TRP CE2  C  Y N 330 
TRP CE3  C  Y N 331 
TRP CZ2  C  Y N 332 
TRP CZ3  C  Y N 333 
TRP CH2  C  Y N 334 
TRP OXT  O  N N 335 
TRP H    H  N N 336 
TRP H2   H  N N 337 
TRP HA   H  N N 338 
TRP HB2  H  N N 339 
TRP HB3  H  N N 340 
TRP HD1  H  N N 341 
TRP HE1  H  N N 342 
TRP HE3  H  N N 343 
TRP HZ2  H  N N 344 
TRP HZ3  H  N N 345 
TRP HH2  H  N N 346 
TRP HXT  H  N N 347 
TYR N    N  N N 348 
TYR CA   C  N S 349 
TYR C    C  N N 350 
TYR O    O  N N 351 
TYR CB   C  N N 352 
TYR CG   C  Y N 353 
TYR CD1  C  Y N 354 
TYR CD2  C  Y N 355 
TYR CE1  C  Y N 356 
TYR CE2  C  Y N 357 
TYR CZ   C  Y N 358 
TYR OH   O  N N 359 
TYR OXT  O  N N 360 
TYR H    H  N N 361 
TYR H2   H  N N 362 
TYR HA   H  N N 363 
TYR HB2  H  N N 364 
TYR HB3  H  N N 365 
TYR HD1  H  N N 366 
TYR HD2  H  N N 367 
TYR HE1  H  N N 368 
TYR HE2  H  N N 369 
TYR HH   H  N N 370 
TYR HXT  H  N N 371 
VAL N    N  N N 372 
VAL CA   C  N S 373 
VAL C    C  N N 374 
VAL O    O  N N 375 
VAL CB   C  N N 376 
VAL CG1  C  N N 377 
VAL CG2  C  N N 378 
VAL OXT  O  N N 379 
VAL H    H  N N 380 
VAL H2   H  N N 381 
VAL HA   H  N N 382 
VAL HB   H  N N 383 
VAL HG11 H  N N 384 
VAL HG12 H  N N 385 
VAL HG13 H  N N 386 
VAL HG21 H  N N 387 
VAL HG22 H  N N 388 
VAL HG23 H  N N 389 
VAL HXT  H  N N 390 
# 
loop_
_chem_comp_bond.comp_id 
_chem_comp_bond.atom_id_1 
_chem_comp_bond.atom_id_2 
_chem_comp_bond.value_order 
_chem_comp_bond.pdbx_aromatic_flag 
_chem_comp_bond.pdbx_stereo_config 
_chem_comp_bond.pdbx_ordinal 
ALA N   CA   sing N N 1   
ALA N   H    sing N N 2   
ALA N   H2   sing N N 3   
ALA CA  C    sing N N 4   
ALA CA  CB   sing N N 5   
ALA CA  HA   sing N N 6   
ALA C   O    doub N N 7   
ALA C   OXT  sing N N 8   
ALA CB  HB1  sing N N 9   
ALA CB  HB2  sing N N 10  
ALA CB  HB3  sing N N 11  
ALA OXT HXT  sing N N 12  
ARG N   CA   sing N N 13  
ARG N   H    sing N N 14  
ARG N   H2   sing N N 15  
ARG CA  C    sing N N 16  
ARG CA  CB   sing N N 17  
ARG CA  HA   sing N N 18  
ARG C   O    doub N N 19  
ARG C   OXT  sing N N 20  
ARG CB  CG   sing N N 21  
ARG CB  HB2  sing N N 22  
ARG CB  HB3  sing N N 23  
ARG CG  CD   sing N N 24  
ARG CG  HG2  sing N N 25  
ARG CG  HG3  sing N N 26  
ARG CD  NE   sing N N 27  
ARG CD  HD2  sing N N 28  
ARG CD  HD3  sing N N 29  
ARG NE  CZ   sing N N 30  
ARG NE  HE   sing N N 31  
ARG CZ  NH1  sing N N 32  
ARG CZ  NH2  doub N N 33  
ARG NH1 HH11 sing N N 34  
ARG NH1 HH12 sing N N 35  
ARG NH2 HH21 sing N N 36  
ARG NH2 HH22 sing N N 37  
ARG OXT HXT  sing N N 38  
ASN N   CA   sing N N 39  
ASN N   H    sing N N 40  
ASN N   H2   sing N N 41  
ASN CA  C    sing N N 42  
ASN CA  CB   sing N N 43  
ASN CA  HA   sing N N 44  
ASN C   O    doub N N 45  
ASN C   OXT  sing N N 46  
ASN CB  CG   sing N N 47  
ASN CB  HB2  sing N N 48  
ASN CB  HB3  sing N N 49  
ASN CG  OD1  doub N N 50  
ASN CG  ND2  sing N N 51  
ASN ND2 HD21 sing N N 52  
ASN ND2 HD22 sing N N 53  
ASN OXT HXT  sing N N 54  
ASP N   CA   sing N N 55  
ASP N   H    sing N N 56  
ASP N   H2   sing N N 57  
ASP CA  C    sing N N 58  
ASP CA  CB   sing N N 59  
ASP CA  HA   sing N N 60  
ASP C   O    doub N N 61  
ASP C   OXT  sing N N 62  
ASP CB  CG   sing N N 63  
ASP CB  HB2  sing N N 64  
ASP CB  HB3  sing N N 65  
ASP CG  OD1  doub N N 66  
ASP CG  OD2  sing N N 67  
ASP OD2 HD2  sing N N 68  
ASP OXT HXT  sing N N 69  
CYS N   CA   sing N N 70  
CYS N   H    sing N N 71  
CYS N   H2   sing N N 72  
CYS CA  C    sing N N 73  
CYS CA  CB   sing N N 74  
CYS CA  HA   sing N N 75  
CYS C   O    doub N N 76  
CYS C   OXT  sing N N 77  
CYS CB  SG   sing N N 78  
CYS CB  HB2  sing N N 79  
CYS CB  HB3  sing N N 80  
CYS SG  HG   sing N N 81  
CYS OXT HXT  sing N N 82  
GLN N   CA   sing N N 83  
GLN N   H    sing N N 84  
GLN N   H2   sing N N 85  
GLN CA  C    sing N N 86  
GLN CA  CB   sing N N 87  
GLN CA  HA   sing N N 88  
GLN C   O    doub N N 89  
GLN C   OXT  sing N N 90  
GLN CB  CG   sing N N 91  
GLN CB  HB2  sing N N 92  
GLN CB  HB3  sing N N 93  
GLN CG  CD   sing N N 94  
GLN CG  HG2  sing N N 95  
GLN CG  HG3  sing N N 96  
GLN CD  OE1  doub N N 97  
GLN CD  NE2  sing N N 98  
GLN NE2 HE21 sing N N 99  
GLN NE2 HE22 sing N N 100 
GLN OXT HXT  sing N N 101 
GLU N   CA   sing N N 102 
GLU N   H    sing N N 103 
GLU N   H2   sing N N 104 
GLU CA  C    sing N N 105 
GLU CA  CB   sing N N 106 
GLU CA  HA   sing N N 107 
GLU C   O    doub N N 108 
GLU C   OXT  sing N N 109 
GLU CB  CG   sing N N 110 
GLU CB  HB2  sing N N 111 
GLU CB  HB3  sing N N 112 
GLU CG  CD   sing N N 113 
GLU CG  HG2  sing N N 114 
GLU CG  HG3  sing N N 115 
GLU CD  OE1  doub N N 116 
GLU CD  OE2  sing N N 117 
GLU OE2 HE2  sing N N 118 
GLU OXT HXT  sing N N 119 
GLY N   CA   sing N N 120 
GLY N   H    sing N N 121 
GLY N   H2   sing N N 122 
GLY CA  C    sing N N 123 
GLY CA  HA2  sing N N 124 
GLY CA  HA3  sing N N 125 
GLY C   O    doub N N 126 
GLY C   OXT  sing N N 127 
GLY OXT HXT  sing N N 128 
GOL C1  O1   sing N N 129 
GOL C1  C2   sing N N 130 
GOL C1  H11  sing N N 131 
GOL C1  H12  sing N N 132 
GOL O1  HO1  sing N N 133 
GOL C2  O2   sing N N 134 
GOL C2  C3   sing N N 135 
GOL C2  H2   sing N N 136 
GOL O2  HO2  sing N N 137 
GOL C3  O3   sing N N 138 
GOL C3  H31  sing N N 139 
GOL C3  H32  sing N N 140 
GOL O3  HO3  sing N N 141 
HIS N   CA   sing N N 142 
HIS N   H    sing N N 143 
HIS N   H2   sing N N 144 
HIS CA  C    sing N N 145 
HIS CA  CB   sing N N 146 
HIS CA  HA   sing N N 147 
HIS C   O    doub N N 148 
HIS C   OXT  sing N N 149 
HIS CB  CG   sing N N 150 
HIS CB  HB2  sing N N 151 
HIS CB  HB3  sing N N 152 
HIS CG  ND1  sing Y N 153 
HIS CG  CD2  doub Y N 154 
HIS ND1 CE1  doub Y N 155 
HIS ND1 HD1  sing N N 156 
HIS CD2 NE2  sing Y N 157 
HIS CD2 HD2  sing N N 158 
HIS CE1 NE2  sing Y N 159 
HIS CE1 HE1  sing N N 160 
HIS NE2 HE2  sing N N 161 
HIS OXT HXT  sing N N 162 
HOH O   H1   sing N N 163 
HOH O   H2   sing N N 164 
ILE N   CA   sing N N 165 
ILE N   H    sing N N 166 
ILE N   H2   sing N N 167 
ILE CA  C    sing N N 168 
ILE CA  CB   sing N N 169 
ILE CA  HA   sing N N 170 
ILE C   O    doub N N 171 
ILE C   OXT  sing N N 172 
ILE CB  CG1  sing N N 173 
ILE CB  CG2  sing N N 174 
ILE CB  HB   sing N N 175 
ILE CG1 CD1  sing N N 176 
ILE CG1 HG12 sing N N 177 
ILE CG1 HG13 sing N N 178 
ILE CG2 HG21 sing N N 179 
ILE CG2 HG22 sing N N 180 
ILE CG2 HG23 sing N N 181 
ILE CD1 HD11 sing N N 182 
ILE CD1 HD12 sing N N 183 
ILE CD1 HD13 sing N N 184 
ILE OXT HXT  sing N N 185 
LEU N   CA   sing N N 186 
LEU N   H    sing N N 187 
LEU N   H2   sing N N 188 
LEU CA  C    sing N N 189 
LEU CA  CB   sing N N 190 
LEU CA  HA   sing N N 191 
LEU C   O    doub N N 192 
LEU C   OXT  sing N N 193 
LEU CB  CG   sing N N 194 
LEU CB  HB2  sing N N 195 
LEU CB  HB3  sing N N 196 
LEU CG  CD1  sing N N 197 
LEU CG  CD2  sing N N 198 
LEU CG  HG   sing N N 199 
LEU CD1 HD11 sing N N 200 
LEU CD1 HD12 sing N N 201 
LEU CD1 HD13 sing N N 202 
LEU CD2 HD21 sing N N 203 
LEU CD2 HD22 sing N N 204 
LEU CD2 HD23 sing N N 205 
LEU OXT HXT  sing N N 206 
LYS N   CA   sing N N 207 
LYS N   H    sing N N 208 
LYS N   H2   sing N N 209 
LYS CA  C    sing N N 210 
LYS CA  CB   sing N N 211 
LYS CA  HA   sing N N 212 
LYS C   O    doub N N 213 
LYS C   OXT  sing N N 214 
LYS CB  CG   sing N N 215 
LYS CB  HB2  sing N N 216 
LYS CB  HB3  sing N N 217 
LYS CG  CD   sing N N 218 
LYS CG  HG2  sing N N 219 
LYS CG  HG3  sing N N 220 
LYS CD  CE   sing N N 221 
LYS CD  HD2  sing N N 222 
LYS CD  HD3  sing N N 223 
LYS CE  NZ   sing N N 224 
LYS CE  HE2  sing N N 225 
LYS CE  HE3  sing N N 226 
LYS NZ  HZ1  sing N N 227 
LYS NZ  HZ2  sing N N 228 
LYS NZ  HZ3  sing N N 229 
LYS OXT HXT  sing N N 230 
PHE N   CA   sing N N 231 
PHE N   H    sing N N 232 
PHE N   H2   sing N N 233 
PHE CA  C    sing N N 234 
PHE CA  CB   sing N N 235 
PHE CA  HA   sing N N 236 
PHE C   O    doub N N 237 
PHE C   OXT  sing N N 238 
PHE CB  CG   sing N N 239 
PHE CB  HB2  sing N N 240 
PHE CB  HB3  sing N N 241 
PHE CG  CD1  doub Y N 242 
PHE CG  CD2  sing Y N 243 
PHE CD1 CE1  sing Y N 244 
PHE CD1 HD1  sing N N 245 
PHE CD2 CE2  doub Y N 246 
PHE CD2 HD2  sing N N 247 
PHE CE1 CZ   doub Y N 248 
PHE CE1 HE1  sing N N 249 
PHE CE2 CZ   sing Y N 250 
PHE CE2 HE2  sing N N 251 
PHE CZ  HZ   sing N N 252 
PHE OXT HXT  sing N N 253 
PRO N   CA   sing N N 254 
PRO N   CD   sing N N 255 
PRO N   H    sing N N 256 
PRO CA  C    sing N N 257 
PRO CA  CB   sing N N 258 
PRO CA  HA   sing N N 259 
PRO C   O    doub N N 260 
PRO C   OXT  sing N N 261 
PRO CB  CG   sing N N 262 
PRO CB  HB2  sing N N 263 
PRO CB  HB3  sing N N 264 
PRO CG  CD   sing N N 265 
PRO CG  HG2  sing N N 266 
PRO CG  HG3  sing N N 267 
PRO CD  HD2  sing N N 268 
PRO CD  HD3  sing N N 269 
PRO OXT HXT  sing N N 270 
SER N   CA   sing N N 271 
SER N   H    sing N N 272 
SER N   H2   sing N N 273 
SER CA  C    sing N N 274 
SER CA  CB   sing N N 275 
SER CA  HA   sing N N 276 
SER C   O    doub N N 277 
SER C   OXT  sing N N 278 
SER CB  OG   sing N N 279 
SER CB  HB2  sing N N 280 
SER CB  HB3  sing N N 281 
SER OG  HG   sing N N 282 
SER OXT HXT  sing N N 283 
SO4 S   O1   doub N N 284 
SO4 S   O2   doub N N 285 
SO4 S   O3   sing N N 286 
SO4 S   O4   sing N N 287 
THR N   CA   sing N N 288 
THR N   H    sing N N 289 
THR N   H2   sing N N 290 
THR CA  C    sing N N 291 
THR CA  CB   sing N N 292 
THR CA  HA   sing N N 293 
THR C   O    doub N N 294 
THR C   OXT  sing N N 295 
THR CB  OG1  sing N N 296 
THR CB  CG2  sing N N 297 
THR CB  HB   sing N N 298 
THR OG1 HG1  sing N N 299 
THR CG2 HG21 sing N N 300 
THR CG2 HG22 sing N N 301 
THR CG2 HG23 sing N N 302 
THR OXT HXT  sing N N 303 
TRP N   CA   sing N N 304 
TRP N   H    sing N N 305 
TRP N   H2   sing N N 306 
TRP CA  C    sing N N 307 
TRP CA  CB   sing N N 308 
TRP CA  HA   sing N N 309 
TRP C   O    doub N N 310 
TRP C   OXT  sing N N 311 
TRP CB  CG   sing N N 312 
TRP CB  HB2  sing N N 313 
TRP CB  HB3  sing N N 314 
TRP CG  CD1  doub Y N 315 
TRP CG  CD2  sing Y N 316 
TRP CD1 NE1  sing Y N 317 
TRP CD1 HD1  sing N N 318 
TRP CD2 CE2  doub Y N 319 
TRP CD2 CE3  sing Y N 320 
TRP NE1 CE2  sing Y N 321 
TRP NE1 HE1  sing N N 322 
TRP CE2 CZ2  sing Y N 323 
TRP CE3 CZ3  doub Y N 324 
TRP CE3 HE3  sing N N 325 
TRP CZ2 CH2  doub Y N 326 
TRP CZ2 HZ2  sing N N 327 
TRP CZ3 CH2  sing Y N 328 
TRP CZ3 HZ3  sing N N 329 
TRP CH2 HH2  sing N N 330 
TRP OXT HXT  sing N N 331 
TYR N   CA   sing N N 332 
TYR N   H    sing N N 333 
TYR N   H2   sing N N 334 
TYR CA  C    sing N N 335 
TYR CA  CB   sing N N 336 
TYR CA  HA   sing N N 337 
TYR C   O    doub N N 338 
TYR C   OXT  sing N N 339 
TYR CB  CG   sing N N 340 
TYR CB  HB2  sing N N 341 
TYR CB  HB3  sing N N 342 
TYR CG  CD1  doub Y N 343 
TYR CG  CD2  sing Y N 344 
TYR CD1 CE1  sing Y N 345 
TYR CD1 HD1  sing N N 346 
TYR CD2 CE2  doub Y N 347 
TYR CD2 HD2  sing N N 348 
TYR CE1 CZ   doub Y N 349 
TYR CE1 HE1  sing N N 350 
TYR CE2 CZ   sing Y N 351 
TYR CE2 HE2  sing N N 352 
TYR CZ  OH   sing N N 353 
TYR OH  HH   sing N N 354 
TYR OXT HXT  sing N N 355 
VAL N   CA   sing N N 356 
VAL N   H    sing N N 357 
VAL N   H2   sing N N 358 
VAL CA  C    sing N N 359 
VAL CA  CB   sing N N 360 
VAL CA  HA   sing N N 361 
VAL C   O    doub N N 362 
VAL C   OXT  sing N N 363 
VAL CB  CG1  sing N N 364 
VAL CB  CG2  sing N N 365 
VAL CB  HB   sing N N 366 
VAL CG1 HG11 sing N N 367 
VAL CG1 HG12 sing N N 368 
VAL CG1 HG13 sing N N 369 
VAL CG2 HG21 sing N N 370 
VAL CG2 HG22 sing N N 371 
VAL CG2 HG23 sing N N 372 
VAL OXT HXT  sing N N 373 
# 
_atom_sites.entry_id                    6GUS 
_atom_sites.fract_transf_matrix[1][1]   0.00073646 
_atom_sites.fract_transf_matrix[1][2]   -0.01080040 
_atom_sites.fract_transf_matrix[1][3]   0.00696955 
_atom_sites.fract_transf_matrix[2][1]   0.01241085 
_atom_sites.fract_transf_matrix[2][2]   0.00241456 
_atom_sites.fract_transf_matrix[2][3]   0.00243030 
_atom_sites.fract_transf_matrix[3][1]   -0.00392968 
_atom_sites.fract_transf_matrix[3][2]   0.00772752 
_atom_sites.fract_transf_matrix[3][3]   0.01239023 
_atom_sites.fract_transf_vector[1]      0.378240 
_atom_sites.fract_transf_vector[2]      -0.066129 
_atom_sites.fract_transf_vector[3]      -0.186723 
# 
loop_
_atom_type.symbol 
C  
CL 
N  
O  
S  
# 
loop_
_atom_site.group_PDB 
_atom_site.id 
_atom_site.type_symbol 
_atom_site.label_atom_id 
_atom_site.label_alt_id 
_atom_site.label_comp_id 
_atom_site.label_asym_id 
_atom_site.label_entity_id 
_atom_site.label_seq_id 
_atom_site.pdbx_PDB_ins_code 
_atom_site.Cartn_x 
_atom_site.Cartn_y 
_atom_site.Cartn_z 
_atom_site.occupancy 
_atom_site.B_iso_or_equiv 
_atom_site.pdbx_formal_charge 
_atom_site.auth_seq_id 
_atom_site.auth_comp_id 
_atom_site.auth_asym_id 
_atom_site.auth_atom_id 
_atom_site.pdbx_PDB_model_num 
ATOM   1    N  N   . GLU A 1 6   ? 12.431  22.192  15.763  1.00 96.29  ? 24  GLU A N   1 
ATOM   2    C  CA  . GLU A 1 6   ? 12.872  22.616  14.397  1.00 92.60  ? 24  GLU A CA  1 
ATOM   3    C  C   . GLU A 1 6   ? 13.956  21.674  13.858  1.00 109.71 ? 24  GLU A C   1 
ATOM   4    O  O   . GLU A 1 6   ? 15.152  21.940  13.995  1.00 104.15 ? 24  GLU A O   1 
ATOM   5    C  CB  . GLU A 1 6   ? 13.367  24.077  14.410  1.00 83.18  ? 24  GLU A CB  1 
ATOM   6    C  CG  . GLU A 1 6   ? 13.760  24.664  13.048  1.00 75.25  ? 24  GLU A CG  1 
ATOM   7    C  CD  . GLU A 1 6   ? 12.585  25.164  12.203  1.00 66.58  ? 24  GLU A CD  1 
ATOM   8    O  OE1 . GLU A 1 6   ? 11.555  25.596  12.753  1.00 67.48  ? 24  GLU A OE1 1 
ATOM   9    O  OE2 . GLU A 1 6   ? 12.706  25.166  10.965  1.00 78.72  ? 24  GLU A OE2 1 
ATOM   10   N  N   . GLN A 1 7   ? 13.517  20.571  13.255  1.00 109.61 ? 25  GLN A N   1 
ATOM   11   C  CA  . GLN A 1 7   ? 14.421  19.602  12.622  1.00 104.69 ? 25  GLN A CA  1 
ATOM   12   C  C   . GLN A 1 7   ? 14.728  19.995  11.183  1.00 97.45  ? 25  GLN A C   1 
ATOM   13   O  O   . GLN A 1 7   ? 13.859  20.498  10.475  1.00 81.32  ? 25  GLN A O   1 
ATOM   14   C  CB  . GLN A 1 7   ? 13.805  18.191  12.632  1.00 98.26  ? 25  GLN A CB  1 
ATOM   15   C  CG  . GLN A 1 7   ? 14.297  17.290  13.751  1.00 99.77  ? 25  GLN A CG  1 
ATOM   16   C  CD  . GLN A 1 7   ? 14.316  17.971  15.102  1.00 102.81 ? 25  GLN A CD  1 
ATOM   17   O  OE1 . GLN A 1 7   ? 13.313  18.539  15.549  1.00 102.76 ? 25  GLN A OE1 1 
ATOM   18   N  NE2 . GLN A 1 7   ? 15.464  17.915  15.765  1.00 80.25  ? 25  GLN A NE2 1 
ATOM   19   N  N   . ASN A 1 8   ? 15.961  19.752  10.745  1.00 105.81 ? 26  ASN A N   1 
ATOM   20   C  CA  . ASN A 1 8   ? 16.321  19.994  9.346   1.00 122.17 ? 26  ASN A CA  1 
ATOM   21   C  C   . ASN A 1 8   ? 15.530  19.052  8.424   1.00 119.93 ? 26  ASN A C   1 
ATOM   22   O  O   . ASN A 1 8   ? 14.980  18.038  8.865   1.00 104.43 ? 26  ASN A O   1 
ATOM   23   C  CB  . ASN A 1 8   ? 17.838  19.895  9.107   1.00 141.39 ? 26  ASN A CB  1 
ATOM   24   C  CG  . ASN A 1 8   ? 18.423  18.550  9.504   1.00 153.02 ? 26  ASN A CG  1 
ATOM   25   O  OD1 . ASN A 1 8   ? 17.863  17.832  10.333  1.00 164.24 ? 26  ASN A OD1 1 
ATOM   26   N  ND2 . ASN A 1 8   ? 19.569  18.213  8.921   1.00 147.77 ? 26  ASN A ND2 1 
ATOM   27   N  N   . ASP A 1 9   ? 15.473  19.400  7.146   1.00 99.40  ? 27  ASP A N   1 
ATOM   28   C  CA  . ASP A 1 9   ? 14.611  18.712  6.202   1.00 81.33  ? 27  ASP A CA  1 
ATOM   29   C  C   . ASP A 1 9   ? 15.414  17.736  5.351   1.00 82.53  ? 27  ASP A C   1 
ATOM   30   O  O   . ASP A 1 9   ? 16.060  18.141  4.384   1.00 71.94  ? 27  ASP A O   1 
ATOM   31   C  CB  . ASP A 1 9   ? 13.909  19.761  5.337   1.00 92.41  ? 27  ASP A CB  1 
ATOM   32   C  CG  . ASP A 1 9   ? 12.746  19.197  4.555   1.00 105.70 ? 27  ASP A CG  1 
ATOM   33   O  OD1 . ASP A 1 9   ? 12.008  18.338  5.088   1.00 122.37 ? 27  ASP A OD1 1 
ATOM   34   O  OD2 . ASP A 1 9   ? 12.558  19.635  3.404   1.00 110.45 ? 27  ASP A OD2 1 
ATOM   35   N  N   . VAL A 1 10  ? 15.344  16.444  5.690   1.00 64.40  ? 28  VAL A N   1 
ATOM   36   C  CA  . VAL A 1 10  ? 16.182  15.437  5.037   1.00 62.46  ? 28  VAL A CA  1 
ATOM   37   C  C   . VAL A 1 10  ? 15.580  14.910  3.738   1.00 64.23  ? 28  VAL A C   1 
ATOM   38   O  O   . VAL A 1 10  ? 14.469  14.356  3.729   1.00 54.54  ? 28  VAL A O   1 
ATOM   39   C  CB  . VAL A 1 10  ? 16.449  14.229  5.964   1.00 67.61  ? 28  VAL A CB  1 
ATOM   40   C  CG1 . VAL A 1 10  ? 17.388  13.238  5.288   1.00 77.76  ? 28  VAL A CG1 1 
ATOM   41   C  CG2 . VAL A 1 10  ? 17.032  14.682  7.289   1.00 76.46  ? 28  VAL A CG2 1 
ATOM   42   N  N   . LYS A 1 11  ? 16.336  15.061  2.654   1.00 50.76  ? 29  LYS A N   1 
ATOM   43   C  CA  . LYS A 1 11  ? 15.939  14.555  1.352   1.00 62.05  ? 29  LYS A CA  1 
ATOM   44   C  C   . LYS A 1 11  ? 16.506  13.151  1.231   1.00 59.30  ? 29  LYS A C   1 
ATOM   45   O  O   . LYS A 1 11  ? 17.663  12.911  1.586   1.00 58.68  ? 29  LYS A O   1 
ATOM   46   C  CB  . LYS A 1 11  ? 16.459  15.459  0.236   1.00 70.90  ? 29  LYS A CB  1 
ATOM   47   C  CG  . LYS A 1 11  ? 15.885  16.865  0.331   1.00 96.90  ? 29  LYS A CG  1 
ATOM   48   C  CD  . LYS A 1 11  ? 16.222  17.753  -0.859  1.00 130.85 ? 29  LYS A CD  1 
ATOM   49   C  CE  . LYS A 1 11  ? 15.560  19.121  -0.708  1.00 144.13 ? 29  LYS A CE  1 
ATOM   50   N  NZ  . LYS A 1 11  ? 15.763  20.017  -1.879  1.00 147.05 ? 29  LYS A NZ  1 
ATOM   51   N  N   . LEU A 1 12  ? 15.675  12.226  0.762   1.00 47.34  ? 30  LEU A N   1 
ATOM   52   C  CA  . LEU A 1 12  ? 16.046  10.820  0.669   1.00 51.56  ? 30  LEU A CA  1 
ATOM   53   C  C   . LEU A 1 12  ? 16.163  10.435  -0.786  1.00 48.38  ? 30  LEU A C   1 
ATOM   54   O  O   . LEU A 1 12  ? 15.605  11.110  -1.658  1.00 60.39  ? 30  LEU A O   1 
ATOM   55   C  CB  . LEU A 1 12  ? 14.957  9.937   1.307   1.00 47.80  ? 30  LEU A CB  1 
ATOM   56   C  CG  . LEU A 1 12  ? 14.424  10.290  2.696   1.00 45.68  ? 30  LEU A CG  1 
ATOM   57   C  CD1 . LEU A 1 12  ? 13.225  9.420   3.036   1.00 47.00  ? 30  LEU A CD1 1 
ATOM   58   C  CD2 . LEU A 1 12  ? 15.524  10.134  3.734   1.00 53.13  ? 30  LEU A CD2 1 
ATOM   59   N  N   . ALA A 1 13  ? 16.856  9.328   -1.040  1.00 62.92  ? 31  ALA A N   1 
ATOM   60   C  CA  . ALA A 1 13  ? 16.958  8.760   -2.382  1.00 70.07  ? 31  ALA A CA  1 
ATOM   61   C  C   . ALA A 1 13  ? 16.129  7.480   -2.446  1.00 64.16  ? 31  ALA A C   1 
ATOM   62   O  O   . ALA A 1 13  ? 16.686  6.383   -2.427  1.00 72.62  ? 31  ALA A O   1 
ATOM   63   C  CB  . ALA A 1 13  ? 18.411  8.477   -2.731  1.00 73.93  ? 31  ALA A CB  1 
ATOM   64   N  N   . PRO A 1 14  ? 14.782  7.615   -2.512  1.00 92.94  ? 32  PRO A N   1 
ATOM   65   C  CA  . PRO A 1 14  ? 13.955  6.405   -2.540  1.00 86.99  ? 32  PRO A CA  1 
ATOM   66   C  C   . PRO A 1 14  ? 14.408  5.506   -3.670  1.00 83.10  ? 32  PRO A C   1 
ATOM   67   O  O   . PRO A 1 14  ? 14.585  5.978   -4.795  1.00 67.28  ? 32  PRO A O   1 
ATOM   68   C  CB  . PRO A 1 14  ? 12.524  6.930   -2.775  1.00 95.14  ? 32  PRO A CB  1 
ATOM   69   C  CG  . PRO A 1 14  ? 12.666  8.353   -3.191  1.00 89.07  ? 32  PRO A CG  1 
ATOM   70   C  CD  . PRO A 1 14  ? 13.967  8.840   -2.629  1.00 91.08  ? 32  PRO A CD  1 
ATOM   71   N  N   . PRO A 1 15  ? 14.618  4.221   -3.375  1.00 69.78  ? 33  PRO A N   1 
ATOM   72   C  CA  . PRO A 1 15  ? 15.178  3.382   -4.426  1.00 80.58  ? 33  PRO A CA  1 
ATOM   73   C  C   . PRO A 1 15  ? 14.266  3.291   -5.664  1.00 85.74  ? 33  PRO A C   1 
ATOM   74   O  O   . PRO A 1 15  ? 13.049  3.115   -5.541  1.00 86.81  ? 33  PRO A O   1 
ATOM   75   C  CB  . PRO A 1 15  ? 15.361  2.024   -3.736  1.00 88.04  ? 33  PRO A CB  1 
ATOM   76   C  CG  . PRO A 1 15  ? 14.420  2.035   -2.574  1.00 74.27  ? 33  PRO A CG  1 
ATOM   77   C  CD  . PRO A 1 15  ? 14.139  3.457   -2.210  1.00 58.06  ? 33  PRO A CD  1 
ATOM   78   N  N   . THR A 1 16  ? 14.864  3.451   -6.842  1.00 75.40  ? 34  THR A N   1 
ATOM   79   C  CA  . THR A 1 16  ? 14.158  3.306   -8.120  1.00 79.29  ? 34  THR A CA  1 
ATOM   80   C  C   . THR A 1 16  ? 14.101  1.818   -8.508  1.00 71.00  ? 34  THR A C   1 
ATOM   81   O  O   . THR A 1 16  ? 13.402  1.431   -9.461  1.00 66.90  ? 34  THR A O   1 
ATOM   82   C  CB  . THR A 1 16  ? 14.856  4.100   -9.254  1.00 86.62  ? 34  THR A CB  1 
ATOM   83   O  OG1 . THR A 1 16  ? 16.250  3.767   -9.284  1.00 83.22  ? 34  THR A OG1 1 
ATOM   84   C  CG2 . THR A 1 16  ? 14.707  5.606   -9.050  1.00 81.03  ? 34  THR A CG2 1 
ATOM   85   N  N   . ASP A 1 17  ? 14.861  1.009   -7.763  1.00 78.55  ? 35  ASP A N   1 
ATOM   86   C  CA  . ASP A 1 17  ? 14.925  -0.445  -7.899  1.00 70.45  ? 35  ASP A CA  1 
ATOM   87   C  C   . ASP A 1 17  ? 13.823  -1.046  -7.009  1.00 59.91  ? 35  ASP A C   1 
ATOM   88   O  O   . ASP A 1 17  ? 13.794  -0.759  -5.817  1.00 56.68  ? 35  ASP A O   1 
ATOM   89   C  CB  . ASP A 1 17  ? 16.295  -0.898  -7.392  1.00 77.84  ? 35  ASP A CB  1 
ATOM   90   C  CG  . ASP A 1 17  ? 16.805  -2.119  -8.097  1.00 107.85 ? 35  ASP A CG  1 
ATOM   91   O  OD1 . ASP A 1 17  ? 17.080  -2.020  -9.314  1.00 127.02 ? 35  ASP A OD1 1 
ATOM   92   O  OD2 . ASP A 1 17  ? 16.968  -3.162  -7.430  1.00 135.93 ? 35  ASP A OD2 1 
ATOM   93   N  N   . VAL A 1 18  ? 12.942  -1.883  -7.555  1.00 50.25  ? 36  VAL A N   1 
ATOM   94   C  CA  . VAL A 1 18  ? 11.805  -2.403  -6.777  1.00 53.34  ? 36  VAL A CA  1 
ATOM   95   C  C   . VAL A 1 18  ? 12.148  -3.708  -6.019  1.00 47.91  ? 36  VAL A C   1 
ATOM   96   O  O   . VAL A 1 18  ? 12.488  -4.730  -6.626  1.00 47.67  ? 36  VAL A O   1 
ATOM   97   C  CB  . VAL A 1 18  ? 10.543  -2.582  -7.660  1.00 52.01  ? 36  VAL A CB  1 
ATOM   98   C  CG1 . VAL A 1 18  ? 9.332   -2.912  -6.813  1.00 46.03  ? 36  VAL A CG1 1 
ATOM   99   C  CG2 . VAL A 1 18  ? 10.255  -1.312  -8.460  1.00 55.02  ? 36  VAL A CG2 1 
ATOM   100  N  N   . ARG A 1 19  ? 12.035  -3.673  -4.691  1.00 41.61  ? 37  ARG A N   1 
ATOM   101  C  CA  . ARG A 1 19  ? 12.276  -4.850  -3.876  1.00 38.58  ? 37  ARG A CA  1 
ATOM   102  C  C   . ARG A 1 19  ? 11.303  -5.942  -4.298  1.00 37.73  ? 37  ARG A C   1 
ATOM   103  O  O   . ARG A 1 19  ? 10.112  -5.682  -4.549  1.00 41.42  ? 37  ARG A O   1 
ATOM   104  C  CB  . ARG A 1 19  ? 12.183  -4.529  -2.379  1.00 38.53  ? 37  ARG A CB  1 
ATOM   105  C  CG  . ARG A 1 19  ? 12.398  -5.742  -1.494  1.00 39.38  ? 37  ARG A CG  1 
ATOM   106  C  CD  . ARG A 1 19  ? 12.480  -5.384  -0.028  1.00 42.79  ? 37  ARG A CD  1 
ATOM   107  N  NE  . ARG A 1 19  ? 13.695  -4.639  0.257   1.00 39.29  ? 37  ARG A NE  1 
ATOM   108  C  CZ  . ARG A 1 19  ? 13.982  -4.143  1.449   1.00 39.04  ? 37  ARG A CZ  1 
ATOM   109  N  NH1 . ARG A 1 19  ? 13.164  -4.347  2.489   1.00 40.12  ? 37  ARG A NH1 1 
ATOM   110  N  NH2 . ARG A 1 19  ? 15.091  -3.440  1.613   1.00 46.21  ? 37  ARG A NH2 1 
ATOM   111  N  N   A SER A 1 20  ? 11.812  -7.167  -4.416  0.50 38.91  ? 38  SER A N   1 
ATOM   112  N  N   B SER A 1 20  ? 11.811  -7.168  -4.407  0.50 37.70  ? 38  SER A N   1 
ATOM   113  C  CA  A SER A 1 20  ? 10.991  -8.284  -4.844  0.50 43.26  ? 38  SER A CA  1 
ATOM   114  C  CA  B SER A 1 20  ? 10.992  -8.287  -4.829  0.50 40.17  ? 38  SER A CA  1 
ATOM   115  C  C   A SER A 1 20  ? 9.820   -8.459  -3.881  0.50 40.83  ? 38  SER A C   1 
ATOM   116  C  C   B SER A 1 20  ? 9.816   -8.445  -3.876  0.50 39.45  ? 38  SER A C   1 
ATOM   117  O  O   A SER A 1 20  ? 10.005  -8.401  -2.663  0.50 40.05  ? 38  SER A O   1 
ATOM   118  O  O   B SER A 1 20  ? 9.990   -8.361  -2.658  0.50 39.84  ? 38  SER A O   1 
ATOM   119  C  CB  A SER A 1 20  ? 11.824  -9.569  -4.889  0.50 51.21  ? 38  SER A CB  1 
ATOM   120  C  CB  B SER A 1 20  ? 11.822  -9.571  -4.837  0.50 45.03  ? 38  SER A CB  1 
ATOM   121  O  OG  A SER A 1 20  ? 11.027  -10.679 -5.263  0.50 56.54  ? 38  SER A OG  1 
ATOM   122  O  OG  B SER A 1 20  ? 12.994  -9.398  -5.608  0.50 42.40  ? 38  SER A OG  1 
ATOM   123  N  N   . GLY A 1 21  ? 8.629   -8.669  -4.436  1.00 40.71  ? 39  GLY A N   1 
ATOM   124  C  CA  . GLY A 1 21  ? 7.401   -8.872  -3.653  1.00 46.97  ? 39  GLY A CA  1 
ATOM   125  C  C   . GLY A 1 21  ? 6.495   -7.644  -3.639  1.00 44.37  ? 39  GLY A C   1 
ATOM   126  O  O   . GLY A 1 21  ? 5.325   -7.737  -3.293  1.00 41.17  ? 39  GLY A O   1 
ATOM   127  N  N   . TYR A 1 22  ? 7.050   -6.486  -3.979  1.00 37.20  ? 40  TYR A N   1 
ATOM   128  C  CA  . TYR A 1 22  ? 6.294   -5.233  -3.994  1.00 41.33  ? 40  TYR A CA  1 
ATOM   129  C  C   . TYR A 1 22  ? 5.908   -4.879  -5.434  1.00 42.59  ? 40  TYR A C   1 
ATOM   130  O  O   . TYR A 1 22  ? 6.716   -5.042  -6.345  1.00 47.48  ? 40  TYR A O   1 
ATOM   131  C  CB  . TYR A 1 22  ? 7.121   -4.126  -3.372  1.00 37.94  ? 40  TYR A CB  1 
ATOM   132  C  CG  . TYR A 1 22  ? 7.366   -4.277  -1.873  1.00 36.95  ? 40  TYR A CG  1 
ATOM   133  C  CD1 . TYR A 1 22  ? 8.396   -5.073  -1.403  1.00 37.05  ? 40  TYR A CD1 1 
ATOM   134  C  CD2 . TYR A 1 22  ? 6.566   -3.619  -0.932  1.00 37.13  ? 40  TYR A CD2 1 
ATOM   135  C  CE1 . TYR A 1 22  ? 8.639   -5.226  -0.054  1.00 33.39  ? 40  TYR A CE1 1 
ATOM   136  C  CE2 . TYR A 1 22  ? 6.809   -3.759  0.426   1.00 37.07  ? 40  TYR A CE2 1 
ATOM   137  C  CZ  . TYR A 1 22  ? 7.838   -4.585  0.859   1.00 35.58  ? 40  TYR A CZ  1 
ATOM   138  O  OH  . TYR A 1 22  ? 8.160   -4.735  2.190   1.00 36.23  ? 40  TYR A OH  1 
ATOM   139  N  N   . ILE A 1 23  ? 4.673   -4.415  -5.631  1.00 39.05  ? 41  ILE A N   1 
ATOM   140  C  CA  . ILE A 1 23  ? 4.162   -4.138  -6.959  1.00 41.67  ? 41  ILE A CA  1 
ATOM   141  C  C   . ILE A 1 23  ? 3.713   -2.699  -7.075  1.00 41.25  ? 41  ILE A C   1 
ATOM   142  O  O   . ILE A 1 23  ? 2.857   -2.259  -6.325  1.00 38.23  ? 41  ILE A O   1 
ATOM   143  C  CB  . ILE A 1 23  ? 2.997   -5.078  -7.297  1.00 44.09  ? 41  ILE A CB  1 
ATOM   144  C  CG1 . ILE A 1 23  ? 3.399   -6.535  -7.060  1.00 43.45  ? 41  ILE A CG1 1 
ATOM   145  C  CG2 . ILE A 1 23  ? 2.581   -4.886  -8.745  1.00 50.59  ? 41  ILE A CG2 1 
ATOM   146  C  CD1 . ILE A 1 23  ? 2.265   -7.523  -7.222  1.00 47.18  ? 41  ILE A CD1 1 
ATOM   147  N  N   . ARG A 1 24  ? 4.295   -1.952  -8.008  1.00 42.46  ? 42  ARG A N   1 
ATOM   148  C  CA  . ARG A 1 24  ? 3.897   -0.546  -8.195  1.00 40.50  ? 42  ARG A CA  1 
ATOM   149  C  C   . ARG A 1 24  ? 2.430   -0.398  -8.579  1.00 43.37  ? 42  ARG A C   1 
ATOM   150  O  O   . ARG A 1 24  ? 1.947   -0.987  -9.553  1.00 47.19  ? 42  ARG A O   1 
ATOM   151  C  CB  . ARG A 1 24  ? 4.807   0.161   -9.201  1.00 50.49  ? 42  ARG A CB  1 
ATOM   152  C  CG  . ARG A 1 24  ? 4.698   1.687   -9.130  1.00 47.18  ? 42  ARG A CG  1 
ATOM   153  C  CD  . ARG A 1 24  ? 5.548   2.338   -10.216 1.00 46.58  ? 42  ARG A CD  1 
ATOM   154  N  NE  . ARG A 1 24  ? 6.919   1.824   -10.198 1.00 48.98  ? 42  ARG A NE  1 
ATOM   155  C  CZ  . ARG A 1 24  ? 7.904   2.269   -9.422  1.00 51.43  ? 42  ARG A CZ  1 
ATOM   156  N  NH1 . ARG A 1 24  ? 7.718   3.282   -8.576  1.00 57.20  ? 42  ARG A NH1 1 
ATOM   157  N  NH2 . ARG A 1 24  ? 9.104   1.708   -9.516  1.00 49.77  ? 42  ARG A NH2 1 
ATOM   158  N  N   . LEU A 1 25  ? 1.721   0.395   -7.789  1.00 40.38  ? 43  LEU A N   1 
ATOM   159  C  CA  . LEU A 1 25  ? 0.283   0.532   -7.912  1.00 46.13  ? 43  LEU A CA  1 
ATOM   160  C  C   . LEU A 1 25  ? -0.152  1.579   -8.907  1.00 57.09  ? 43  LEU A C   1 
ATOM   161  O  O   . LEU A 1 25  ? -1.197  1.424   -9.539  1.00 54.29  ? 43  LEU A O   1 
ATOM   162  C  CB  . LEU A 1 25  ? -0.345  0.895   -6.565  1.00 46.07  ? 43  LEU A CB  1 
ATOM   163  C  CG  . LEU A 1 25  ? -0.656  -0.226  -5.582  1.00 49.27  ? 43  LEU A CG  1 
ATOM   164  C  CD1 . LEU A 1 25  ? -1.043  0.374   -4.238  1.00 47.74  ? 43  LEU A CD1 1 
ATOM   165  C  CD2 . LEU A 1 25  ? -1.768  -1.114  -6.110  1.00 52.32  ? 43  LEU A CD2 1 
ATOM   166  N  N   . VAL A 1 26  ? 0.633   2.650   -8.997  1.00 55.79  ? 44  VAL A N   1 
ATOM   167  C  CA  . VAL A 1 26  ? 0.328   3.816   -9.837  1.00 60.86  ? 44  VAL A CA  1 
ATOM   168  C  C   . VAL A 1 26  ? 1.587   4.155   -10.627 1.00 57.91  ? 44  VAL A C   1 
ATOM   169  O  O   . VAL A 1 26  ? 2.693   4.078   -10.091 1.00 53.89  ? 44  VAL A O   1 
ATOM   170  C  CB  . VAL A 1 26  ? -0.132  5.003   -8.958  1.00 64.62  ? 44  VAL A CB  1 
ATOM   171  C  CG1 . VAL A 1 26  ? -0.189  6.310   -9.754  1.00 68.66  ? 44  VAL A CG1 1 
ATOM   172  C  CG2 . VAL A 1 26  ? -1.479  4.685   -8.305  1.00 62.20  ? 44  VAL A CG2 1 
ATOM   173  N  N   . LYS A 1 27  ? 1.420   4.539   -11.892 1.00 63.10  ? 45  LYS A N   1 
ATOM   174  C  CA  . LYS A 1 27  ? 2.566   4.770   -12.795 1.00 71.61  ? 45  LYS A CA  1 
ATOM   175  C  C   . LYS A 1 27  ? 3.513   5.878   -12.314 1.00 59.91  ? 45  LYS A C   1 
ATOM   176  O  O   . LYS A 1 27  ? 3.053   6.926   -11.872 1.00 62.95  ? 45  LYS A O   1 
ATOM   177  C  CB  . LYS A 1 27  ? 2.071   5.081   -14.219 1.00 79.48  ? 45  LYS A CB  1 
ATOM   178  C  CG  . LYS A 1 27  ? 3.170   5.042   -15.269 1.00 88.51  ? 45  LYS A CG  1 
ATOM   179  C  CD  . LYS A 1 27  ? 2.613   5.156   -16.679 1.00 111.11 ? 45  LYS A CD  1 
ATOM   180  C  CE  . LYS A 1 27  ? 3.718   5.000   -17.714 1.00 120.58 ? 45  LYS A CE  1 
ATOM   181  N  NZ  . LYS A 1 27  ? 3.211   5.139   -19.106 1.00 134.66 ? 45  LYS A NZ  1 
ATOM   182  N  N   . ASN A 1 28  ? 4.824   5.620   -12.389 1.00 55.74  ? 46  ASN A N   1 
ATOM   183  C  CA  . ASN A 1 28  ? 5.873   6.587   -12.007 1.00 64.25  ? 46  ASN A CA  1 
ATOM   184  C  C   . ASN A 1 28  ? 5.777   7.150   -10.570 1.00 87.63  ? 46  ASN A C   1 
ATOM   185  O  O   . ASN A 1 28  ? 6.286   8.247   -10.272 1.00 69.23  ? 46  ASN A O   1 
ATOM   186  C  CB  . ASN A 1 28  ? 5.893   7.752   -13.011 1.00 81.29  ? 46  ASN A CB  1 
ATOM   187  C  CG  . ASN A 1 28  ? 6.188   7.299   -14.429 1.00 87.48  ? 46  ASN A CG  1 
ATOM   188  O  OD1 . ASN A 1 28  ? 6.748   6.225   -14.655 1.00 95.72  ? 46  ASN A OD1 1 
ATOM   189  N  ND2 . ASN A 1 28  ? 5.819   8.130   -15.395 1.00 106.29 ? 46  ASN A ND2 1 
ATOM   190  N  N   . VAL A 1 29  ? 5.136   6.393   -9.681  1.00 61.82  ? 47  VAL A N   1 
ATOM   191  C  CA  . VAL A 1 29  ? 4.949   6.819   -8.312  1.00 59.27  ? 47  VAL A CA  1 
ATOM   192  C  C   . VAL A 1 29  ? 5.470   5.699   -7.413  1.00 50.68  ? 47  VAL A C   1 
ATOM   193  O  O   . VAL A 1 29  ? 5.376   4.519   -7.758  1.00 48.27  ? 47  VAL A O   1 
ATOM   194  C  CB  . VAL A 1 29  ? 3.473   7.191   -8.063  1.00 58.94  ? 47  VAL A CB  1 
ATOM   195  C  CG1 . VAL A 1 29  ? 3.232   7.595   -6.623  1.00 50.73  ? 47  VAL A CG1 1 
ATOM   196  C  CG2 . VAL A 1 29  ? 3.090   8.363   -8.954  1.00 59.86  ? 47  VAL A CG2 1 
ATOM   197  N  N   . ASN A 1 30  ? 6.080   6.078   -6.294  1.00 41.44  ? 48  ASN A N   1 
ATOM   198  C  CA  . ASN A 1 30  ? 6.689   5.116   -5.360  1.00 41.40  ? 48  ASN A CA  1 
ATOM   199  C  C   . ASN A 1 30  ? 5.669   4.665   -4.331  1.00 37.39  ? 48  ASN A C   1 
ATOM   200  O  O   . ASN A 1 30  ? 5.860   4.869   -3.127  1.00 37.74  ? 48  ASN A O   1 
ATOM   201  C  CB  . ASN A 1 30  ? 7.897   5.749   -4.673  1.00 42.53  ? 48  ASN A CB  1 
ATOM   202  C  CG  . ASN A 1 30  ? 9.041   6.029   -5.646  1.00 66.21  ? 48  ASN A CG  1 
ATOM   203  O  OD1 . ASN A 1 30  ? 9.097   5.463   -6.740  1.00 50.01  ? 48  ASN A OD1 1 
ATOM   204  N  ND2 . ASN A 1 30  ? 9.962   6.896   -5.242  1.00 62.38  ? 48  ASN A ND2 1 
ATOM   205  N  N   . TYR A 1 31  ? 4.612   4.045   -4.852  1.00 39.97  ? 49  TYR A N   1 
ATOM   206  C  CA  . TYR A 1 31  ? 3.446   3.580   -4.123  1.00 40.48  ? 49  TYR A CA  1 
ATOM   207  C  C   . TYR A 1 31  ? 3.226   2.162   -4.605  1.00 38.38  ? 49  TYR A C   1 
ATOM   208  O  O   . TYR A 1 31  ? 3.037   1.927   -5.804  1.00 40.97  ? 49  TYR A O   1 
ATOM   209  C  CB  . TYR A 1 31  ? 2.248   4.441   -4.478  1.00 41.72  ? 49  TYR A CB  1 
ATOM   210  C  CG  . TYR A 1 31  ? 0.989   4.296   -3.633  1.00 40.78  ? 49  TYR A CG  1 
ATOM   211  C  CD1 . TYR A 1 31  ? 1.053   4.118   -2.259  1.00 49.85  ? 49  TYR A CD1 1 
ATOM   212  C  CD2 . TYR A 1 31  ? -0.266  4.445   -4.206  1.00 45.29  ? 49  TYR A CD2 1 
ATOM   213  C  CE1 . TYR A 1 31  ? -0.099  4.025   -1.491  1.00 50.33  ? 49  TYR A CE1 1 
ATOM   214  C  CE2 . TYR A 1 31  ? -1.425  4.361   -3.440  1.00 50.62  ? 49  TYR A CE2 1 
ATOM   215  C  CZ  . TYR A 1 31  ? -1.333  4.149   -2.080  1.00 51.57  ? 49  TYR A CZ  1 
ATOM   216  O  OH  . TYR A 1 31  ? -2.473  4.076   -1.296  1.00 52.31  ? 49  TYR A OH  1 
ATOM   217  N  N   . TYR A 1 32  ? 3.254   1.225   -3.652  1.00 40.05  ? 50  TYR A N   1 
ATOM   218  C  CA  . TYR A 1 32  ? 3.249   -0.206  -3.955  1.00 34.06  ? 50  TYR A CA  1 
ATOM   219  C  C   . TYR A 1 32  ? 2.235   -0.983  -3.138  1.00 36.63  ? 50  TYR A C   1 
ATOM   220  O  O   . TYR A 1 32  ? 1.898   -0.586  -2.019  1.00 37.82  ? 50  TYR A O   1 
ATOM   221  C  CB  . TYR A 1 32  ? 4.608   -0.792  -3.610  1.00 35.08  ? 50  TYR A CB  1 
ATOM   222  C  CG  . TYR A 1 32  ? 5.786   -0.044  -4.207  1.00 38.50  ? 50  TYR A CG  1 
ATOM   223  C  CD1 . TYR A 1 32  ? 6.248   -0.342  -5.485  1.00 43.54  ? 50  TYR A CD1 1 
ATOM   224  C  CD2 . TYR A 1 32  ? 6.411   0.985   -3.502  1.00 46.53  ? 50  TYR A CD2 1 
ATOM   225  C  CE1 . TYR A 1 32  ? 7.318   0.352   -6.036  1.00 42.31  ? 50  TYR A CE1 1 
ATOM   226  C  CE2 . TYR A 1 32  ? 7.468   1.692   -4.051  1.00 47.71  ? 50  TYR A CE2 1 
ATOM   227  C  CZ  . TYR A 1 32  ? 7.927   1.365   -5.317  1.00 48.36  ? 50  TYR A CZ  1 
ATOM   228  O  OH  . TYR A 1 32  ? 8.991   2.068   -5.873  1.00 48.16  ? 50  TYR A OH  1 
ATOM   229  N  N   . ILE A 1 33  ? 1.784   -2.103  -3.699  1.00 33.49  ? 51  ILE A N   1 
ATOM   230  C  CA  . ILE A 1 33  ? 1.077   -3.114  -2.916  1.00 37.01  ? 51  ILE A CA  1 
ATOM   231  C  C   . ILE A 1 33  ? 2.114   -4.169  -2.511  1.00 33.65  ? 51  ILE A C   1 
ATOM   232  O  O   . ILE A 1 33  ? 2.951   -4.607  -3.313  1.00 36.29  ? 51  ILE A O   1 
ATOM   233  C  CB  . ILE A 1 33  ? -0.180  -3.693  -3.625  1.00 33.64  ? 51  ILE A CB  1 
ATOM   234  C  CG1 . ILE A 1 33  ? -0.852  -4.761  -2.760  1.00 36.09  ? 51  ILE A CG1 1 
ATOM   235  C  CG2 . ILE A 1 33  ? 0.122   -4.305  -4.995  1.00 40.54  ? 51  ILE A CG2 1 
ATOM   236  C  CD1 . ILE A 1 33  ? -2.232  -5.163  -3.254  1.00 41.78  ? 51  ILE A CD1 1 
ATOM   237  N  N   . ASP A 1 34  ? 2.114   -4.505  -1.224  1.00 36.04  ? 52  ASP A N   1 
ATOM   238  C  CA  . ASP A 1 34  ? 2.978   -5.543  -0.691  1.00 36.09  ? 52  ASP A CA  1 
ATOM   239  C  C   . ASP A 1 34  ? 2.303   -6.889  -0.972  1.00 35.84  ? 52  ASP A C   1 
ATOM   240  O  O   . ASP A 1 34  ? 1.290   -7.219  -0.357  1.00 35.44  ? 52  ASP A O   1 
ATOM   241  C  CB  . ASP A 1 34  ? 3.170   -5.322  0.817   1.00 34.52  ? 52  ASP A CB  1 
ATOM   242  C  CG  . ASP A 1 34  ? 4.022   -6.378  1.461   1.00 31.97  ? 52  ASP A CG  1 
ATOM   243  O  OD1 . ASP A 1 34  ? 4.365   -7.358  0.783   1.00 40.28  ? 52  ASP A OD1 1 
ATOM   244  O  OD2 . ASP A 1 34  ? 4.392   -6.194  2.640   1.00 37.57  ? 52  ASP A OD2 1 
ATOM   245  N  N   . SER A 1 35  ? 2.848   -7.660  -1.899  1.00 35.46  ? 53  SER A N   1 
ATOM   246  C  CA  . SER A 1 35  ? 2.188   -8.901  -2.314  1.00 40.47  ? 53  SER A CA  1 
ATOM   247  C  C   . SER A 1 35  ? 2.047   -9.952  -1.188  1.00 38.73  ? 53  SER A C   1 
ATOM   248  O  O   . SER A 1 35  ? 1.055   -10.709 -1.170  1.00 40.11  ? 53  SER A O   1 
ATOM   249  C  CB  . SER A 1 35  ? 2.882   -9.490  -3.549  1.00 39.48  ? 53  SER A CB  1 
ATOM   250  O  OG  . SER A 1 35  ? 4.142   -9.994  -3.193  1.00 41.80  ? 53  SER A OG  1 
ATOM   251  N  N   . GLU A 1 36  ? 2.996   -9.989  -0.254  1.00 35.09  ? 54  GLU A N   1 
ATOM   252  C  CA  . GLU A 1 36  ? 2.923   -10.887 0.889   1.00 35.32  ? 54  GLU A CA  1 
ATOM   253  C  C   . GLU A 1 36  ? 1.778   -10.549 1.850   1.00 32.64  ? 54  GLU A C   1 
ATOM   254  O  O   . GLU A 1 36  ? 1.478   -11.347 2.733   1.00 35.28  ? 54  GLU A O   1 
ATOM   255  C  CB  . GLU A 1 36  ? 4.204   -10.827 1.706   1.00 36.02  ? 54  GLU A CB  1 
ATOM   256  C  CG  . GLU A 1 36  ? 5.385   -11.543 1.091   1.00 40.88  ? 54  GLU A CG  1 
ATOM   257  C  CD  . GLU A 1 36  ? 6.650   -11.384 1.905   1.00 37.75  ? 54  GLU A CD  1 
ATOM   258  O  OE1 . GLU A 1 36  ? 6.591   -10.828 3.016   1.00 36.27  ? 54  GLU A OE1 1 
ATOM   259  O  OE2 . GLU A 1 36  ? 7.727   -11.821 1.430   1.00 46.92  ? 54  GLU A OE2 1 
ATOM   260  N  N   . SER A 1 37  ? 1.200   -9.350  1.720   1.00 33.10  ? 55  SER A N   1 
ATOM   261  C  CA  . SER A 1 37  ? 0.124   -8.892  2.597   1.00 32.43  ? 55  SER A CA  1 
ATOM   262  C  C   . SER A 1 37  ? -1.265  -9.259  2.100   1.00 34.56  ? 55  SER A C   1 
ATOM   263  O  O   . SER A 1 37  ? -2.244  -9.145  2.845   1.00 34.93  ? 55  SER A O   1 
ATOM   264  C  CB  . SER A 1 37  ? 0.200   -7.366  2.772   1.00 31.38  ? 55  SER A CB  1 
ATOM   265  O  OG  . SER A 1 37  ? -0.179  -6.678  1.596   1.00 35.27  ? 55  SER A OG  1 
ATOM   266  N  N   . ILE A 1 38  ? -1.369  -9.691  0.848   1.00 33.58  ? 56  ILE A N   1 
ATOM   267  C  CA  . ILE A 1 38  ? -2.664  -9.875  0.252   1.00 32.83  ? 56  ILE A CA  1 
ATOM   268  C  C   . ILE A 1 38  ? -3.343  -11.101 0.868   1.00 34.90  ? 56  ILE A C   1 
ATOM   269  O  O   . ILE A 1 38  ? -2.785  -12.205 0.867   1.00 36.25  ? 56  ILE A O   1 
ATOM   270  C  CB  . ILE A 1 38  ? -2.577  -10.026 -1.274  1.00 39.14  ? 56  ILE A CB  1 
ATOM   271  C  CG1 . ILE A 1 38  ? -2.023  -8.731  -1.898  1.00 38.62  ? 56  ILE A CG1 1 
ATOM   272  C  CG2 . ILE A 1 38  ? -3.959  -10.375 -1.824  1.00 39.01  ? 56  ILE A CG2 1 
ATOM   273  C  CD1 . ILE A 1 38  ? -1.603  -8.843  -3.349  1.00 36.28  ? 56  ILE A CD1 1 
ATOM   274  N  N   . TRP A 1 39  ? -4.536  -10.891 1.396   1.00 31.82  ? 57  TRP A N   1 
ATOM   275  C  CA  . TRP A 1 39  ? -5.282  -11.968 2.038   1.00 40.76  ? 57  TRP A CA  1 
ATOM   276  C  C   . TRP A 1 39  ? -6.804  -11.789 1.989   1.00 35.87  ? 57  TRP A C   1 
ATOM   277  O  O   . TRP A 1 39  ? -7.343  -10.686 2.121   1.00 36.11  ? 57  TRP A O   1 
ATOM   278  C  CB  . TRP A 1 39  ? -4.792  -12.094 3.479   1.00 40.59  ? 57  TRP A CB  1 
ATOM   279  C  CG  . TRP A 1 39  ? -5.490  -13.155 4.270   1.00 37.88  ? 57  TRP A CG  1 
ATOM   280  C  CD1 . TRP A 1 39  ? -5.214  -14.492 4.290   1.00 53.49  ? 57  TRP A CD1 1 
ATOM   281  C  CD2 . TRP A 1 39  ? -6.573  -12.952 5.178   1.00 43.17  ? 57  TRP A CD2 1 
ATOM   282  N  NE1 . TRP A 1 39  ? -6.071  -15.141 5.156   1.00 50.43  ? 57  TRP A NE1 1 
ATOM   283  C  CE2 . TRP A 1 39  ? -6.910  -14.216 5.720   1.00 48.02  ? 57  TRP A CE2 1 
ATOM   284  C  CE3 . TRP A 1 39  ? -7.297  -11.828 5.584   1.00 37.73  ? 57  TRP A CE3 1 
ATOM   285  C  CZ2 . TRP A 1 39  ? -7.946  -14.385 6.650   1.00 45.32  ? 57  TRP A CZ2 1 
ATOM   286  C  CZ3 . TRP A 1 39  ? -8.320  -11.992 6.521   1.00 53.94  ? 57  TRP A CZ3 1 
ATOM   287  C  CH2 . TRP A 1 39  ? -8.632  -13.270 7.043   1.00 43.94  ? 57  TRP A CH2 1 
ATOM   288  N  N   . VAL A 1 40  ? -7.499  -12.911 1.812   1.00 37.36  ? 58  VAL A N   1 
ATOM   289  C  CA  . VAL A 1 40  ? -8.958  -12.953 1.738   1.00 37.30  ? 58  VAL A CA  1 
ATOM   290  C  C   . VAL A 1 40  ? -9.443  -14.071 2.665   1.00 38.69  ? 58  VAL A C   1 
ATOM   291  O  O   . VAL A 1 40  ? -8.927  -15.186 2.610   1.00 39.09  ? 58  VAL A O   1 
ATOM   292  C  CB  . VAL A 1 40  ? -9.439  -13.308 0.313   1.00 40.28  ? 58  VAL A CB  1 
ATOM   293  C  CG1 . VAL A 1 40  ? -10.968 -13.423 0.281   1.00 44.27  ? 58  VAL A CG1 1 
ATOM   294  C  CG2 . VAL A 1 40  ? -8.939  -12.282 -0.688  1.00 40.02  ? 58  VAL A CG2 1 
ATOM   295  N  N   . ASP A 1 41  ? -10.383 -13.751 3.532   1.00 39.87  ? 59  ASP A N   1 
ATOM   296  C  CA  . ASP A 1 41  ? -10.891 -14.705 4.493   1.00 44.71  ? 59  ASP A CA  1 
ATOM   297  C  C   . ASP A 1 41  ? -11.862 -15.635 3.760   1.00 44.73  ? 59  ASP A C   1 
ATOM   298  O  O   . ASP A 1 41  ? -12.711 -15.155 3.023   1.00 42.16  ? 59  ASP A O   1 
ATOM   299  C  CB  . ASP A 1 41  ? -11.621 -13.949 5.587   1.00 46.12  ? 59  ASP A CB  1 
ATOM   300  C  CG  . ASP A 1 41  ? -11.980 -14.835 6.780   1.00 60.44  ? 59  ASP A CG  1 
ATOM   301  O  OD1 . ASP A 1 41  ? -11.987 -16.075 6.658   1.00 64.32  ? 59  ASP A OD1 1 
ATOM   302  O  OD2 . ASP A 1 41  ? -12.269 -14.277 7.844   1.00 50.91  ? 59  ASP A OD2 1 
ATOM   303  N  N   . ASN A 1 42  ? -11.749 -16.951 3.954   1.00 50.03  ? 60  ASN A N   1 
ATOM   304  C  CA  . ASN A 1 42  ? -12.740 -17.883 3.354   1.00 50.19  ? 60  ASN A CA  1 
ATOM   305  C  C   . ASN A 1 42  ? -14.215 -17.666 3.787   1.00 50.05  ? 60  ASN A C   1 
ATOM   306  O  O   . ASN A 1 42  ? -15.128 -18.212 3.163   1.00 54.55  ? 60  ASN A O   1 
ATOM   307  C  CB  . ASN A 1 42  ? -12.313 -19.345 3.522   1.00 59.98  ? 60  ASN A CB  1 
ATOM   308  C  CG  . ASN A 1 42  ? -12.334 -19.819 4.969   1.00 66.67  ? 60  ASN A CG  1 
ATOM   309  O  OD1 . ASN A 1 42  ? -13.093 -19.320 5.811   1.00 63.56  ? 60  ASN A OD1 1 
ATOM   310  N  ND2 . ASN A 1 42  ? -11.507 -20.819 5.256   1.00 56.37  ? 60  ASN A ND2 1 
ATOM   311  N  N   . GLN A 1 43  ? -14.465 -16.848 4.809   1.00 47.41  ? 61  GLN A N   1 
ATOM   312  C  CA  . GLN A 1 43  ? -15.843 -16.555 5.239   1.00 54.89  ? 61  GLN A CA  1 
ATOM   313  C  C   . GLN A 1 43  ? -16.357 -15.223 4.723   1.00 56.67  ? 61  GLN A C   1 
ATOM   314  O  O   . GLN A 1 43  ? -17.525 -14.891 4.887   1.00 50.00  ? 61  GLN A O   1 
ATOM   315  C  CB  . GLN A 1 43  ? -15.939 -16.592 6.757   1.00 69.49  ? 61  GLN A CB  1 
ATOM   316  C  CG  . GLN A 1 43  ? -15.231 -17.803 7.336   1.00 78.02  ? 61  GLN A CG  1 
ATOM   317  C  CD  . GLN A 1 43  ? -15.598 -18.091 8.776   1.00 92.22  ? 61  GLN A CD  1 
ATOM   318  O  OE1 . GLN A 1 43  ? -16.155 -17.241 9.478   1.00 82.14  ? 61  GLN A OE1 1 
ATOM   319  N  NE2 . GLN A 1 43  ? -15.278 -19.301 9.229   1.00 84.65  ? 61  GLN A NE2 1 
ATOM   320  N  N   . GLU A 1 44  ? -15.487 -14.470 4.072   1.00 45.62  ? 62  GLU A N   1 
ATOM   321  C  CA  . GLU A 1 44  ? -15.829 -13.157 3.561   1.00 51.42  ? 62  GLU A CA  1 
ATOM   322  C  C   . GLU A 1 44  ? -15.147 -13.001 2.205   1.00 57.36  ? 62  GLU A C   1 
ATOM   323  O  O   . GLU A 1 44  ? -14.216 -12.216 2.066   1.00 47.62  ? 62  GLU A O   1 
ATOM   324  C  CB  . GLU A 1 44  ? -15.347 -12.076 4.533   1.00 57.71  ? 62  GLU A CB  1 
ATOM   325  C  CG  . GLU A 1 44  ? -16.198 -11.915 5.772   1.00 64.59  ? 62  GLU A CG  1 
ATOM   326  C  CD  . GLU A 1 44  ? -17.515 -11.227 5.481   1.00 84.66  ? 62  GLU A CD  1 
ATOM   327  O  OE1 . GLU A 1 44  ? -17.497 -10.145 4.855   1.00 97.86  ? 62  GLU A OE1 1 
ATOM   328  O  OE2 . GLU A 1 44  ? -18.570 -11.763 5.884   1.00 94.75  ? 62  GLU A OE2 1 
ATOM   329  N  N   . PRO A 1 45  ? -15.594 -13.778 1.201   1.00 53.92  ? 63  PRO A N   1 
ATOM   330  C  CA  . PRO A 1 45  ? -14.920 -13.688 -0.081  1.00 57.91  ? 63  PRO A CA  1 
ATOM   331  C  C   . PRO A 1 45  ? -15.171 -12.321 -0.698  1.00 44.82  ? 63  PRO A C   1 
ATOM   332  O  O   . PRO A 1 45  ? -16.029 -11.590 -0.247  1.00 47.62  ? 63  PRO A O   1 
ATOM   333  C  CB  . PRO A 1 45  ? -15.531 -14.834 -0.886  1.00 55.04  ? 63  PRO A CB  1 
ATOM   334  C  CG  . PRO A 1 45  ? -16.869 -15.038 -0.287  1.00 58.32  ? 63  PRO A CG  1 
ATOM   335  C  CD  . PRO A 1 45  ? -16.724 -14.721 1.170   1.00 57.32  ? 63  PRO A CD  1 
ATOM   336  N  N   . GLN A 1 46  ? -14.393 -11.961 -1.696  1.00 46.04  ? 64  GLN A N   1 
ATOM   337  C  CA  . GLN A 1 46  ? -14.499 -10.609 -2.289  1.00 50.57  ? 64  GLN A CA  1 
ATOM   338  C  C   . GLN A 1 46  ? -13.958 -9.458  -1.411  1.00 41.15  ? 64  GLN A C   1 
ATOM   339  O  O   . GLN A 1 46  ? -13.946 -8.326  -1.873  1.00 43.36  ? 64  GLN A O   1 
ATOM   340  C  CB  . GLN A 1 46  ? -15.947 -10.242 -2.666  1.00 56.00  ? 64  GLN A CB  1 
ATOM   341  C  CG  . GLN A 1 46  ? -16.762 -11.323 -3.355  1.00 54.81  ? 64  GLN A CG  1 
ATOM   342  C  CD  . GLN A 1 46  ? -18.135 -10.822 -3.702  1.00 53.02  ? 64  GLN A CD  1 
ATOM   343  O  OE1 . GLN A 1 46  ? -19.066 -10.912 -2.902  1.00 66.12  ? 64  GLN A OE1 1 
ATOM   344  N  NE2 . GLN A 1 46  ? -18.270 -10.281 -4.899  1.00 56.59  ? 64  GLN A NE2 1 
ATOM   345  N  N   . ILE A 1 47  ? -13.575 -9.705  -0.156  1.00 41.13  ? 65  ILE A N   1 
ATOM   346  C  CA  . ILE A 1 47  ? -12.986 -8.649  0.664   1.00 45.93  ? 65  ILE A CA  1 
ATOM   347  C  C   . ILE A 1 47  ? -11.483 -8.886  0.768   1.00 45.27  ? 65  ILE A C   1 
ATOM   348  O  O   . ILE A 1 47  ? -11.023 -9.812  1.457   1.00 41.93  ? 65  ILE A O   1 
ATOM   349  C  CB  . ILE A 1 47  ? -13.673 -8.561  2.024   1.00 50.29  ? 65  ILE A CB  1 
ATOM   350  C  CG1 . ILE A 1 47  ? -15.111 -8.065  1.803   1.00 59.51  ? 65  ILE A CG1 1 
ATOM   351  C  CG2 . ILE A 1 47  ? -12.910 -7.625  2.948   1.00 51.35  ? 65  ILE A CG2 1 
ATOM   352  C  CD1 . ILE A 1 47  ? -15.914 -7.877  3.069   1.00 60.70  ? 65  ILE A CD1 1 
ATOM   353  N  N   . VAL A 1 48  ? -10.720 -8.067  0.042   1.00 38.69  ? 66  VAL A N   1 
ATOM   354  C  CA  . VAL A 1 48  ? -9.261  -8.209  0.004   1.00 37.44  ? 66  VAL A CA  1 
ATOM   355  C  C   . VAL A 1 48  ? -8.548  -7.311  1.031   1.00 41.06  ? 66  VAL A C   1 
ATOM   356  O  O   . VAL A 1 48  ? -8.655  -6.105  0.989   1.00 41.51  ? 66  VAL A O   1 
ATOM   357  C  CB  . VAL A 1 48  ? -8.706  -7.885  -1.397  1.00 36.75  ? 66  VAL A CB  1 
ATOM   358  C  CG1 . VAL A 1 48  ? -7.230  -8.260  -1.502  1.00 37.34  ? 66  VAL A CG1 1 
ATOM   359  C  CG2 . VAL A 1 48  ? -9.501  -8.620  -2.473  1.00 40.71  ? 66  VAL A CG2 1 
ATOM   360  N  N   . HIS A 1 49  ? -7.827  -7.935  1.940   1.00 38.16  ? 67  HIS A N   1 
ATOM   361  C  CA  . HIS A 1 49  ? -6.999  -7.249  2.915   1.00 33.95  ? 67  HIS A CA  1 
ATOM   362  C  C   . HIS A 1 49  ? -5.613  -7.097  2.311   1.00 34.02  ? 67  HIS A C   1 
ATOM   363  O  O   . HIS A 1 49  ? -5.123  -8.012  1.656   1.00 32.77  ? 67  HIS A O   1 
ATOM   364  C  CB  . HIS A 1 49  ? -6.867  -8.090  4.179   1.00 39.40  ? 67  HIS A CB  1 
ATOM   365  C  CG  . HIS A 1 49  ? -8.132  -8.228  4.960   1.00 43.27  ? 67  HIS A CG  1 
ATOM   366  N  ND1 . HIS A 1 49  ? -8.250  -7.760  6.251   1.00 38.39  ? 67  HIS A ND1 1 
ATOM   367  C  CD2 . HIS A 1 49  ? -9.320  -8.806  4.655   1.00 45.47  ? 67  HIS A CD2 1 
ATOM   368  C  CE1 . HIS A 1 49  ? -9.464  -8.027  6.703   1.00 49.47  ? 67  HIS A CE1 1 
ATOM   369  N  NE2 . HIS A 1 49  ? -10.133 -8.664  5.759   1.00 42.82  ? 67  HIS A NE2 1 
ATOM   370  N  N   . PHE A 1 50  ? -4.981  -5.947  2.499   1.00 34.42  ? 68  PHE A N   1 
ATOM   371  C  CA  . PHE A 1 50  ? -3.610  -5.748  1.971   1.00 35.51  ? 68  PHE A CA  1 
ATOM   372  C  C   . PHE A 1 50  ? -2.970  -4.509  2.565   1.00 36.20  ? 68  PHE A C   1 
ATOM   373  O  O   . PHE A 1 50  ? -3.664  -3.661  3.123   1.00 38.24  ? 68  PHE A O   1 
ATOM   374  C  CB  . PHE A 1 50  ? -3.574  -5.633  0.441   1.00 33.05  ? 68  PHE A CB  1 
ATOM   375  C  CG  . PHE A 1 50  ? -4.210  -4.372  -0.106  1.00 39.15  ? 68  PHE A CG  1 
ATOM   376  C  CD1 . PHE A 1 50  ? -5.588  -4.282  -0.270  1.00 38.84  ? 68  PHE A CD1 1 
ATOM   377  C  CD2 . PHE A 1 50  ? -3.419  -3.286  -0.490  1.00 36.68  ? 68  PHE A CD2 1 
ATOM   378  C  CE1 . PHE A 1 50  ? -6.164  -3.127  -0.784  1.00 44.32  ? 68  PHE A CE1 1 
ATOM   379  C  CE2 . PHE A 1 50  ? -3.990  -2.132  -1.001  1.00 35.76  ? 68  PHE A CE2 1 
ATOM   380  C  CZ  . PHE A 1 50  ? -5.365  -2.052  -1.150  1.00 42.72  ? 68  PHE A CZ  1 
ATOM   381  N  N   . ASP A 1 51  ? -1.655  -4.417  2.424   1.00 34.94  ? 69  ASP A N   1 
ATOM   382  C  CA  . ASP A 1 51  ? -0.919  -3.223  2.871   1.00 35.80  ? 69  ASP A CA  1 
ATOM   383  C  C   . ASP A 1 51  ? -0.443  -2.468  1.630   1.00 38.39  ? 69  ASP A C   1 
ATOM   384  O  O   . ASP A 1 51  ? 0.095   -3.081  0.725   1.00 36.28  ? 69  ASP A O   1 
ATOM   385  C  CB  . ASP A 1 51  ? 0.336   -3.586  3.645   1.00 32.78  ? 69  ASP A CB  1 
ATOM   386  C  CG  . ASP A 1 51  ? 0.064   -4.101  5.058   1.00 41.48  ? 69  ASP A CG  1 
ATOM   387  O  OD1 . ASP A 1 51  ? -1.064  -4.042  5.575   1.00 39.86  ? 69  ASP A OD1 1 
ATOM   388  O  OD2 . ASP A 1 51  ? 1.033   -4.574  5.651   1.00 39.22  ? 69  ASP A OD2 1 
ATOM   389  N  N   . ALA A 1 52  ? -0.622  -1.149  1.594   1.00 38.06  ? 70  ALA A N   1 
ATOM   390  C  CA  . ALA A 1 52  ? 0.038   -0.317  0.577   1.00 35.44  ? 70  ALA A CA  1 
ATOM   391  C  C   . ALA A 1 52  ? 1.253   0.337   1.261   1.00 40.16  ? 70  ALA A C   1 
ATOM   392  O  O   . ALA A 1 52  ? 1.254   0.586   2.483   1.00 39.57  ? 70  ALA A O   1 
ATOM   393  C  CB  . ALA A 1 52  ? -0.918  0.699   -0.015  1.00 38.91  ? 70  ALA A CB  1 
ATOM   394  N  N   . VAL A 1 53  ? 2.325   0.528   0.494   1.00 36.70  ? 71  VAL A N   1 
ATOM   395  C  CA  . VAL A 1 53  ? 3.594   0.978   1.041   1.00 32.77  ? 71  VAL A CA  1 
ATOM   396  C  C   . VAL A 1 53  ? 4.068   2.195   0.212   1.00 39.06  ? 71  VAL A C   1 
ATOM   397  O  O   . VAL A 1 53  ? 4.063   2.145   -0.997  1.00 32.41  ? 71  VAL A O   1 
ATOM   398  C  CB  . VAL A 1 53  ? 4.640   -0.147  1.011   1.00 34.61  ? 71  VAL A CB  1 
ATOM   399  C  CG1 . VAL A 1 53  ? 6.004   0.357   1.432   1.00 40.59  ? 71  VAL A CG1 1 
ATOM   400  C  CG2 . VAL A 1 53  ? 4.223   -1.264  1.973   1.00 44.14  ? 71  VAL A CG2 1 
ATOM   401  N  N   . VAL A 1 54  ? 4.431   3.276   0.894   1.00 39.40  ? 72  VAL A N   1 
ATOM   402  C  CA  . VAL A 1 54  ? 4.928   4.504   0.252   1.00 36.65  ? 72  VAL A CA  1 
ATOM   403  C  C   . VAL A 1 54  ? 6.395   4.636   0.625   1.00 38.08  ? 72  VAL A C   1 
ATOM   404  O  O   . VAL A 1 54  ? 6.716   4.624   1.823   1.00 35.48  ? 72  VAL A O   1 
ATOM   405  C  CB  . VAL A 1 54  ? 4.214   5.781   0.766   1.00 35.73  ? 72  VAL A CB  1 
ATOM   406  C  CG1 . VAL A 1 54  ? 4.773   7.031   0.058   1.00 36.23  ? 72  VAL A CG1 1 
ATOM   407  C  CG2 . VAL A 1 54  ? 2.718   5.720   0.578   1.00 46.26  ? 72  VAL A CG2 1 
ATOM   408  N  N   . ASN A 1 55  ? 7.295   4.710   -0.366  1.00 36.31  ? 73  ASN A N   1 
ATOM   409  C  CA  . ASN A 1 55  ? 8.683   5.124   -0.098  1.00 35.44  ? 73  ASN A CA  1 
ATOM   410  C  C   . ASN A 1 55  ? 8.817   6.662   -0.197  1.00 39.31  ? 73  ASN A C   1 
ATOM   411  O  O   . ASN A 1 55  ? 8.510   7.249   -1.234  1.00 40.31  ? 73  ASN A O   1 
ATOM   412  C  CB  . ASN A 1 55  ? 9.657   4.423   -1.025  1.00 37.32  ? 73  ASN A CB  1 
ATOM   413  C  CG  . ASN A 1 55  ? 9.820   2.962   -0.685  1.00 41.09  ? 73  ASN A CG  1 
ATOM   414  O  OD1 . ASN A 1 55  ? 9.631   2.550   0.468   1.00 36.19  ? 73  ASN A OD1 1 
ATOM   415  N  ND2 . ASN A 1 55  ? 10.172  2.173   -1.676  1.00 36.55  ? 73  ASN A ND2 1 
ATOM   416  N  N   . LEU A 1 56  ? 9.247   7.292   0.896   1.00 39.51  ? 74  LEU A N   1 
ATOM   417  C  CA  . LEU A 1 56  ? 9.263   8.749   1.007   1.00 42.50  ? 74  LEU A CA  1 
ATOM   418  C  C   . LEU A 1 56  ? 10.401  9.431   0.257   1.00 44.02  ? 74  LEU A C   1 
ATOM   419  O  O   . LEU A 1 56  ? 11.468  8.851   0.106   1.00 39.86  ? 74  LEU A O   1 
ATOM   420  C  CB  . LEU A 1 56  ? 9.322   9.130   2.495   1.00 40.55  ? 74  LEU A CB  1 
ATOM   421  C  CG  . LEU A 1 56  ? 8.124   8.625   3.318   1.00 39.65  ? 74  LEU A CG  1 
ATOM   422  C  CD1 . LEU A 1 56  ? 8.371   8.912   4.783   1.00 37.35  ? 74  LEU A CD1 1 
ATOM   423  C  CD2 . LEU A 1 56  ? 6.838   9.271   2.857   1.00 37.00  ? 74  LEU A CD2 1 
ATOM   424  N  N   . ASP A 1 57  ? 10.146  10.653  -0.227  1.00 42.50  ? 75  ASP A N   1 
ATOM   425  C  CA  . ASP A 1 57  ? 11.178  11.524  -0.802  1.00 45.10  ? 75  ASP A CA  1 
ATOM   426  C  C   . ASP A 1 57  ? 11.858  12.343  0.300   1.00 42.31  ? 75  ASP A C   1 
ATOM   427  O  O   . ASP A 1 57  ? 13.008  12.737  0.145   1.00 52.00  ? 75  ASP A O   1 
ATOM   428  C  CB  . ASP A 1 57  ? 10.590  12.489  -1.838  1.00 59.62  ? 75  ASP A CB  1 
ATOM   429  C  CG  . ASP A 1 57  ? 10.274  11.803  -3.149  1.00 74.25  ? 75  ASP A CG  1 
ATOM   430  O  OD1 . ASP A 1 57  ? 11.185  11.145  -3.704  1.00 85.88  ? 75  ASP A OD1 1 
ATOM   431  O  OD2 . ASP A 1 57  ? 9.129   11.927  -3.630  1.00 76.57  ? 75  ASP A OD2 1 
ATOM   432  N  N   . LYS A 1 58  ? 11.143  12.609  1.394   1.00 43.34  ? 76  LYS A N   1 
ATOM   433  C  CA  . LYS A 1 58  ? 11.701  13.321  2.548   1.00 42.30  ? 76  LYS A CA  1 
ATOM   434  C  C   . LYS A 1 58  ? 11.370  12.647  3.868   1.00 45.32  ? 76  LYS A C   1 
ATOM   435  O  O   . LYS A 1 58  ? 10.275  12.106  4.029   1.00 44.30  ? 76  LYS A O   1 
ATOM   436  C  CB  . LYS A 1 58  ? 11.184  14.759  2.591   1.00 52.69  ? 76  LYS A CB  1 
ATOM   437  C  CG  . LYS A 1 58  ? 11.631  15.558  1.379   1.00 70.61  ? 76  LYS A CG  1 
ATOM   438  C  CD  . LYS A 1 58  ? 11.360  17.041  1.526   1.00 76.38  ? 76  LYS A CD  1 
ATOM   439  C  CE  . LYS A 1 58  ? 12.063  17.792  0.411   1.00 90.68  ? 76  LYS A CE  1 
ATOM   440  N  NZ  . LYS A 1 58  ? 11.900  19.262  0.526   1.00 118.23 ? 76  LYS A NZ  1 
ATOM   441  N  N   . GLY A 1 59  ? 12.287  12.744  4.832   1.00 41.59  ? 77  GLY A N   1 
ATOM   442  C  CA  . GLY A 1 59  ? 12.105  12.124  6.150   1.00 44.19  ? 77  GLY A CA  1 
ATOM   443  C  C   . GLY A 1 59  ? 10.955  12.709  6.938   1.00 45.13  ? 77  GLY A C   1 
ATOM   444  O  O   . GLY A 1 59  ? 10.696  13.913  6.880   1.00 50.17  ? 77  GLY A O   1 
ATOM   445  N  N   . LEU A 1 60  ? 10.240  11.858  7.662   1.00 41.99  ? 78  LEU A N   1 
ATOM   446  C  CA  . LEU A 1 60  ? 9.166   12.310  8.536   1.00 39.67  ? 78  LEU A CA  1 
ATOM   447  C  C   . LEU A 1 60  ? 9.543   12.083  9.975   1.00 45.64  ? 78  LEU A C   1 
ATOM   448  O  O   . LEU A 1 60  ? 9.796   10.925  10.390  1.00 39.52  ? 78  LEU A O   1 
ATOM   449  C  CB  . LEU A 1 60  ? 7.849   11.588  8.233   1.00 41.85  ? 78  LEU A CB  1 
ATOM   450  C  CG  . LEU A 1 60  ? 7.329   11.789  6.812   1.00 43.94  ? 78  LEU A CG  1 
ATOM   451  C  CD1 . LEU A 1 60  ? 6.088   10.928  6.633   1.00 54.54  ? 78  LEU A CD1 1 
ATOM   452  C  CD2 . LEU A 1 60  ? 7.012   13.242  6.513   1.00 57.70  ? 78  LEU A CD2 1 
ATOM   453  N  N   . TYR A 1 61  ? 9.554   13.178  10.748  1.00 41.77  ? 79  TYR A N   1 
ATOM   454  C  CA  . TYR A 1 61  ? 9.960   13.137  12.168  1.00 50.45  ? 79  TYR A CA  1 
ATOM   455  C  C   . TYR A 1 61  ? 8.798   12.806  13.064  1.00 53.43  ? 79  TYR A C   1 
ATOM   456  O  O   . TYR A 1 61  ? 8.171   13.685  13.655  1.00 55.97  ? 79  TYR A O   1 
ATOM   457  C  CB  . TYR A 1 61  ? 10.595  14.462  12.594  1.00 49.36  ? 79  TYR A CB  1 
ATOM   458  C  CG  . TYR A 1 61  ? 11.897  14.666  11.902  1.00 49.02  ? 79  TYR A CG  1 
ATOM   459  C  CD1 . TYR A 1 61  ? 11.949  15.203  10.631  1.00 54.08  ? 79  TYR A CD1 1 
ATOM   460  C  CD2 . TYR A 1 61  ? 13.074  14.248  12.486  1.00 54.46  ? 79  TYR A CD2 1 
ATOM   461  C  CE1 . TYR A 1 61  ? 13.153  15.361  9.978   1.00 52.22  ? 79  TYR A CE1 1 
ATOM   462  C  CE2 . TYR A 1 61  ? 14.273  14.399  11.843  1.00 46.32  ? 79  TYR A CE2 1 
ATOM   463  C  CZ  . TYR A 1 61  ? 14.304  14.958  10.589  1.00 51.75  ? 79  TYR A CZ  1 
ATOM   464  O  OH  . TYR A 1 61  ? 15.503  15.103  9.950   1.00 67.50  ? 79  TYR A OH  1 
ATOM   465  N  N   . VAL A 1 62  ? 8.538   11.510  13.179  1.00 44.29  ? 80  VAL A N   1 
ATOM   466  C  CA  . VAL A 1 62  ? 7.359   11.008  13.845  1.00 44.37  ? 80  VAL A CA  1 
ATOM   467  C  C   . VAL A 1 62  ? 7.698   10.064  15.003  1.00 46.47  ? 80  VAL A C   1 
ATOM   468  O  O   . VAL A 1 62  ? 6.834   9.332   15.482  1.00 46.13  ? 80  VAL A O   1 
ATOM   469  C  CB  . VAL A 1 62  ? 6.448   10.282  12.824  1.00 42.18  ? 80  VAL A CB  1 
ATOM   470  C  CG1 . VAL A 1 62  ? 5.931   11.276  11.789  1.00 49.33  ? 80  VAL A CG1 1 
ATOM   471  C  CG2 . VAL A 1 62  ? 7.202   9.129   12.142  1.00 41.85  ? 80  VAL A CG2 1 
ATOM   472  N  N   . TYR A 1 63  ? 8.956   10.077  15.438  1.00 47.51  ? 81  TYR A N   1 
ATOM   473  C  CA  . TYR A 1 63  ? 9.392   9.207   16.521  1.00 51.99  ? 81  TYR A CA  1 
ATOM   474  C  C   . TYR A 1 63  ? 9.522   9.985   17.832  1.00 63.93  ? 81  TYR A C   1 
ATOM   475  O  O   . TYR A 1 63  ? 9.620   11.223  17.820  1.00 59.06  ? 81  TYR A O   1 
ATOM   476  C  CB  . TYR A 1 63  ? 10.722  8.521   16.155  1.00 45.63  ? 81  TYR A CB  1 
ATOM   477  C  CG  . TYR A 1 63  ? 10.552  7.515   15.032  1.00 44.29  ? 81  TYR A CG  1 
ATOM   478  C  CD1 . TYR A 1 63  ? 10.613  7.909   13.707  1.00 39.88  ? 81  TYR A CD1 1 
ATOM   479  C  CD2 . TYR A 1 63  ? 10.314  6.166   15.305  1.00 45.74  ? 81  TYR A CD2 1 
ATOM   480  C  CE1 . TYR A 1 63  ? 10.425  7.004   12.682  1.00 40.41  ? 81  TYR A CE1 1 
ATOM   481  C  CE2 . TYR A 1 63  ? 10.132  5.249   14.291  1.00 41.85  ? 81  TYR A CE2 1 
ATOM   482  C  CZ  . TYR A 1 63  ? 10.192  5.674   12.979  1.00 47.13  ? 81  TYR A CZ  1 
ATOM   483  O  OH  . TYR A 1 63  ? 10.005  4.798   11.951  1.00 40.20  ? 81  TYR A OH  1 
ATOM   484  N  N   . PRO A 1 64  ? 9.491   9.258   18.968  1.00 53.45  ? 82  PRO A N   1 
ATOM   485  C  CA  . PRO A 1 64  ? 9.809   9.841   20.270  1.00 62.07  ? 82  PRO A CA  1 
ATOM   486  C  C   . PRO A 1 64  ? 11.185  10.502  20.228  1.00 65.91  ? 82  PRO A C   1 
ATOM   487  O  O   . PRO A 1 64  ? 11.361  11.598  20.741  1.00 69.51  ? 82  PRO A O   1 
ATOM   488  C  CB  . PRO A 1 64  ? 9.811   8.632   21.210  1.00 65.67  ? 82  PRO A CB  1 
ATOM   489  C  CG  . PRO A 1 64  ? 8.898   7.643   20.554  1.00 67.14  ? 82  PRO A CG  1 
ATOM   490  C  CD  . PRO A 1 64  ? 9.089   7.841   19.077  1.00 53.71  ? 82  PRO A CD  1 
ATOM   491  N  N   . GLU A 1 65  ? 12.133  9.833   19.579  1.00 67.79  ? 83  GLU A N   1 
ATOM   492  C  CA  . GLU A 1 65  ? 13.485  10.346  19.415  1.00 75.58  ? 83  GLU A CA  1 
ATOM   493  C  C   . GLU A 1 65  ? 13.436  11.484  18.381  1.00 78.46  ? 83  GLU A C   1 
ATOM   494  O  O   . GLU A 1 65  ? 13.274  11.229  17.185  1.00 64.24  ? 83  GLU A O   1 
ATOM   495  C  CB  . GLU A 1 65  ? 14.434  9.223   18.966  1.00 80.54  ? 83  GLU A CB  1 
ATOM   496  C  CG  . GLU A 1 65  ? 14.482  7.998   19.893  1.00 90.60  ? 83  GLU A CG  1 
ATOM   497  C  CD  . GLU A 1 65  ? 13.359  6.972   19.671  1.00 95.00  ? 83  GLU A CD  1 
ATOM   498  O  OE1 . GLU A 1 65  ? 12.831  6.850   18.542  1.00 63.56  ? 83  GLU A OE1 1 
ATOM   499  O  OE2 . GLU A 1 65  ? 13.007  6.260   20.636  1.00 105.38 ? 83  GLU A OE2 1 
ATOM   500  N  N   . PRO A 1 66  ? 13.585  12.747  18.834  1.00 78.74  ? 84  PRO A N   1 
ATOM   501  C  CA  . PRO A 1 66  ? 13.371  13.887  17.927  1.00 77.73  ? 84  PRO A CA  1 
ATOM   502  C  C   . PRO A 1 66  ? 14.182  13.900  16.624  1.00 72.99  ? 84  PRO A C   1 
ATOM   503  O  O   . PRO A 1 66  ? 13.764  14.543  15.660  1.00 74.37  ? 84  PRO A O   1 
ATOM   504  C  CB  . PRO A 1 66  ? 13.710  15.110  18.798  1.00 89.60  ? 84  PRO A CB  1 
ATOM   505  C  CG  . PRO A 1 66  ? 14.531  14.579  19.919  1.00 85.29  ? 84  PRO A CG  1 
ATOM   506  C  CD  . PRO A 1 66  ? 14.048  13.186  20.164  1.00 74.60  ? 84  PRO A CD  1 
ATOM   507  N  N   . LYS A 1 67  ? 15.309  13.196  16.581  1.00 52.45  ? 85  LYS A N   1 
ATOM   508  C  CA  . LYS A 1 67  ? 16.149  13.187  15.389  1.00 64.43  ? 85  LYS A CA  1 
ATOM   509  C  C   . LYS A 1 67  ? 15.883  12.026  14.429  1.00 61.38  ? 85  LYS A C   1 
ATOM   510  O  O   . LYS A 1 67  ? 16.423  12.029  13.317  1.00 54.63  ? 85  LYS A O   1 
ATOM   511  C  CB  . LYS A 1 67  ? 17.644  13.197  15.769  1.00 79.21  ? 85  LYS A CB  1 
ATOM   512  C  CG  . LYS A 1 67  ? 18.236  14.581  16.034  1.00 92.82  ? 85  LYS A CG  1 
ATOM   513  C  CD  . LYS A 1 67  ? 17.706  15.208  17.314  1.00 111.84 ? 85  LYS A CD  1 
ATOM   514  C  CE  . LYS A 1 67  ? 18.417  16.517  17.631  1.00 120.60 ? 85  LYS A CE  1 
ATOM   515  N  NZ  . LYS A 1 67  ? 18.050  17.031  18.982  1.00 118.73 ? 85  LYS A NZ  1 
ATOM   516  N  N   . ARG A 1 68  ? 15.097  11.032  14.844  1.00 62.17  ? 86  ARG A N   1 
ATOM   517  C  CA  . ARG A 1 68  ? 14.835  9.879   13.969  1.00 54.12  ? 86  ARG A CA  1 
ATOM   518  C  C   . ARG A 1 68  ? 13.701  10.203  13.011  1.00 39.63  ? 86  ARG A C   1 
ATOM   519  O  O   . ARG A 1 68  ? 12.702  10.836  13.414  1.00 47.57  ? 86  ARG A O   1 
ATOM   520  C  CB  . ARG A 1 68  ? 14.473  8.633   14.769  1.00 58.26  ? 86  ARG A CB  1 
ATOM   521  C  CG  . ARG A 1 68  ? 14.614  7.350   13.954  1.00 63.54  ? 86  ARG A CG  1 
ATOM   522  C  CD  . ARG A 1 68  ? 14.059  6.125   14.671  1.00 76.27  ? 86  ARG A CD  1 
ATOM   523  N  NE  . ARG A 1 68  ? 14.502  6.011   16.065  1.00 86.15  ? 86  ARG A NE  1 
ATOM   524  C  CZ  . ARG A 1 68  ? 15.688  5.552   16.466  1.00 92.94  ? 86  ARG A CZ  1 
ATOM   525  N  NH1 . ARG A 1 68  ? 16.608  5.166   15.587  1.00 89.26  ? 86  ARG A NH1 1 
ATOM   526  N  NH2 . ARG A 1 68  ? 15.962  5.493   17.766  1.00 93.39  ? 86  ARG A NH2 1 
ATOM   527  N  N   . TYR A 1 69  ? 13.847  9.758   11.764  1.00 44.92  ? 87  TYR A N   1 
ATOM   528  C  CA  . TYR A 1 69  ? 12.814  9.989   10.750  1.00 48.49  ? 87  TYR A CA  1 
ATOM   529  C  C   . TYR A 1 69  ? 12.416  8.720   9.994   1.00 45.57  ? 87  TYR A C   1 
ATOM   530  O  O   . TYR A 1 69  ? 13.231  7.821   9.797   1.00 37.23  ? 87  TYR A O   1 
ATOM   531  C  CB  . TYR A 1 69  ? 13.260  11.079  9.760   1.00 41.49  ? 87  TYR A CB  1 
ATOM   532  C  CG  . TYR A 1 69  ? 14.595  10.848  9.133   1.00 40.73  ? 87  TYR A CG  1 
ATOM   533  C  CD1 . TYR A 1 69  ? 14.704  10.125  7.955   1.00 41.55  ? 87  TYR A CD1 1 
ATOM   534  C  CD2 . TYR A 1 69  ? 15.769  11.368  9.710   1.00 44.93  ? 87  TYR A CD2 1 
ATOM   535  C  CE1 . TYR A 1 69  ? 15.921  9.892   7.374   1.00 43.24  ? 87  TYR A CE1 1 
ATOM   536  C  CE2 . TYR A 1 69  ? 17.005  11.150  9.120   1.00 41.01  ? 87  TYR A CE2 1 
ATOM   537  C  CZ  . TYR A 1 69  ? 17.074  10.406  7.960   1.00 50.20  ? 87  TYR A CZ  1 
ATOM   538  O  OH  . TYR A 1 69  ? 18.277  10.146  7.360   1.00 52.84  ? 87  TYR A OH  1 
ATOM   539  N  N   . ALA A 1 70  ? 11.145  8.647   9.595   1.00 39.63  ? 88  ALA A N   1 
ATOM   540  C  CA  . ALA A 1 70  ? 10.667  7.576   8.732   1.00 39.02  ? 88  ALA A CA  1 
ATOM   541  C  C   . ALA A 1 70  ? 11.112  7.755   7.293   1.00 34.98  ? 88  ALA A C   1 
ATOM   542  O  O   . ALA A 1 70  ? 11.281  8.871   6.804   1.00 37.23  ? 88  ALA A O   1 
ATOM   543  C  CB  . ALA A 1 70  ? 9.143   7.486   8.790   1.00 44.71  ? 88  ALA A CB  1 
ATOM   544  N  N   . ARG A 1 71  ? 11.316  6.635   6.613   1.00 32.89  ? 89  ARG A N   1 
ATOM   545  C  CA  . ARG A 1 71  ? 11.627  6.581   5.198   1.00 31.75  ? 89  ARG A CA  1 
ATOM   546  C  C   . ARG A 1 71  ? 10.488  5.965   4.385   1.00 34.44  ? 89  ARG A C   1 
ATOM   547  O  O   . ARG A 1 71  ? 10.452  6.088   3.156   1.00 35.40  ? 89  ARG A O   1 
ATOM   548  C  CB  . ARG A 1 71  ? 12.891  5.762   4.959   1.00 36.92  ? 89  ARG A CB  1 
ATOM   549  C  CG  . ARG A 1 71  ? 14.144  6.470   5.404   1.00 41.95  ? 89  ARG A CG  1 
ATOM   550  C  CD  . ARG A 1 71  ? 15.363  5.648   5.047   1.00 43.84  ? 89  ARG A CD  1 
ATOM   551  N  NE  . ARG A 1 71  ? 16.593  6.315   5.424   1.00 43.68  ? 89  ARG A NE  1 
ATOM   552  C  CZ  . ARG A 1 71  ? 17.045  6.452   6.673   1.00 62.28  ? 89  ARG A CZ  1 
ATOM   553  N  NH1 . ARG A 1 71  ? 16.372  5.976   7.721   1.00 58.44  ? 89  ARG A NH1 1 
ATOM   554  N  NH2 . ARG A 1 71  ? 18.195  7.086   6.885   1.00 74.46  ? 89  ARG A NH2 1 
ATOM   555  N  N   . SER A 1 72  ? 9.541   5.310   5.054   1.00 36.61  ? 90  SER A N   1 
ATOM   556  C  CA  . SER A 1 72  ? 8.398   4.747   4.355   1.00 34.95  ? 90  SER A CA  1 
ATOM   557  C  C   . SER A 1 72  ? 7.154   4.715   5.244   1.00 31.85  ? 90  SER A C   1 
ATOM   558  O  O   . SER A 1 72  ? 7.222   4.933   6.464   1.00 34.30  ? 90  SER A O   1 
ATOM   559  C  CB  . SER A 1 72  ? 8.703   3.336   3.839   1.00 38.87  ? 90  SER A CB  1 
ATOM   560  O  OG  . SER A 1 72  ? 9.023   2.480   4.907   1.00 36.30  ? 90  SER A OG  1 
ATOM   561  N  N   . VAL A 1 73  ? 6.029   4.429   4.603   1.00 31.75  ? 91  VAL A N   1 
ATOM   562  C  CA  . VAL A 1 73  ? 4.720   4.366   5.249   1.00 36.97  ? 91  VAL A CA  1 
ATOM   563  C  C   . VAL A 1 73  ? 4.051   3.049   4.840   1.00 35.78  ? 91  VAL A C   1 
ATOM   564  O  O   . VAL A 1 73  ? 4.085   2.669   3.683   1.00 35.31  ? 91  VAL A O   1 
ATOM   565  C  CB  . VAL A 1 73  ? 3.812   5.546   4.813   1.00 37.50  ? 91  VAL A CB  1 
ATOM   566  C  CG1 . VAL A 1 73  ? 2.552   5.593   5.642   1.00 40.92  ? 91  VAL A CG1 1 
ATOM   567  C  CG2 . VAL A 1 73  ? 4.542   6.861   4.945   1.00 44.32  ? 91  VAL A CG2 1 
ATOM   568  N  N   . ARG A 1 74  ? 3.448   2.363   5.808   1.00 36.58  ? 92  ARG A N   1 
ATOM   569  C  CA  . ARG A 1 74  ? 2.687   1.153   5.551   1.00 35.30  ? 92  ARG A CA  1 
ATOM   570  C  C   . ARG A 1 74  ? 1.237   1.425   5.955   1.00 39.71  ? 92  ARG A C   1 
ATOM   571  O  O   . ARG A 1 74  ? 0.954   1.787   7.097   1.00 41.28  ? 92  ARG A O   1 
ATOM   572  C  CB  . ARG A 1 74  ? 3.291   -0.001  6.353   1.00 35.40  ? 92  ARG A CB  1 
ATOM   573  C  CG  . ARG A 1 74  ? 2.775   -1.358  5.982   1.00 42.11  ? 92  ARG A CG  1 
ATOM   574  C  CD  . ARG A 1 74  ? 3.556   -2.446  6.729   1.00 36.31  ? 92  ARG A CD  1 
ATOM   575  N  NE  . ARG A 1 74  ? 4.739   -2.903  6.008   1.00 36.60  ? 92  ARG A NE  1 
ATOM   576  C  CZ  . ARG A 1 74  ? 4.746   -3.783  4.990   1.00 33.14  ? 92  ARG A CZ  1 
ATOM   577  N  NH1 . ARG A 1 74  ? 3.628   -4.280  4.504   1.00 36.26  ? 92  ARG A NH1 1 
ATOM   578  N  NH2 . ARG A 1 74  ? 5.886   -4.158  4.438   1.00 37.35  ? 92  ARG A NH2 1 
ATOM   579  N  N   . GLN A 1 75  ? 0.330   1.277   5.008   1.00 36.63  ? 93  GLN A N   1 
ATOM   580  C  CA  . GLN A 1 75  ? -1.088  1.547   5.218   1.00 38.38  ? 93  GLN A CA  1 
ATOM   581  C  C   . GLN A 1 75  ? -1.854  0.228   5.059   1.00 42.37  ? 93  GLN A C   1 
ATOM   582  O  O   . GLN A 1 75  ? -1.842  -0.345  3.994   1.00 39.01  ? 93  GLN A O   1 
ATOM   583  C  CB  . GLN A 1 75  ? -1.590  2.508   4.149   1.00 38.37  ? 93  GLN A CB  1 
ATOM   584  C  CG  . GLN A 1 75  ? -1.029  3.924   4.200   1.00 50.51  ? 93  GLN A CG  1 
ATOM   585  C  CD  . GLN A 1 75  ? -1.415  4.755   2.976   1.00 58.84  ? 93  GLN A CD  1 
ATOM   586  O  OE1 . GLN A 1 75  ? -1.436  4.268   1.833   1.00 53.67  ? 93  GLN A OE1 1 
ATOM   587  N  NE2 . GLN A 1 75  ? -1.723  6.018   3.211   1.00 79.05  ? 93  GLN A NE2 1 
ATOM   588  N  N   . TYR A 1 76  ? -2.517  -0.234  6.116   1.00 39.52  ? 94  TYR A N   1 
ATOM   589  C  CA  . TYR A 1 76  ? -3.363  -1.425  6.058   1.00 37.93  ? 94  TYR A CA  1 
ATOM   590  C  C   . TYR A 1 76  ? -4.708  -1.002  5.528   1.00 40.41  ? 94  TYR A C   1 
ATOM   591  O  O   . TYR A 1 76  ? -5.344  -0.088  6.070   1.00 40.96  ? 94  TYR A O   1 
ATOM   592  C  CB  . TYR A 1 76  ? -3.438  -2.071  7.457   1.00 42.52  ? 94  TYR A CB  1 
ATOM   593  C  CG  . TYR A 1 76  ? -4.379  -3.243  7.631   1.00 43.26  ? 94  TYR A CG  1 
ATOM   594  C  CD1 . TYR A 1 76  ? -4.428  -4.285  6.709   1.00 36.34  ? 94  TYR A CD1 1 
ATOM   595  C  CD2 . TYR A 1 76  ? -5.202  -3.330  8.754   1.00 45.49  ? 94  TYR A CD2 1 
ATOM   596  C  CE1 . TYR A 1 76  ? -5.283  -5.370  6.902   1.00 37.07  ? 94  TYR A CE1 1 
ATOM   597  C  CE2 . TYR A 1 76  ? -6.056  -4.413  8.946   1.00 43.36  ? 94  TYR A CE2 1 
ATOM   598  C  CZ  . TYR A 1 76  ? -6.084  -5.432  8.018   1.00 43.94  ? 94  TYR A CZ  1 
ATOM   599  O  OH  . TYR A 1 76  ? -6.925  -6.510  8.191   1.00 43.39  ? 94  TYR A OH  1 
ATOM   600  N  N   . LYS A 1 77  ? -5.143  -1.680  4.468   1.00 35.90  ? 95  LYS A N   1 
ATOM   601  C  CA  . LYS A 1 77  ? -6.372  -1.371  3.770   1.00 41.13  ? 95  LYS A CA  1 
ATOM   602  C  C   . LYS A 1 77  ? -7.211  -2.632  3.522   1.00 39.82  ? 95  LYS A C   1 
ATOM   603  O  O   . LYS A 1 77  ? -6.692  -3.760  3.535   1.00 36.48  ? 95  LYS A O   1 
ATOM   604  C  CB  . LYS A 1 77  ? -6.039  -0.740  2.423   1.00 37.37  ? 95  LYS A CB  1 
ATOM   605  C  CG  . LYS A 1 77  ? -5.435  0.662   2.554   1.00 46.89  ? 95  LYS A CG  1 
ATOM   606  C  CD  . LYS A 1 77  ? -5.213  1.282   1.193   1.00 42.01  ? 95  LYS A CD  1 
ATOM   607  C  CE  . LYS A 1 77  ? -4.365  2.542   1.268   1.00 50.28  ? 95  LYS A CE  1 
ATOM   608  N  NZ  . LYS A 1 77  ? -5.135  3.717   1.788   1.00 48.91  ? 95  LYS A NZ  1 
ATOM   609  N  N   . ILE A 1 78  ? -8.493  -2.417  3.270   1.00 43.92  ? 96  ILE A N   1 
ATOM   610  C  CA  . ILE A 1 78  ? -9.437  -3.506  2.982   1.00 41.40  ? 96  ILE A CA  1 
ATOM   611  C  C   . ILE A 1 78  ? -10.307 -3.096  1.811   1.00 41.84  ? 96  ILE A C   1 
ATOM   612  O  O   . ILE A 1 78  ? -11.091 -2.142  1.892   1.00 45.60  ? 96  ILE A O   1 
ATOM   613  C  CB  . ILE A 1 78  ? -10.307 -3.846  4.196   1.00 45.76  ? 96  ILE A CB  1 
ATOM   614  C  CG1 . ILE A 1 78  ? -9.442  -4.242  5.392   1.00 47.09  ? 96  ILE A CG1 1 
ATOM   615  C  CG2 . ILE A 1 78  ? -11.276 -4.983  3.832   1.00 52.43  ? 96  ILE A CG2 1 
ATOM   616  C  CD1 . ILE A 1 78  ? -10.224 -4.342  6.690   1.00 55.94  ? 96  ILE A CD1 1 
ATOM   617  N  N   . LEU A 1 79  ? -10.143 -3.804  0.700   1.00 38.18  ? 97  LEU A N   1 
ATOM   618  C  CA  . LEU A 1 79  ? -10.867 -3.519  -0.507  1.00 37.67  ? 97  LEU A CA  1 
ATOM   619  C  C   . LEU A 1 79  ? -12.020 -4.512  -0.690  1.00 51.37  ? 97  LEU A C   1 
ATOM   620  O  O   . LEU A 1 79  ? -11.808 -5.736  -0.774  1.00 43.01  ? 97  LEU A O   1 
ATOM   621  C  CB  . LEU A 1 79  ? -9.939  -3.606  -1.722  1.00 37.93  ? 97  LEU A CB  1 
ATOM   622  C  CG  . LEU A 1 79  ? -10.601 -3.513  -3.088  1.00 37.33  ? 97  LEU A CG  1 
ATOM   623  C  CD1 . LEU A 1 79  ? -11.332 -2.196  -3.266  1.00 46.13  ? 97  LEU A CD1 1 
ATOM   624  C  CD2 . LEU A 1 79  ? -9.609  -3.716  -4.210  1.00 44.16  ? 97  LEU A CD2 1 
ATOM   625  N  N   . ASN A 1 80  ? -13.226 -3.972  -0.782  1.00 45.99  ? 98  ASN A N   1 
ATOM   626  C  CA  . ASN A 1 80  ? -14.438 -4.770  -1.050  1.00 45.47  ? 98  ASN A CA  1 
ATOM   627  C  C   . ASN A 1 80  ? -14.719 -4.781  -2.553  1.00 40.82  ? 98  ASN A C   1 
ATOM   628  O  O   . ASN A 1 80  ? -15.151 -3.786  -3.131  1.00 48.58  ? 98  ASN A O   1 
ATOM   629  C  CB  . ASN A 1 80  ? -15.616 -4.211  -0.252  1.00 53.49  ? 98  ASN A CB  1 
ATOM   630  C  CG  . ASN A 1 80  ? -16.842 -5.132  -0.269  1.00 62.39  ? 98  ASN A CG  1 
ATOM   631  O  OD1 . ASN A 1 80  ? -16.946 -6.052  -1.082  1.00 56.26  ? 98  ASN A OD1 1 
ATOM   632  N  ND2 . ASN A 1 80  ? -17.767 -4.885  0.644   1.00 57.52  ? 98  ASN A ND2 1 
ATOM   633  N  N   . CYS A 1 81  ? -14.434 -5.903  -3.195  1.00 43.89  ? 99  CYS A N   1 
ATOM   634  C  CA  . CYS A 1 81  ? -14.628 -6.032  -4.631  1.00 47.56  ? 99  CYS A CA  1 
ATOM   635  C  C   . CYS A 1 81  ? -16.099 -6.080  -5.068  1.00 53.33  ? 99  CYS A C   1 
ATOM   636  O  O   . CYS A 1 81  ? -16.383 -6.003  -6.266  1.00 46.51  ? 99  CYS A O   1 
ATOM   637  C  CB  . CYS A 1 81  ? -13.870 -7.247  -5.163  1.00 53.01  ? 99  CYS A CB  1 
ATOM   638  S  SG  . CYS A 1 81  ? -12.074 -7.040  -5.117  1.00 46.84  ? 99  CYS A SG  1 
ATOM   639  N  N   . ALA A 1 82  ? -17.029 -6.192  -4.123  1.00 51.49  ? 100 ALA A N   1 
ATOM   640  C  CA  . ALA A 1 82  ? -18.456 -6.192  -4.477  1.00 60.92  ? 100 ALA A CA  1 
ATOM   641  C  C   . ALA A 1 82  ? -18.903 -4.783  -4.829  1.00 76.12  ? 100 ALA A C   1 
ATOM   642  O  O   . ALA A 1 82  ? -19.460 -4.553  -5.909  1.00 82.23  ? 100 ALA A O   1 
ATOM   643  C  CB  . ALA A 1 82  ? -19.301 -6.727  -3.327  1.00 64.29  ? 100 ALA A CB  1 
ATOM   644  N  N   . ASN A 1 83  ? -18.626 -3.843  -3.921  1.00 68.63  ? 101 ASN A N   1 
ATOM   645  C  CA  . ASN A 1 83  ? -19.053 -2.442  -4.077  1.00 72.17  ? 101 ASN A CA  1 
ATOM   646  C  C   . ASN A 1 83  ? -17.939 -1.440  -4.440  1.00 81.57  ? 101 ASN A C   1 
ATOM   647  O  O   . ASN A 1 83  ? -18.230 -0.267  -4.710  1.00 72.57  ? 101 ASN A O   1 
ATOM   648  C  CB  . ASN A 1 83  ? -19.765 -1.977  -2.799  1.00 65.30  ? 101 ASN A CB  1 
ATOM   649  C  CG  . ASN A 1 83  ? -18.921 -2.170  -1.567  1.00 66.44  ? 101 ASN A CG  1 
ATOM   650  O  OD1 . ASN A 1 83  ? -17.733 -2.466  -1.670  1.00 63.05  ? 101 ASN A OD1 1 
ATOM   651  N  ND2 . ASN A 1 83  ? -19.521 -2.010  -0.395  1.00 68.98  ? 101 ASN A ND2 1 
ATOM   652  N  N   . TYR A 1 84  ? -16.684 -1.899  -4.466  1.00 64.70  ? 102 TYR A N   1 
ATOM   653  C  CA  . TYR A 1 84  ? -15.528 -1.028  -4.722  1.00 53.82  ? 102 TYR A CA  1 
ATOM   654  C  C   . TYR A 1 84  ? -15.409 0.055   -3.642  1.00 50.17  ? 102 TYR A C   1 
ATOM   655  O  O   . TYR A 1 84  ? -15.125 1.215   -3.908  1.00 71.19  ? 102 TYR A O   1 
ATOM   656  C  CB  . TYR A 1 84  ? -15.563 -0.453  -6.134  1.00 51.85  ? 102 TYR A CB  1 
ATOM   657  C  CG  . TYR A 1 84  ? -15.061 -1.412  -7.187  1.00 59.57  ? 102 TYR A CG  1 
ATOM   658  C  CD1 . TYR A 1 84  ? -15.762 -2.572  -7.503  1.00 66.98  ? 102 TYR A CD1 1 
ATOM   659  C  CD2 . TYR A 1 84  ? -13.882 -1.157  -7.872  1.00 64.42  ? 102 TYR A CD2 1 
ATOM   660  C  CE1 . TYR A 1 84  ? -15.289 -3.456  -8.463  1.00 56.48  ? 102 TYR A CE1 1 
ATOM   661  C  CE2 . TYR A 1 84  ? -13.410 -2.021  -8.838  1.00 61.72  ? 102 TYR A CE2 1 
ATOM   662  C  CZ  . TYR A 1 84  ? -14.107 -3.169  -9.129  1.00 63.86  ? 102 TYR A CZ  1 
ATOM   663  O  OH  . TYR A 1 84  ? -13.605 -4.013  -10.098 1.00 56.45  ? 102 TYR A OH  1 
ATOM   664  N  N   . HIS A 1 85  ? -15.657 -0.365  -2.413  1.00 48.44  ? 103 HIS A N   1 
ATOM   665  C  CA  . HIS A 1 85  ? -15.423 0.433   -1.229  1.00 48.49  ? 103 HIS A CA  1 
ATOM   666  C  C   . HIS A 1 85  ? -14.028 0.065   -0.688  1.00 58.48  ? 103 HIS A C   1 
ATOM   667  O  O   . HIS A 1 85  ? -13.730 -1.124  -0.485  1.00 52.45  ? 103 HIS A O   1 
ATOM   668  C  CB  . HIS A 1 85  ? -16.448 0.105   -0.162  1.00 55.17  ? 103 HIS A CB  1 
ATOM   669  C  CG  . HIS A 1 85  ? -17.792 0.720   -0.396  1.00 66.00  ? 103 HIS A CG  1 
ATOM   670  N  ND1 . HIS A 1 85  ? -18.628 1.082   0.638   1.00 62.05  ? 103 HIS A ND1 1 
ATOM   671  C  CD2 . HIS A 1 85  ? -18.430 1.069   -1.539  1.00 67.50  ? 103 HIS A CD2 1 
ATOM   672  C  CE1 . HIS A 1 85  ? -19.733 1.605   0.143   1.00 72.73  ? 103 HIS A CE1 1 
ATOM   673  N  NE2 . HIS A 1 85  ? -19.636 1.613   -1.174  1.00 78.93  ? 103 HIS A NE2 1 
ATOM   674  N  N   . LEU A 1 86  ? -13.195 1.072   -0.434  1.00 57.77  ? 104 LEU A N   1 
ATOM   675  C  CA  . LEU A 1 86  ? -11.829 0.868   0.097   1.00 50.78  ? 104 LEU A CA  1 
ATOM   676  C  C   . LEU A 1 86  ? -11.713 1.479   1.482   1.00 51.75  ? 104 LEU A C   1 
ATOM   677  O  O   . LEU A 1 86  ? -11.892 2.680   1.632   1.00 57.72  ? 104 LEU A O   1 
ATOM   678  C  CB  . LEU A 1 86  ? -10.822 1.524   -0.836  1.00 56.99  ? 104 LEU A CB  1 
ATOM   679  C  CG  . LEU A 1 86  ? -9.337  1.365   -0.505  1.00 59.80  ? 104 LEU A CG  1 
ATOM   680  C  CD1 . LEU A 1 86  ? -8.910  -0.092  -0.636  1.00 48.66  ? 104 LEU A CD1 1 
ATOM   681  C  CD2 . LEU A 1 86  ? -8.533  2.246   -1.436  1.00 56.54  ? 104 LEU A CD2 1 
ATOM   682  N  N   . THR A 1 87  ? -11.434 0.650   2.484   1.00 46.91  ? 105 THR A N   1 
ATOM   683  C  CA  . THR A 1 87  ? -11.290 1.086   3.853   1.00 44.35  ? 105 THR A CA  1 
ATOM   684  C  C   . THR A 1 87  ? -9.817  1.186   4.291   1.00 62.23  ? 105 THR A C   1 
ATOM   685  O  O   . THR A 1 87  ? -9.028  0.232   4.160   1.00 46.78  ? 105 THR A O   1 
ATOM   686  C  CB  . THR A 1 87  ? -12.072 0.175   4.796   1.00 52.96  ? 105 THR A CB  1 
ATOM   687  O  OG1 . THR A 1 87  ? -13.452 0.222   4.419   1.00 58.57  ? 105 THR A OG1 1 
ATOM   688  C  CG2 . THR A 1 87  ? -11.934 0.602   6.238   1.00 60.42  ? 105 THR A CG2 1 
ATOM   689  N  N   . GLN A 1 88  ? -9.470  2.367   4.804   1.00 48.72  ? 106 GLN A N   1 
ATOM   690  C  CA  . GLN A 1 88  ? -8.136  2.665   5.332   1.00 42.43  ? 106 GLN A CA  1 
ATOM   691  C  C   . GLN A 1 88  ? -8.216  2.381   6.810   1.00 43.25  ? 106 GLN A C   1 
ATOM   692  O  O   . GLN A 1 88  ? -8.990  3.004   7.531   1.00 47.22  ? 106 GLN A O   1 
ATOM   693  C  CB  . GLN A 1 88  ? -7.810  4.135   5.063   1.00 54.13  ? 106 GLN A CB  1 
ATOM   694  C  CG  . GLN A 1 88  ? -6.580  4.639   5.779   1.00 52.21  ? 106 GLN A CG  1 
ATOM   695  C  CD  . GLN A 1 88  ? -5.319  3.904   5.365   1.00 54.48  ? 106 GLN A CD  1 
ATOM   696  O  OE1 . GLN A 1 88  ? -5.033  3.772   4.186   1.00 55.21  ? 106 GLN A OE1 1 
ATOM   697  N  NE2 . GLN A 1 88  ? -4.550  3.450   6.343   1.00 64.86  ? 106 GLN A NE2 1 
ATOM   698  N  N   . VAL A 1 89  ? -7.452  1.404   7.270   1.00 40.55  ? 107 VAL A N   1 
ATOM   699  C  CA  . VAL A 1 89  ? -7.585  0.909   8.624   1.00 46.14  ? 107 VAL A CA  1 
ATOM   700  C  C   . VAL A 1 89  ? -6.528  1.496   9.559   1.00 54.82  ? 107 VAL A C   1 
ATOM   701  O  O   . VAL A 1 89  ? -6.869  2.034   10.610  1.00 44.98  ? 107 VAL A O   1 
ATOM   702  C  CB  . VAL A 1 89  ? -7.492  -0.632  8.622   1.00 49.40  ? 107 VAL A CB  1 
ATOM   703  C  CG1 . VAL A 1 89  ? -7.630  -1.174  10.027  1.00 49.67  ? 107 VAL A CG1 1 
ATOM   704  C  CG2 . VAL A 1 89  ? -8.540  -1.229  7.679   1.00 45.68  ? 107 VAL A CG2 1 
ATOM   705  N  N   . ARG A 1 90  ? -5.254  1.386   9.166   1.00 44.98  ? 108 ARG A N   1 
ATOM   706  C  CA  . ARG A 1 90  ? -4.134  1.838   9.977   1.00 46.10  ? 108 ARG A CA  1 
ATOM   707  C  C   . ARG A 1 90  ? -3.008  2.402   9.071   1.00 47.05  ? 108 ARG A C   1 
ATOM   708  O  O   . ARG A 1 90  ? -2.824  1.933   7.955   1.00 43.00  ? 108 ARG A O   1 
ATOM   709  C  CB  . ARG A 1 90  ? -3.567  0.649   10.760  1.00 51.77  ? 108 ARG A CB  1 
ATOM   710  C  CG  . ARG A 1 90  ? -2.931  1.004   12.098  1.00 72.64  ? 108 ARG A CG  1 
ATOM   711  C  CD  . ARG A 1 90  ? -3.847  0.767   13.305  1.00 79.21  ? 108 ARG A CD  1 
ATOM   712  N  NE  . ARG A 1 90  ? -5.268  1.005   13.036  1.00 99.82  ? 108 ARG A NE  1 
ATOM   713  C  CZ  . ARG A 1 90  ? -6.247  0.860   13.928  1.00 86.57  ? 108 ARG A CZ  1 
ATOM   714  N  NH1 . ARG A 1 90  ? -5.983  0.502   15.182  1.00 97.21  ? 108 ARG A NH1 1 
ATOM   715  N  NH2 . ARG A 1 90  ? -7.504  1.096   13.561  1.00 80.47  ? 108 ARG A NH2 1 
ATOM   716  N  N   . THR A 1 91  ? -2.283  3.394   9.578   1.00 40.98  ? 109 THR A N   1 
ATOM   717  C  CA  . THR A 1 91  ? -1.091  3.982   8.936   1.00 44.10  ? 109 THR A CA  1 
ATOM   718  C  C   . THR A 1 91  ? 0.060   3.891   9.930   1.00 45.67  ? 109 THR A C   1 
ATOM   719  O  O   . THR A 1 91  ? -0.075  4.302   11.086  1.00 42.51  ? 109 THR A O   1 
ATOM   720  C  CB  . THR A 1 91  ? -1.310  5.468   8.583   1.00 45.67  ? 109 THR A CB  1 
ATOM   721  O  OG1 . THR A 1 91  ? -2.308  5.574   7.571   1.00 43.11  ? 109 THR A OG1 1 
ATOM   722  C  CG2 . THR A 1 91  ? -0.028  6.126   8.072   1.00 44.92  ? 109 THR A CG2 1 
ATOM   723  N  N   . ASP A 1 92  ? 1.183   3.315   9.505   1.00 34.85  ? 110 ASP A N   1 
ATOM   724  C  CA  . ASP A 1 92  ? 2.343   3.184   10.365  1.00 38.76  ? 110 ASP A CA  1 
ATOM   725  C  C   . ASP A 1 92  ? 3.524   3.708   9.589   1.00 35.56  ? 110 ASP A C   1 
ATOM   726  O  O   . ASP A 1 92  ? 3.559   3.578   8.368   1.00 39.36  ? 110 ASP A O   1 
ATOM   727  C  CB  . ASP A 1 92  ? 2.586   1.736   10.743  1.00 41.62  ? 110 ASP A CB  1 
ATOM   728  C  CG  . ASP A 1 92  ? 1.465   1.168   11.618  1.00 55.56  ? 110 ASP A CG  1 
ATOM   729  O  OD1 . ASP A 1 92  ? 1.362   1.565   12.794  1.00 52.67  ? 110 ASP A OD1 1 
ATOM   730  O  OD2 . ASP A 1 92  ? 0.700   0.322   11.131  1.00 65.67  ? 110 ASP A OD2 1 
ATOM   731  N  N   . PHE A 1 93  ? 4.467   4.286   10.310  1.00 36.71  ? 111 PHE A N   1 
ATOM   732  C  CA  . PHE A 1 93  ? 5.678   4.858   9.745   1.00 38.63  ? 111 PHE A CA  1 
ATOM   733  C  C   . PHE A 1 93  ? 6.841   3.964   10.101  1.00 37.63  ? 111 PHE A C   1 
ATOM   734  O  O   . PHE A 1 93  ? 6.903   3.468   11.220  1.00 39.10  ? 111 PHE A O   1 
ATOM   735  C  CB  . PHE A 1 93  ? 5.881   6.261   10.310  1.00 38.29  ? 111 PHE A CB  1 
ATOM   736  C  CG  . PHE A 1 93  ? 4.752   7.190   9.961   1.00 35.91  ? 111 PHE A CG  1 
ATOM   737  C  CD1 . PHE A 1 93  ? 4.640   7.695   8.672   1.00 38.26  ? 111 PHE A CD1 1 
ATOM   738  C  CD2 . PHE A 1 93  ? 3.768   7.490   10.886  1.00 42.07  ? 111 PHE A CD2 1 
ATOM   739  C  CE1 . PHE A 1 93  ? 3.594   8.535   8.330   1.00 43.92  ? 111 PHE A CE1 1 
ATOM   740  C  CE2 . PHE A 1 93  ? 2.711   8.341   10.551  1.00 47.47  ? 111 PHE A CE2 1 
ATOM   741  C  CZ  . PHE A 1 93  ? 2.626   8.856   9.275   1.00 42.60  ? 111 PHE A CZ  1 
ATOM   742  N  N   . TYR A 1 94  ? 7.755   3.795   9.142   1.00 32.81  ? 112 TYR A N   1 
ATOM   743  C  CA  . TYR A 1 94  ? 8.925   2.932   9.242   1.00 34.54  ? 112 TYR A CA  1 
ATOM   744  C  C   . TYR A 1 94  ? 10.219  3.649   8.908   1.00 39.13  ? 112 TYR A C   1 
ATOM   745  O  O   . TYR A 1 94  ? 10.249  4.485   8.015   1.00 33.38  ? 112 TYR A O   1 
ATOM   746  C  CB  . TYR A 1 94  ? 8.725   1.734   8.304   1.00 32.23  ? 112 TYR A CB  1 
ATOM   747  C  CG  . TYR A 1 94  ? 7.756   0.732   8.893   1.00 33.14  ? 112 TYR A CG  1 
ATOM   748  C  CD1 . TYR A 1 94  ? 8.213   -0.237  9.779   1.00 41.34  ? 112 TYR A CD1 1 
ATOM   749  C  CD2 . TYR A 1 94  ? 6.395   0.778   8.612   1.00 38.42  ? 112 TYR A CD2 1 
ATOM   750  C  CE1 . TYR A 1 94  ? 7.352   -1.146  10.352  1.00 43.00  ? 112 TYR A CE1 1 
ATOM   751  C  CE2 . TYR A 1 94  ? 5.513   -0.161  9.166   1.00 37.84  ? 112 TYR A CE2 1 
ATOM   752  C  CZ  . TYR A 1 94  ? 6.003   -1.107  10.044  1.00 43.67  ? 112 TYR A CZ  1 
ATOM   753  O  OH  . TYR A 1 94  ? 5.166   -2.043  10.624  1.00 51.77  ? 112 TYR A OH  1 
ATOM   754  N  N   . ASP A 1 95  ? 11.300  3.296   9.600   1.00 36.41  ? 113 ASP A N   1 
ATOM   755  C  CA  . ASP A 1 95  ? 12.586  3.967   9.393   1.00 35.52  ? 113 ASP A CA  1 
ATOM   756  C  C   . ASP A 1 95  ? 13.477  3.408   8.296   1.00 41.88  ? 113 ASP A C   1 
ATOM   757  O  O   . ASP A 1 95  ? 14.511  3.994   8.005   1.00 35.68  ? 113 ASP A O   1 
ATOM   758  C  CB  . ASP A 1 95  ? 13.353  4.165   10.704  1.00 39.78  ? 113 ASP A CB  1 
ATOM   759  C  CG  . ASP A 1 95  ? 13.989  2.893   11.265  1.00 47.46  ? 113 ASP A CG  1 
ATOM   760  O  OD1 . ASP A 1 95  ? 13.747  1.741   10.809  1.00 38.90  ? 113 ASP A OD1 1 
ATOM   761  O  OD2 . ASP A 1 95  ? 14.749  3.093   12.221  1.00 46.06  ? 113 ASP A OD2 1 
ATOM   762  N  N   . GLU A 1 96  ? 13.041  2.321   7.662   1.00 34.14  ? 114 GLU A N   1 
ATOM   763  C  CA  . GLU A 1 96  ? 13.649  1.856   6.432   1.00 36.72  ? 114 GLU A CA  1 
ATOM   764  C  C   . GLU A 1 96  ? 12.657  1.989   5.316   1.00 30.35  ? 114 GLU A C   1 
ATOM   765  O  O   . GLU A 1 96  ? 11.465  2.242   5.522   1.00 36.81  ? 114 GLU A O   1 
ATOM   766  C  CB  . GLU A 1 96  ? 14.071  0.372   6.533   1.00 38.59  ? 114 GLU A CB  1 
ATOM   767  C  CG  . GLU A 1 96  ? 14.935  0.076   7.734   1.00 38.18  ? 114 GLU A CG  1 
ATOM   768  C  CD  . GLU A 1 96  ? 14.999  -1.406  8.127   1.00 38.52  ? 114 GLU A CD  1 
ATOM   769  O  OE1 . GLU A 1 96  ? 14.510  -2.276  7.381   1.00 38.59  ? 114 GLU A OE1 1 
ATOM   770  O  OE2 . GLU A 1 96  ? 15.547  -1.688  9.212   1.00 43.55  ? 114 GLU A OE2 1 
ATOM   771  N  N   . PHE A 1 97  ? 13.137  1.797   4.090   1.00 32.28  ? 115 PHE A N   1 
ATOM   772  C  CA  . PHE A 1 97  ? 12.232  1.758   2.958   1.00 35.36  ? 115 PHE A CA  1 
ATOM   773  C  C   . PHE A 1 97  ? 11.447  0.449   2.989   1.00 37.59  ? 115 PHE A C   1 
ATOM   774  O  O   . PHE A 1 97  ? 11.768  -0.447  3.761   1.00 40.57  ? 115 PHE A O   1 
ATOM   775  C  CB  . PHE A 1 97  ? 12.992  1.925   1.640   1.00 40.13  ? 115 PHE A CB  1 
ATOM   776  C  CG  . PHE A 1 97  ? 13.521  3.327   1.427   1.00 39.16  ? 115 PHE A CG  1 
ATOM   777  C  CD1 . PHE A 1 97  ? 12.638  4.412   1.301   1.00 34.32  ? 115 PHE A CD1 1 
ATOM   778  C  CD2 . PHE A 1 97  ? 14.890  3.572   1.337   1.00 44.69  ? 115 PHE A CD2 1 
ATOM   779  C  CE1 . PHE A 1 97  ? 13.116  5.697   1.116   1.00 39.38  ? 115 PHE A CE1 1 
ATOM   780  C  CE2 . PHE A 1 97  ? 15.381  4.868   1.146   1.00 45.46  ? 115 PHE A CE2 1 
ATOM   781  C  CZ  . PHE A 1 97  ? 14.493  5.928   1.035   1.00 41.64  ? 115 PHE A CZ  1 
ATOM   782  N  N   . TRP A 1 98  ? 10.393  0.395   2.179   1.00 32.29  ? 116 TRP A N   1 
ATOM   783  C  CA  . TRP A 1 98  ? 9.530   -0.792  2.008   1.00 35.85  ? 116 TRP A CA  1 
ATOM   784  C  C   . TRP A 1 98  ? 8.714   -1.198  3.244   1.00 43.56  ? 116 TRP A C   1 
ATOM   785  O  O   . TRP A 1 98  ? 8.262   -2.343  3.343   1.00 33.66  ? 116 TRP A O   1 
ATOM   786  C  CB  . TRP A 1 98  ? 10.354  -1.975  1.480   1.00 36.76  ? 116 TRP A CB  1 
ATOM   787  C  CG  . TRP A 1 98  ? 11.203  -1.566  0.301   1.00 39.17  ? 116 TRP A CG  1 
ATOM   788  C  CD1 . TRP A 1 98  ? 12.558  -1.330  0.304   1.00 42.38  ? 116 TRP A CD1 1 
ATOM   789  C  CD2 . TRP A 1 98  ? 10.754  -1.277  -1.030  1.00 35.03  ? 116 TRP A CD2 1 
ATOM   790  N  NE1 . TRP A 1 98  ? 12.968  -0.943  -0.950  1.00 37.45  ? 116 TRP A NE1 1 
ATOM   791  C  CE2 . TRP A 1 98  ? 11.892  -0.900  -1.787  1.00 35.02  ? 116 TRP A CE2 1 
ATOM   792  C  CE3 . TRP A 1 98  ? 9.517   -1.313  -1.664  1.00 34.53  ? 116 TRP A CE3 1 
ATOM   793  C  CZ2 . TRP A 1 98  ? 11.809  -0.556  -3.137  1.00 39.38  ? 116 TRP A CZ2 1 
ATOM   794  C  CZ3 . TRP A 1 98  ? 9.444   -1.003  -3.005  1.00 38.01  ? 116 TRP A CZ3 1 
ATOM   795  C  CH2 . TRP A 1 98  ? 10.580  -0.613  -3.723  1.00 41.28  ? 116 TRP A CH2 1 
ATOM   796  N  N   . GLY A 1 99  ? 8.495   -0.247  4.156   1.00 33.46  ? 117 GLY A N   1 
ATOM   797  C  CA  . GLY A 1 99  ? 7.671   -0.490  5.344   1.00 39.90  ? 117 GLY A CA  1 
ATOM   798  C  C   . GLY A 1 99  ? 8.264   -1.544  6.256   1.00 34.00  ? 117 GLY A C   1 
ATOM   799  O  O   . GLY A 1 99  ? 7.559   -2.449  6.723   1.00 36.35  ? 117 GLY A O   1 
ATOM   800  N  N   . GLN A 1 100 ? 9.563   -1.404  6.519   1.00 33.13  ? 118 GLN A N   1 
ATOM   801  C  CA  . GLN A 1 100 ? 10.322  -2.333  7.321   1.00 37.45  ? 118 GLN A CA  1 
ATOM   802  C  C   . GLN A 1 100 ? 11.119  -1.500  8.282   1.00 38.87  ? 118 GLN A C   1 
ATOM   803  O  O   . GLN A 1 100 ? 11.294  -0.295  8.054   1.00 37.44  ? 118 GLN A O   1 
ATOM   804  C  CB  . GLN A 1 100 ? 11.251  -3.123  6.413   1.00 39.48  ? 118 GLN A CB  1 
ATOM   805  C  CG  . GLN A 1 100 ? 10.520  -3.940  5.360   1.00 40.78  ? 118 GLN A CG  1 
ATOM   806  C  CD  . GLN A 1 100 ? 9.578   -5.026  5.936   1.00 35.40  ? 118 GLN A CD  1 
ATOM   807  O  OE1 . GLN A 1 100 ? 9.649   -5.407  7.111   1.00 39.30  ? 118 GLN A OE1 1 
ATOM   808  N  NE2 . GLN A 1 100 ? 8.738   -5.565  5.073   1.00 39.91  ? 118 GLN A NE2 1 
ATOM   809  N  N   . GLY A 1 101 ? 11.590  -2.130  9.348   1.00 37.71  ? 119 GLY A N   1 
ATOM   810  C  CA  . GLY A 1 101 ? 12.430  -1.465  10.332  1.00 38.44  ? 119 GLY A CA  1 
ATOM   811  C  C   . GLY A 1 101 ? 11.644  -1.052  11.550  1.00 39.83  ? 119 GLY A C   1 
ATOM   812  O  O   . GLY A 1 101 ? 10.657  -1.710  11.915  1.00 45.32  ? 119 GLY A O   1 
ATOM   813  N  N   . LEU A 1 102 ? 12.091  0.020   12.200  1.00 43.00  ? 120 LEU A N   1 
ATOM   814  C  CA  . LEU A 1 102 ? 11.414  0.512   13.402  1.00 43.51  ? 120 LEU A CA  1 
ATOM   815  C  C   . LEU A 1 102 ? 10.130  1.258   13.074  1.00 48.89  ? 120 LEU A C   1 
ATOM   816  O  O   . LEU A 1 102 ? 10.114  2.164   12.250  1.00 41.77  ? 120 LEU A O   1 
ATOM   817  C  CB  . LEU A 1 102 ? 12.343  1.408   14.208  1.00 53.82  ? 120 LEU A CB  1 
ATOM   818  C  CG  . LEU A 1 102 ? 11.849  1.687   15.635  1.00 65.17  ? 120 LEU A CG  1 
ATOM   819  C  CD1 . LEU A 1 102 ? 11.903  0.422   16.490  1.00 69.39  ? 120 LEU A CD1 1 
ATOM   820  C  CD2 . LEU A 1 102 ? 12.659  2.803   16.276  1.00 62.44  ? 120 LEU A CD2 1 
ATOM   821  N  N   . ARG A 1 103 ? 9.048   0.877   13.737  1.00 43.68  ? 121 ARG A N   1 
ATOM   822  C  CA  . ARG A 1 103 ? 7.747   1.481   13.501  1.00 46.80  ? 121 ARG A CA  1 
ATOM   823  C  C   . ARG A 1 103 ? 7.386   2.602   14.474  1.00 50.61  ? 121 ARG A C   1 
ATOM   824  O  O   . ARG A 1 103 ? 7.774   2.565   15.637  1.00 57.97  ? 121 ARG A O   1 
ATOM   825  C  CB  . ARG A 1 103 ? 6.672   0.412   13.593  1.00 56.38  ? 121 ARG A CB  1 
ATOM   826  C  CG  . ARG A 1 103 ? 5.282   0.881   13.205  1.00 53.34  ? 121 ARG A CG  1 
ATOM   827  C  CD  . ARG A 1 103 ? 4.277   -0.238  13.342  1.00 62.26  ? 121 ARG A CD  1 
ATOM   828  N  NE  . ARG A 1 103 ? 4.125   -0.658  14.731  1.00 59.32  ? 121 ARG A NE  1 
ATOM   829  C  CZ  . ARG A 1 103 ? 4.770   -1.669  15.303  1.00 79.11  ? 121 ARG A CZ  1 
ATOM   830  N  NH1 . ARG A 1 103 ? 5.656   -2.399  14.628  1.00 83.56  ? 121 ARG A NH1 1 
ATOM   831  N  NH2 . ARG A 1 103 ? 4.534   -1.943  16.578  1.00 94.56  ? 121 ARG A NH2 1 
ATOM   832  N  N   . ALA A 1 104 ? 6.642   3.595   13.978  1.00 54.31  ? 122 ALA A N   1 
ATOM   833  C  CA  . ALA A 1 104 ? 5.979   4.597   14.825  1.00 55.55  ? 122 ALA A CA  1 
ATOM   834  C  C   . ALA A 1 104 ? 4.564   4.788   14.280  1.00 63.34  ? 122 ALA A C   1 
ATOM   835  O  O   . ALA A 1 104 ? 4.363   4.812   13.061  1.00 49.21  ? 122 ALA A O   1 
ATOM   836  C  CB  . ALA A 1 104 ? 6.731   5.910   14.810  1.00 60.03  ? 122 ALA A CB  1 
ATOM   837  N  N   . ALA A 1 105 ? 3.581   4.933   15.162  1.00 64.97  ? 123 ALA A N   1 
ATOM   838  C  CA  . ALA A 1 105 ? 2.192   5.122   14.703  1.00 75.70  ? 123 ALA A CA  1 
ATOM   839  C  C   . ALA A 1 105 ? 1.426   6.134   15.538  1.00 64.65  ? 123 ALA A C   1 
ATOM   840  O  O   . ALA A 1 105 ? 1.603   6.176   16.755  1.00 77.22  ? 123 ALA A O   1 
ATOM   841  C  CB  . ALA A 1 105 ? 1.453   3.796   14.727  1.00 78.21  ? 123 ALA A CB  1 
ATOM   842  N  N   . PRO A 1 106 ? 0.577   6.962   14.891  1.00 81.70  ? 124 PRO A N   1 
ATOM   843  C  CA  . PRO A 1 106 ? -0.320  7.806   15.701  1.00 73.77  ? 124 PRO A CA  1 
ATOM   844  C  C   . PRO A 1 106 ? -1.265  6.902   16.518  1.00 80.87  ? 124 PRO A C   1 
ATOM   845  O  O   . PRO A 1 106 ? -1.778  5.920   15.973  1.00 75.42  ? 124 PRO A O   1 
ATOM   846  C  CB  . PRO A 1 106 ? -1.095  8.623   14.654  1.00 66.02  ? 124 PRO A CB  1 
ATOM   847  C  CG  . PRO A 1 106 ? -0.306  8.522   13.382  1.00 67.31  ? 124 PRO A CG  1 
ATOM   848  C  CD  . PRO A 1 106 ? 0.430   7.213   13.441  1.00 76.70  ? 124 PRO A CD  1 
ATOM   849  N  N   . LYS A 1 107 ? -1.476  7.214   17.799  1.00 99.28  ? 125 LYS A N   1 
ATOM   850  C  CA  . LYS A 1 107 ? -2.290  6.366   18.699  1.00 105.88 ? 125 LYS A CA  1 
ATOM   851  C  C   . LYS A 1 107 ? -3.784  6.361   18.354  1.00 116.60 ? 125 LYS A C   1 
ATOM   852  O  O   . LYS A 1 107 ? -4.310  7.363   17.856  1.00 97.87  ? 125 LYS A O   1 
ATOM   853  C  CB  . LYS A 1 107 ? -2.107  6.791   20.162  1.00 112.40 ? 125 LYS A CB  1 
ATOM   854  N  N   . LYS A 1 108 ? -4.439  5.223   18.626  1.00 118.26 ? 126 LYS A N   1 
ATOM   855  C  CA  . LYS A 1 108 ? -5.880  5.007   18.378  1.00 114.69 ? 126 LYS A CA  1 
ATOM   856  C  C   . LYS A 1 108 ? -6.387  5.715   17.118  1.00 115.89 ? 126 LYS A C   1 
ATOM   857  O  O   . LYS A 1 108 ? -6.837  6.861   17.182  1.00 128.55 ? 126 LYS A O   1 
ATOM   858  C  CB  . LYS A 1 108 ? -6.702  5.440   19.600  1.00 117.66 ? 126 LYS A CB  1 
ATOM   859  N  N   . GLN A 1 109 ? -6.338  5.021   15.982  1.00 94.85  ? 127 GLN A N   1 
ATOM   860  C  CA  . GLN A 1 109 ? -6.665  5.634   14.686  1.00 92.36  ? 127 GLN A CA  1 
ATOM   861  C  C   . GLN A 1 109 ? -8.110  5.390   14.225  1.00 96.08  ? 127 GLN A C   1 
ATOM   862  O  O   . GLN A 1 109 ? -8.776  4.468   14.701  1.00 84.90  ? 127 GLN A O   1 
ATOM   863  C  CB  . GLN A 1 109 ? -5.680  5.139   13.621  1.00 90.76  ? 127 GLN A CB  1 
ATOM   864  C  CG  . GLN A 1 109 ? -4.220  5.219   14.054  1.00 76.57  ? 127 GLN A CG  1 
ATOM   865  C  CD  . GLN A 1 109 ? -3.246  4.823   12.955  1.00 63.10  ? 127 GLN A CD  1 
ATOM   866  O  OE1 . GLN A 1 109 ? -3.541  4.962   11.762  1.00 59.00  ? 127 GLN A OE1 1 
ATOM   867  N  NE2 . GLN A 1 109 ? -2.073  4.342   13.353  1.00 57.08  ? 127 GLN A NE2 1 
ATOM   868  N  N   . LYS A 1 110 ? -8.573  6.221   13.288  1.00 100.08 ? 128 LYS A N   1 
ATOM   869  C  CA  . LYS A 1 110 ? -9.944  6.158   12.767  1.00 102.84 ? 128 LYS A CA  1 
ATOM   870  C  C   . LYS A 1 110 ? -10.008 5.491   11.393  1.00 97.92  ? 128 LYS A C   1 
ATOM   871  O  O   . LYS A 1 110 ? -9.355  5.952   10.456  1.00 92.43  ? 128 LYS A O   1 
ATOM   872  C  CB  . LYS A 1 110 ? -10.534 7.572   12.661  1.00 87.83  ? 128 LYS A CB  1 
ATOM   873  N  N   . LYS A 1 111 ? -10.803 4.421   11.276  1.00 85.30  ? 129 LYS A N   1 
ATOM   874  C  CA  . LYS A 1 111 ? -11.024 3.754   9.988   1.00 81.75  ? 129 LYS A CA  1 
ATOM   875  C  C   . LYS A 1 111 ? -11.799 4.701   9.076   1.00 77.21  ? 129 LYS A C   1 
ATOM   876  O  O   . LYS A 1 111 ? -12.547 5.551   9.553   1.00 80.51  ? 129 LYS A O   1 
ATOM   877  C  CB  . LYS A 1 111 ? -11.793 2.439   10.171  1.00 82.14  ? 129 LYS A CB  1 
ATOM   878  N  N   . HIS A 1 112 ? -11.615 4.590   7.768   1.00 65.57  ? 130 HIS A N   1 
ATOM   879  C  CA  . HIS A 1 112 ? -12.296 5.507   6.871   1.00 65.96  ? 130 HIS A CA  1 
ATOM   880  C  C   . HIS A 1 112 ? -12.520 4.847   5.530   1.00 69.61  ? 130 HIS A C   1 
ATOM   881  O  O   . HIS A 1 112 ? -11.564 4.403   4.894   1.00 53.27  ? 130 HIS A O   1 
ATOM   882  C  CB  . HIS A 1 112 ? -11.495 6.807   6.717   1.00 75.74  ? 130 HIS A CB  1 
ATOM   883  C  CG  . HIS A 1 112 ? -12.355 8.017   6.540   1.00 86.58  ? 130 HIS A CG  1 
ATOM   884  N  ND1 . HIS A 1 112 ? -12.947 8.662   7.605   1.00 98.62  ? 130 HIS A ND1 1 
ATOM   885  C  CD2 . HIS A 1 112 ? -12.747 8.685   5.429   1.00 93.56  ? 130 HIS A CD2 1 
ATOM   886  C  CE1 . HIS A 1 112 ? -13.658 9.683   7.160   1.00 115.47 ? 130 HIS A CE1 1 
ATOM   887  N  NE2 . HIS A 1 112 ? -13.551 9.720   5.843   1.00 121.66 ? 130 HIS A NE2 1 
ATOM   888  N  N   . THR A 1 113 ? -13.783 4.793   5.098   1.00 58.67  ? 131 THR A N   1 
ATOM   889  C  CA  . THR A 1 113 ? -14.133 4.110   3.854   1.00 55.82  ? 131 THR A CA  1 
ATOM   890  C  C   . THR A 1 113 ? -14.380 5.081   2.721   1.00 57.82  ? 131 THR A C   1 
ATOM   891  O  O   . THR A 1 113 ? -14.689 6.246   2.957   1.00 83.12  ? 131 THR A O   1 
ATOM   892  C  CB  . THR A 1 113 ? -15.369 3.228   4.073   1.00 54.38  ? 131 THR A CB  1 
ATOM   893  O  OG1 . THR A 1 113 ? -15.141 2.384   5.211   1.00 48.82  ? 131 THR A OG1 1 
ATOM   894  C  CG2 . THR A 1 113 ? -15.659 2.372   2.848   1.00 65.85  ? 131 THR A CG2 1 
ATOM   895  N  N   . LEU A 1 114 ? -14.237 4.604   1.491   1.00 57.60  ? 132 LEU A N   1 
ATOM   896  C  CA  . LEU A 1 114 ? -14.523 5.430   0.333   1.00 70.03  ? 132 LEU A CA  1 
ATOM   897  C  C   . LEU A 1 114 ? -14.843 4.608   -0.918  1.00 78.70  ? 132 LEU A C   1 
ATOM   898  O  O   . LEU A 1 114 ? -14.408 3.464   -1.050  1.00 65.46  ? 132 LEU A O   1 
ATOM   899  C  CB  . LEU A 1 114 ? -13.360 6.396   0.084   1.00 81.17  ? 132 LEU A CB  1 
ATOM   900  C  CG  . LEU A 1 114 ? -12.017 5.867   -0.415  1.00 77.67  ? 132 LEU A CG  1 
ATOM   901  C  CD1 . LEU A 1 114 ? -11.899 6.061   -1.918  1.00 78.04  ? 132 LEU A CD1 1 
ATOM   902  C  CD2 . LEU A 1 114 ? -10.875 6.596   0.287   1.00 82.61  ? 132 LEU A CD2 1 
ATOM   903  N  N   . SER A 1 115 ? -15.596 5.215   -1.833  1.00 65.71  ? 133 SER A N   1 
ATOM   904  C  CA  . SER A 1 115 ? -16.053 4.545   -3.044  1.00 76.58  ? 133 SER A CA  1 
ATOM   905  C  C   . SER A 1 115 ? -15.208 4.919   -4.252  1.00 72.92  ? 133 SER A C   1 
ATOM   906  O  O   . SER A 1 115 ? -15.083 6.091   -4.604  1.00 58.90  ? 133 SER A O   1 
ATOM   907  C  CB  . SER A 1 115 ? -17.511 4.903   -3.310  1.00 74.38  ? 133 SER A CB  1 
ATOM   908  O  OG  . SER A 1 115 ? -18.313 4.517   -2.215  1.00 73.76  ? 133 SER A OG  1 
ATOM   909  N  N   . LEU A 1 116 ? -14.641 3.915   -4.905  1.00 64.73  ? 134 LEU A N   1 
ATOM   910  C  CA  . LEU A 1 116 ? -13.788 4.166   -6.050  1.00 82.04  ? 134 LEU A CA  1 
ATOM   911  C  C   . LEU A 1 116 ? -14.640 4.379   -7.305  1.00 89.29  ? 134 LEU A C   1 
ATOM   912  O  O   . LEU A 1 116 ? -15.304 3.455   -7.790  1.00 76.66  ? 134 LEU A O   1 
ATOM   913  C  CB  . LEU A 1 116 ? -12.754 3.041   -6.222  1.00 87.01  ? 134 LEU A CB  1 
ATOM   914  C  CG  . LEU A 1 116 ? -11.922 2.688   -4.971  1.00 80.44  ? 134 LEU A CG  1 
ATOM   915  C  CD1 . LEU A 1 116 ? -10.862 1.656   -5.315  1.00 73.57  ? 134 LEU A CD1 1 
ATOM   916  C  CD2 . LEU A 1 116 ? -11.262 3.904   -4.336  1.00 83.22  ? 134 LEU A CD2 1 
ATOM   917  N  N   . THR A 1 117 ? -14.620 5.625   -7.785  1.00 99.88  ? 135 THR A N   1 
ATOM   918  C  CA  . THR A 1 117 ? -15.327 6.074   -8.987  1.00 91.16  ? 135 THR A CA  1 
ATOM   919  C  C   . THR A 1 117 ? -14.328 6.011   -10.140 1.00 96.32  ? 135 THR A C   1 
ATOM   920  O  O   . THR A 1 117 ? -13.118 6.092   -9.893  1.00 84.15  ? 135 THR A O   1 
ATOM   921  C  CB  . THR A 1 117 ? -15.772 7.546   -8.812  1.00 92.09  ? 135 THR A CB  1 
ATOM   922  O  OG1 . THR A 1 117 ? -16.372 7.726   -7.524  1.00 88.49  ? 135 THR A OG1 1 
ATOM   923  C  CG2 . THR A 1 117 ? -16.755 7.984   -9.892  1.00 107.21 ? 135 THR A CG2 1 
ATOM   924  N  N   . PRO A 1 118 ? -14.807 5.872   -11.399 1.00 91.16  ? 136 PRO A N   1 
ATOM   925  C  CA  . PRO A 1 118 ? -13.877 5.893   -12.537 1.00 81.56  ? 136 PRO A CA  1 
ATOM   926  C  C   . PRO A 1 118 ? -12.879 7.074   -12.568 1.00 91.43  ? 136 PRO A C   1 
ATOM   927  O  O   . PRO A 1 118 ? -11.882 7.002   -13.294 1.00 99.04  ? 136 PRO A O   1 
ATOM   928  C  CB  . PRO A 1 118 ? -14.816 5.936   -13.744 1.00 93.17  ? 136 PRO A CB  1 
ATOM   929  C  CG  . PRO A 1 118 ? -16.009 5.157   -13.297 1.00 96.26  ? 136 PRO A CG  1 
ATOM   930  C  CD  . PRO A 1 118 ? -16.139 5.376   -11.806 1.00 94.60  ? 136 PRO A CD  1 
ATOM   931  N  N   . ASP A 1 119 ? -13.140 8.134   -11.798 1.00 92.20  ? 137 ASP A N   1 
ATOM   932  C  CA  . ASP A 1 119 ? -12.206 9.269   -11.685 1.00 107.00 ? 137 ASP A CA  1 
ATOM   933  C  C   . ASP A 1 119 ? -11.429 9.295   -10.347 1.00 89.02  ? 137 ASP A C   1 
ATOM   934  O  O   . ASP A 1 119 ? -10.921 10.341  -9.940  1.00 94.92  ? 137 ASP A O   1 
ATOM   935  C  CB  . ASP A 1 119 ? -12.939 10.604  -11.954 1.00 120.00 ? 137 ASP A CB  1 
ATOM   936  C  CG  . ASP A 1 119 ? -14.039 10.912  -10.934 1.00 131.40 ? 137 ASP A CG  1 
ATOM   937  O  OD1 . ASP A 1 119 ? -13.707 11.294  -9.790  1.00 134.10 ? 137 ASP A OD1 1 
ATOM   938  O  OD2 . ASP A 1 119 ? -15.238 10.814  -11.294 1.00 123.21 ? 137 ASP A OD2 1 
ATOM   939  N  N   . THR A 1 120 ? -11.322 8.144   -9.682  1.00 84.46  ? 138 THR A N   1 
ATOM   940  C  CA  . THR A 1 120 ? -10.592 8.030   -8.414  1.00 85.25  ? 138 THR A CA  1 
ATOM   941  C  C   . THR A 1 120 ? -9.180  7.543   -8.702  1.00 91.90  ? 138 THR A C   1 
ATOM   942  O  O   . THR A 1 120 ? -8.916  6.967   -9.766  1.00 85.60  ? 138 THR A O   1 
ATOM   943  C  CB  . THR A 1 120 ? -11.285 7.047   -7.431  1.00 85.12  ? 138 THR A CB  1 
ATOM   944  O  OG1 . THR A 1 120 ? -12.606 7.514   -7.113  1.00 62.17  ? 138 THR A OG1 1 
ATOM   945  C  CG2 . THR A 1 120 ? -10.495 6.892   -6.118  1.00 90.62  ? 138 THR A CG2 1 
ATOM   946  N  N   . THR A 1 121 ? -8.277  7.798   -7.756  1.00 82.41  ? 139 THR A N   1 
ATOM   947  C  CA  . THR A 1 121 ? -6.892  7.349   -7.845  1.00 92.60  ? 139 THR A CA  1 
ATOM   948  C  C   . THR A 1 121 ? -6.718  5.833   -8.026  1.00 81.66  ? 139 THR A C   1 
ATOM   949  O  O   . THR A 1 121 ? -6.320  5.370   -9.095  1.00 85.04  ? 139 THR A O   1 
ATOM   950  C  CB  . THR A 1 121 ? -6.108  7.761   -6.584  1.00 96.88  ? 139 THR A CB  1 
ATOM   951  O  OG1 . THR A 1 121 ? -6.902  7.468   -5.426  1.00 105.18 ? 139 THR A OG1 1 
ATOM   952  C  CG2 . THR A 1 121 ? -5.776  9.246   -6.612  1.00 99.04  ? 139 THR A CG2 1 
ATOM   953  N  N   . LEU A 1 122 ? -7.020  5.072   -6.979  1.00 83.26  ? 140 LEU A N   1 
ATOM   954  C  CA  . LEU A 1 122 ? -6.805  3.618   -6.978  1.00 71.12  ? 140 LEU A CA  1 
ATOM   955  C  C   . LEU A 1 122 ? -7.886  2.811   -7.711  1.00 72.25  ? 140 LEU A C   1 
ATOM   956  O  O   . LEU A 1 122 ? -7.841  1.583   -7.693  1.00 77.18  ? 140 LEU A O   1 
ATOM   957  C  CB  . LEU A 1 122 ? -6.660  3.106   -5.535  1.00 58.87  ? 140 LEU A CB  1 
ATOM   958  C  CG  . LEU A 1 122 ? -5.361  3.458   -4.806  1.00 62.07  ? 140 LEU A CG  1 
ATOM   959  C  CD1 . LEU A 1 122 ? -5.456  3.131   -3.317  1.00 74.46  ? 140 LEU A CD1 1 
ATOM   960  C  CD2 . LEU A 1 122 ? -4.166  2.749   -5.440  1.00 61.43  ? 140 LEU A CD2 1 
ATOM   961  N  N   . TYR A 1 123 ? -8.845  3.482   -8.352  1.00 69.59  ? 141 TYR A N   1 
ATOM   962  C  CA  . TYR A 1 123 ? -9.871  2.791   -9.133  1.00 65.76  ? 141 TYR A CA  1 
ATOM   963  C  C   . TYR A 1 123 ? -9.258  1.849   -10.163 1.00 67.26  ? 141 TYR A C   1 
ATOM   964  O  O   . TYR A 1 123 ? -9.762  0.743   -10.379 1.00 62.13  ? 141 TYR A O   1 
ATOM   965  C  CB  . TYR A 1 123 ? -10.770 3.796   -9.866  1.00 68.65  ? 141 TYR A CB  1 
ATOM   966  C  CG  . TYR A 1 123 ? -11.826 3.169   -10.769 1.00 68.86  ? 141 TYR A CG  1 
ATOM   967  C  CD1 . TYR A 1 123 ? -11.554 2.871   -12.110 1.00 76.25  ? 141 TYR A CD1 1 
ATOM   968  C  CD2 . TYR A 1 123 ? -13.097 2.880   -10.280 1.00 80.79  ? 141 TYR A CD2 1 
ATOM   969  C  CE1 . TYR A 1 123 ? -12.524 2.304   -12.931 1.00 83.25  ? 141 TYR A CE1 1 
ATOM   970  C  CE2 . TYR A 1 123 ? -14.074 2.312   -11.090 1.00 94.47  ? 141 TYR A CE2 1 
ATOM   971  C  CZ  . TYR A 1 123 ? -13.789 2.027   -12.412 1.00 92.07  ? 141 TYR A CZ  1 
ATOM   972  O  OH  . TYR A 1 123 ? -14.773 1.469   -13.200 1.00 85.55  ? 141 TYR A OH  1 
ATOM   973  N  N   . ASN A 1 124 ? -8.174  2.288   -10.796 1.00 59.27  ? 142 ASN A N   1 
ATOM   974  C  CA  . ASN A 1 124 ? -7.561  1.510   -11.881 1.00 68.57  ? 142 ASN A CA  1 
ATOM   975  C  C   . ASN A 1 124 ? -6.907  0.249   -11.327 1.00 53.22  ? 142 ASN A C   1 
ATOM   976  O  O   . ASN A 1 124 ? -7.025  -0.848  -11.904 1.00 53.57  ? 142 ASN A O   1 
ATOM   977  C  CB  . ASN A 1 124 ? -6.506  2.332   -12.631 1.00 82.34  ? 142 ASN A CB  1 
ATOM   978  C  CG  . ASN A 1 124 ? -7.011  3.705   -13.047 1.00 101.31 ? 142 ASN A CG  1 
ATOM   979  O  OD1 . ASN A 1 124 ? -7.343  3.925   -14.212 1.00 93.59  ? 142 ASN A OD1 1 
ATOM   980  N  ND2 . ASN A 1 124 ? -7.084  4.635   -12.091 1.00 96.40  ? 142 ASN A ND2 1 
ATOM   981  N  N   . ALA A 1 125 ? -6.220  0.437   -10.206 1.00 60.70  ? 143 ALA A N   1 
ATOM   982  C  CA  . ALA A 1 125 ? -5.544  -0.634  -9.491  1.00 53.84  ? 143 ALA A CA  1 
ATOM   983  C  C   . ALA A 1 125 ? -6.563  -1.608  -8.909  1.00 50.06  ? 143 ALA A C   1 
ATOM   984  O  O   . ALA A 1 125 ? -6.502  -2.807  -9.154  1.00 45.53  ? 143 ALA A O   1 
ATOM   985  C  CB  . ALA A 1 125 ? -4.694  -0.046  -8.373  1.00 55.90  ? 143 ALA A CB  1 
ATOM   986  N  N   . ALA A 1 126 ? -7.495  -1.072  -8.131  1.00 52.37  ? 144 ALA A N   1 
ATOM   987  C  CA  . ALA A 1 126 ? -8.556  -1.867  -7.518  1.00 49.73  ? 144 ALA A CA  1 
ATOM   988  C  C   . ALA A 1 126 ? -9.295  -2.695  -8.555  1.00 51.10  ? 144 ALA A C   1 
ATOM   989  O  O   . ALA A 1 126 ? -9.676  -3.840  -8.305  1.00 53.21  ? 144 ALA A O   1 
ATOM   990  C  CB  . ALA A 1 126 ? -9.527  -0.959  -6.794  1.00 47.26  ? 144 ALA A CB  1 
ATOM   991  N  N   . GLN A 1 127 ? -9.504  -2.112  -9.727  1.00 52.81  ? 145 GLN A N   1 
ATOM   992  C  CA  . GLN A 1 127 ? -10.194 -2.807  -10.787 1.00 49.74  ? 145 GLN A CA  1 
ATOM   993  C  C   . GLN A 1 127 ? -9.360  -3.978  -11.264 1.00 47.40  ? 145 GLN A C   1 
ATOM   994  O  O   . GLN A 1 127 ? -9.887  -5.061  -11.518 1.00 48.91  ? 145 GLN A O   1 
ATOM   995  C  CB  . GLN A 1 127 ? -10.516 -1.833  -11.926 1.00 60.76  ? 145 GLN A CB  1 
ATOM   996  C  CG  . GLN A 1 127 ? -11.389 -2.420  -13.019 1.00 76.08  ? 145 GLN A CG  1 
ATOM   997  C  CD  . GLN A 1 127 ? -12.150 -1.351  -13.792 1.00 106.48 ? 145 GLN A CD  1 
ATOM   998  O  OE1 . GLN A 1 127 ? -12.753 -0.452  -13.200 1.00 100.16 ? 145 GLN A OE1 1 
ATOM   999  N  NE2 . GLN A 1 127 ? -12.138 -1.451  -15.118 1.00 108.11 ? 145 GLN A NE2 1 
ATOM   1000 N  N   . ILE A 1 128 ? -8.054  -3.772  -11.371 1.00 45.07  ? 146 ILE A N   1 
ATOM   1001 C  CA  . ILE A 1 128 ? -7.138  -4.831  -11.768 1.00 51.43  ? 146 ILE A CA  1 
ATOM   1002 C  C   . ILE A 1 128 ? -7.036  -5.904  -10.670 1.00 50.05  ? 146 ILE A C   1 
ATOM   1003 O  O   . ILE A 1 128 ? -6.960  -7.090  -10.966 1.00 44.46  ? 146 ILE A O   1 
ATOM   1004 C  CB  . ILE A 1 128 ? -5.738  -4.265  -12.113 1.00 61.67  ? 146 ILE A CB  1 
ATOM   1005 C  CG1 . ILE A 1 128 ? -5.827  -3.404  -13.377 1.00 61.80  ? 146 ILE A CG1 1 
ATOM   1006 C  CG2 . ILE A 1 128 ? -4.730  -5.387  -12.363 1.00 58.52  ? 146 ILE A CG2 1 
ATOM   1007 C  CD1 . ILE A 1 128 ? -4.577  -2.594  -13.656 1.00 62.85  ? 146 ILE A CD1 1 
ATOM   1008 N  N   . ILE A 1 129 ? -7.030  -5.489  -9.407  1.00 45.28  ? 147 ILE A N   1 
ATOM   1009 C  CA  . ILE A 1 129 ? -6.946  -6.442  -8.288  1.00 43.25  ? 147 ILE A CA  1 
ATOM   1010 C  C   . ILE A 1 129 ? -8.183  -7.368  -8.264  1.00 48.26  ? 147 ILE A C   1 
ATOM   1011 O  O   . ILE A 1 129 ? -8.056  -8.592  -8.272  1.00 41.96  ? 147 ILE A O   1 
ATOM   1012 C  CB  . ILE A 1 129 ? -6.801  -5.676  -6.948  1.00 44.97  ? 147 ILE A CB  1 
ATOM   1013 C  CG1 . ILE A 1 129 ? -5.422  -5.017  -6.891  1.00 49.33  ? 147 ILE A CG1 1 
ATOM   1014 C  CG2 . ILE A 1 129 ? -6.966  -6.611  -5.758  1.00 43.51  ? 147 ILE A CG2 1 
ATOM   1015 C  CD1 . ILE A 1 129 ? -5.281  -4.023  -5.764  1.00 48.10  ? 147 ILE A CD1 1 
ATOM   1016 N  N   . CYS A 1 130 ? -9.367  -6.754  -8.271  1.00 40.62  ? 148 CYS A N   1 
ATOM   1017 C  CA  . CYS A 1 130 ? -10.636 -7.475  -8.223  1.00 47.75  ? 148 CYS A CA  1 
ATOM   1018 C  C   . CYS A 1 130 ? -10.890 -8.328  -9.448  1.00 48.39  ? 148 CYS A C   1 
ATOM   1019 O  O   . CYS A 1 130 ? -11.503 -9.368  -9.342  1.00 45.12  ? 148 CYS A O   1 
ATOM   1020 C  CB  . CYS A 1 130 ? -11.794 -6.503  -8.068  1.00 41.85  ? 148 CYS A CB  1 
ATOM   1021 S  SG  . CYS A 1 130 ? -11.757 -5.572  -6.532  1.00 44.80  ? 148 CYS A SG  1 
ATOM   1022 N  N   . ALA A 1 131 ? -10.426 -7.887  -10.616 1.00 51.14  ? 149 ALA A N   1 
ATOM   1023 C  CA  . ALA A 1 131 ? -10.604 -8.669  -11.827 1.00 52.32  ? 149 ALA A CA  1 
ATOM   1024 C  C   . ALA A 1 131 ? -9.756  -9.919  -11.755 1.00 49.14  ? 149 ALA A C   1 
ATOM   1025 O  O   . ALA A 1 131 ? -10.219 -11.009 -12.107 1.00 59.50  ? 149 ALA A O   1 
ATOM   1026 C  CB  . ALA A 1 131 ? -10.257 -7.843  -13.065 1.00 58.49  ? 149 ALA A CB  1 
ATOM   1027 N  N   . ASN A 1 132 ? -8.512  -9.757  -11.302 1.00 41.93  ? 150 ASN A N   1 
ATOM   1028 C  CA  . ASN A 1 132 ? -7.580  -10.877 -11.101 1.00 52.82  ? 150 ASN A CA  1 
ATOM   1029 C  C   . ASN A 1 132 ? -8.176  -11.830 -10.066 1.00 48.42  ? 150 ASN A C   1 
ATOM   1030 O  O   . ASN A 1 132 ? -8.227  -13.026 -10.285 1.00 46.24  ? 150 ASN A O   1 
ATOM   1031 C  CB  . ASN A 1 132 ? -6.183  -10.344 -10.672 1.00 52.19  ? 150 ASN A CB  1 
ATOM   1032 C  CG  . ASN A 1 132 ? -5.185  -11.447 -10.275 1.00 52.83  ? 150 ASN A CG  1 
ATOM   1033 O  OD1 . ASN A 1 132 ? -5.428  -12.223 -9.351  1.00 49.52  ? 150 ASN A OD1 1 
ATOM   1034 N  ND2 . ASN A 1 132 ? -4.024  -11.484 -10.947 1.00 54.11  ? 150 ASN A ND2 1 
ATOM   1035 N  N   . TYR A 1 133 ? -8.661  -11.286 -8.954  1.00 39.74  ? 151 TYR A N   1 
ATOM   1036 C  CA  . TYR A 1 133 ? -9.236  -12.114 -7.891  1.00 40.48  ? 151 TYR A CA  1 
ATOM   1037 C  C   . TYR A 1 133 ? -10.479 -12.874 -8.396  1.00 39.75  ? 151 TYR A C   1 
ATOM   1038 O  O   . TYR A 1 133 ? -10.627 -14.064 -8.116  1.00 41.16  ? 151 TYR A O   1 
ATOM   1039 C  CB  . TYR A 1 133 ? -9.588  -11.263 -6.660  1.00 41.58  ? 151 TYR A CB  1 
ATOM   1040 C  CG  . TYR A 1 133 ? -10.367 -12.033 -5.590  1.00 40.95  ? 151 TYR A CG  1 
ATOM   1041 C  CD1 . TYR A 1 133 ? -9.704  -12.848 -4.667  1.00 46.74  ? 151 TYR A CD1 1 
ATOM   1042 C  CD2 . TYR A 1 133 ? -11.749 -11.974 -5.535  1.00 42.41  ? 151 TYR A CD2 1 
ATOM   1043 C  CE1 . TYR A 1 133 ? -10.413 -13.553 -3.706  1.00 47.16  ? 151 TYR A CE1 1 
ATOM   1044 C  CE2 . TYR A 1 133 ? -12.456 -12.673 -4.577  1.00 47.08  ? 151 TYR A CE2 1 
ATOM   1045 C  CZ  . TYR A 1 133 ? -11.771 -13.461 -3.663  1.00 45.82  ? 151 TYR A CZ  1 
ATOM   1046 O  OH  . TYR A 1 133 ? -12.482 -14.162 -2.719  1.00 48.79  ? 151 TYR A OH  1 
ATOM   1047 N  N   . GLY A 1 134 ? -11.297 -12.191 -9.199  1.00 43.10  ? 152 GLY A N   1 
ATOM   1048 C  CA  . GLY A 1 134 ? -12.574 -12.718 -9.714  1.00 52.66  ? 152 GLY A CA  1 
ATOM   1049 C  C   . GLY A 1 134 ? -12.521 -13.976 -10.551 1.00 48.08  ? 152 GLY A C   1 
ATOM   1050 O  O   . GLY A 1 134 ? -13.513 -14.699 -10.648 1.00 52.78  ? 152 GLY A O   1 
ATOM   1051 N  N   . GLU A 1 135 ? -11.368 -14.227 -11.159 1.00 48.61  ? 153 GLU A N   1 
ATOM   1052 C  CA  . GLU A 1 135 ? -11.121 -15.411 -12.006 1.00 53.87  ? 153 GLU A CA  1 
ATOM   1053 C  C   . GLU A 1 135 ? -10.941 -16.722 -11.263 1.00 48.31  ? 153 GLU A C   1 
ATOM   1054 O  O   . GLU A 1 135 ? -11.039 -17.802 -11.863 1.00 44.74  ? 153 GLU A O   1 
ATOM   1055 C  CB  . GLU A 1 135 ? -9.830  -15.223 -12.797 1.00 60.45  ? 153 GLU A CB  1 
ATOM   1056 C  CG  . GLU A 1 135 ? -9.815  -14.044 -13.749 1.00 69.30  ? 153 GLU A CG  1 
ATOM   1057 C  CD  . GLU A 1 135 ? -8.548  -14.002 -14.569 1.00 65.49  ? 153 GLU A CD  1 
ATOM   1058 O  OE1 . GLU A 1 135 ? -7.588  -14.735 -14.219 1.00 64.78  ? 153 GLU A OE1 1 
ATOM   1059 O  OE2 . GLU A 1 135 ? -8.523  -13.239 -15.557 1.00 78.38  ? 153 GLU A OE2 1 
ATOM   1060 N  N   . ALA A 1 136 ? -10.588 -16.630 -9.986  1.00 47.48  ? 154 ALA A N   1 
ATOM   1061 C  CA  . ALA A 1 136 ? -10.304 -17.799 -9.181  1.00 41.09  ? 154 ALA A CA  1 
ATOM   1062 C  C   . ALA A 1 136 ? -10.746 -17.696 -7.723  1.00 45.63  ? 154 ALA A C   1 
ATOM   1063 O  O   . ALA A 1 136 ? -10.688 -18.666 -6.972  1.00 43.87  ? 154 ALA A O   1 
ATOM   1064 C  CB  . ALA A 1 136 ? -8.815  -18.078 -9.243  1.00 55.63  ? 154 ALA A CB  1 
ATOM   1065 N  N   . PHE A 1 137 ? -11.224 -16.527 -7.328  1.00 39.21  ? 155 PHE A N   1 
ATOM   1066 C  CA  . PHE A 1 137 ? -11.453 -16.251 -5.930  1.00 43.26  ? 155 PHE A CA  1 
ATOM   1067 C  C   . PHE A 1 137 ? -10.185 -16.540 -5.114  1.00 46.05  ? 155 PHE A C   1 
ATOM   1068 O  O   . PHE A 1 137 ? -10.231 -17.091 -4.019  1.00 47.82  ? 155 PHE A O   1 
ATOM   1069 C  CB  . PHE A 1 137 ? -12.722 -16.944 -5.431  1.00 40.57  ? 155 PHE A CB  1 
ATOM   1070 C  CG  . PHE A 1 137 ? -13.949 -16.126 -5.663  1.00 39.68  ? 155 PHE A CG  1 
ATOM   1071 C  CD1 . PHE A 1 137 ? -14.332 -15.803 -6.959  1.00 42.82  ? 155 PHE A CD1 1 
ATOM   1072 C  CD2 . PHE A 1 137 ? -14.649 -15.573 -4.605  1.00 44.68  ? 155 PHE A CD2 1 
ATOM   1073 C  CE1 . PHE A 1 137 ? -15.430 -15.002 -7.198  1.00 45.90  ? 155 PHE A CE1 1 
ATOM   1074 C  CE2 . PHE A 1 137 ? -15.756 -14.779 -4.835  1.00 43.60  ? 155 PHE A CE2 1 
ATOM   1075 C  CZ  . PHE A 1 137 ? -16.144 -14.486 -6.132  1.00 48.11  ? 155 PHE A CZ  1 
ATOM   1076 N  N   . SER A 1 138 ? -9.056  -16.162 -5.722  1.00 46.33  ? 156 SER A N   1 
ATOM   1077 C  CA  . SER A 1 138 ? -7.748  -16.046 -5.071  1.00 50.57  ? 156 SER A CA  1 
ATOM   1078 C  C   . SER A 1 138 ? -6.919  -15.118 -5.963  1.00 48.74  ? 156 SER A C   1 
ATOM   1079 O  O   . SER A 1 138 ? -7.120  -15.078 -7.176  1.00 52.75  ? 156 SER A O   1 
ATOM   1080 C  CB  . SER A 1 138 ? -7.056  -17.398 -4.913  1.00 62.72  ? 156 SER A CB  1 
ATOM   1081 O  OG  . SER A 1 138 ? -6.863  -18.017 -6.165  1.00 70.74  ? 156 SER A OG  1 
ATOM   1082 N  N   . VAL A 1 139 ? -6.018  -14.330 -5.385  1.00 53.22  ? 157 VAL A N   1 
ATOM   1083 C  CA  . VAL A 1 139 ? -5.149  -13.496 -6.206  1.00 55.15  ? 157 VAL A CA  1 
ATOM   1084 C  C   . VAL A 1 139 ? -3.958  -14.319 -6.722  1.00 57.66  ? 157 VAL A C   1 
ATOM   1085 O  O   . VAL A 1 139 ? -3.331  -15.102 -5.993  1.00 43.93  ? 157 VAL A O   1 
ATOM   1086 C  CB  . VAL A 1 139 ? -4.671  -12.213 -5.470  1.00 50.85  ? 157 VAL A CB  1 
ATOM   1087 C  CG1 . VAL A 1 139 ? -3.668  -11.429 -6.315  1.00 47.48  ? 157 VAL A CG1 1 
ATOM   1088 C  CG2 . VAL A 1 139 ? -5.867  -11.328 -5.153  1.00 52.53  ? 157 VAL A CG2 1 
ATOM   1089 N  N   . ASP A 1 140 ? -3.691  -14.162 -8.011  1.00 64.38  ? 158 ASP A N   1 
ATOM   1090 C  CA  . ASP A 1 140 ? -2.499  -14.712 -8.610  1.00 63.46  ? 158 ASP A CA  1 
ATOM   1091 C  C   . ASP A 1 140 ? -1.501  -13.550 -8.632  1.00 55.22  ? 158 ASP A C   1 
ATOM   1092 O  O   . ASP A 1 140 ? -1.605  -12.600 -9.432  1.00 48.59  ? 158 ASP A O   1 
ATOM   1093 C  CB  . ASP A 1 140 ? -2.770  -15.268 -10.007 1.00 69.37  ? 158 ASP A CB  1 
ATOM   1094 C  CG  . ASP A 1 140 ? -1.558  -15.993 -10.590 1.00 78.26  ? 158 ASP A CG  1 
ATOM   1095 O  OD1 . ASP A 1 140 ? -0.480  -15.367 -10.727 1.00 63.06  ? 158 ASP A OD1 1 
ATOM   1096 O  OD2 . ASP A 1 140 ? -1.688  -17.191 -10.917 1.00 73.22  ? 158 ASP A OD2 1 
ATOM   1097 N  N   . LYS A 1 141 ? -0.546  -13.625 -7.718  1.00 61.63  ? 159 LYS A N   1 
ATOM   1098 C  CA  . LYS A 1 141 ? 0.415   -12.542 -7.536  1.00 57.12  ? 159 LYS A CA  1 
ATOM   1099 C  C   . LYS A 1 141 ? 1.250   -12.323 -8.783  1.00 57.56  ? 159 LYS A C   1 
ATOM   1100 O  O   . LYS A 1 141 ? 1.501   -11.182 -9.150  1.00 49.31  ? 159 LYS A O   1 
ATOM   1101 C  CB  . LYS A 1 141 ? 1.278   -12.816 -6.315  1.00 57.84  ? 159 LYS A CB  1 
ATOM   1102 C  CG  . LYS A 1 141 ? 0.473   -12.793 -5.025  1.00 53.56  ? 159 LYS A CG  1 
ATOM   1103 C  CD  . LYS A 1 141 ? 1.166   -13.553 -3.907  1.00 52.85  ? 159 LYS A CD  1 
ATOM   1104 C  CE  . LYS A 1 141 ? 0.294   -13.548 -2.670  1.00 57.15  ? 159 LYS A CE  1 
ATOM   1105 N  NZ  . LYS A 1 141 ? 0.834   -14.402 -1.570  1.00 50.25  ? 159 LYS A NZ  1 
ATOM   1106 N  N   . LYS A 1 142 ? 1.644   -13.406 -9.459  1.00 56.71  ? 160 LYS A N   1 
ATOM   1107 C  CA  . LYS A 1 142 ? 2.425   -13.265 -10.680 1.00 60.57  ? 160 LYS A CA  1 
ATOM   1108 C  C   . LYS A 1 142 ? 1.627   -12.524 -11.754 1.00 66.60  ? 160 LYS A C   1 
ATOM   1109 O  O   . LYS A 1 142 ? 2.156   -11.597 -12.376 1.00 54.65  ? 160 LYS A O   1 
ATOM   1110 C  CB  . LYS A 1 142 ? 2.920   -14.622 -11.191 1.00 78.86  ? 160 LYS A CB  1 
ATOM   1111 C  CG  . LYS A 1 142 ? 3.965   -15.283 -10.301 1.00 87.15  ? 160 LYS A CG  1 
ATOM   1112 C  CD  . LYS A 1 142 ? 4.618   -16.471 -10.998 1.00 110.56 ? 160 LYS A CD  1 
ATOM   1113 C  CE  . LYS A 1 142 ? 5.450   -17.317 -10.044 1.00 121.25 ? 160 LYS A CE  1 
ATOM   1114 N  NZ  . LYS A 1 142 ? 4.614   -18.049 -9.049  1.00 124.11 ? 160 LYS A NZ  1 
ATOM   1115 N  N   . LYS A 1 143 ? 0.361   -12.910 -11.953 1.00 66.03  ? 161 LYS A N   1 
ATOM   1116 C  CA  . LYS A 1 143 ? -0.511  -12.239 -12.943 1.00 57.74  ? 161 LYS A CA  1 
ATOM   1117 C  C   . LYS A 1 143 ? -0.777  -10.796 -12.572 1.00 59.09  ? 161 LYS A C   1 
ATOM   1118 O  O   . LYS A 1 143 ? -0.873  -9.932  -13.452 1.00 56.70  ? 161 LYS A O   1 
ATOM   1119 C  CB  . LYS A 1 143 ? -1.881  -12.926 -13.094 1.00 69.48  ? 161 LYS A CB  1 
ATOM   1120 C  CG  . LYS A 1 143 ? -2.008  -13.982 -14.188 1.00 80.41  ? 161 LYS A CG  1 
ATOM   1121 C  CD  . LYS A 1 143 ? -2.207  -15.393 -13.656 1.00 89.68  ? 161 LYS A CD  1 
ATOM   1122 C  CE  . LYS A 1 143 ? -2.759  -16.318 -14.738 1.00 99.10  ? 161 LYS A CE  1 
ATOM   1123 N  NZ  . LYS A 1 143 ? -3.233  -17.622 -14.190 1.00 98.26  ? 161 LYS A NZ  1 
ATOM   1124 N  N   . LEU A 1 144 ? -0.937  -10.539 -11.272 1.00 53.16  ? 162 LEU A N   1 
ATOM   1125 C  CA  . LEU A 1 144 ? -1.157  -9.163  -10.802 1.00 51.22  ? 162 LEU A CA  1 
ATOM   1126 C  C   . LEU A 1 144 ? 0.051   -8.263  -11.119 1.00 48.32  ? 162 LEU A C   1 
ATOM   1127 O  O   . LEU A 1 144 ? -0.117  -7.142  -11.608 1.00 47.57  ? 162 LEU A O   1 
ATOM   1128 C  CB  . LEU A 1 144 ? -1.452  -9.156  -9.293  1.00 54.20  ? 162 LEU A CB  1 
ATOM   1129 C  CG  . LEU A 1 144 ? -1.729  -7.794  -8.657  1.00 63.17  ? 162 LEU A CG  1 
ATOM   1130 C  CD1 . LEU A 1 144 ? -2.882  -7.093  -9.346  1.00 63.33  ? 162 LEU A CD1 1 
ATOM   1131 C  CD2 . LEU A 1 144 ? -2.006  -7.930  -7.165  1.00 53.77  ? 162 LEU A CD2 1 
ATOM   1132 N  N   . ALA A 1 145 ? 1.259   -8.748  -10.844 1.00 46.83  ? 163 ALA A N   1 
ATOM   1133 C  CA  . ALA A 1 145 ? 2.447   -7.941  -11.094 1.00 48.66  ? 163 ALA A CA  1 
ATOM   1134 C  C   . ALA A 1 145 ? 2.508   -7.564  -12.579 1.00 55.85  ? 163 ALA A C   1 
ATOM   1135 O  O   . ALA A 1 145 ? 2.621   -6.381  -12.924 1.00 63.75  ? 163 ALA A O   1 
ATOM   1136 C  CB  . ALA A 1 145 ? 3.712   -8.667  -10.648 1.00 48.70  ? 163 ALA A CB  1 
ATOM   1137 N  N   . ALA A 1 146 ? 2.373   -8.576  -13.434 1.00 63.80  ? 164 ALA A N   1 
ATOM   1138 C  CA  . ALA A 1 146 ? 2.372   -8.397  -14.888 1.00 71.67  ? 164 ALA A CA  1 
ATOM   1139 C  C   . ALA A 1 146 ? 1.215   -7.523  -15.390 1.00 70.67  ? 164 ALA A C   1 
ATOM   1140 O  O   . ALA A 1 146 ? 1.365   -6.771  -16.361 1.00 63.96  ? 164 ALA A O   1 
ATOM   1141 C  CB  . ALA A 1 146 ? 2.341   -9.755  -15.577 1.00 70.77  ? 164 ALA A CB  1 
ATOM   1142 N  N   . ALA A 1 147 ? 0.064   -7.619  -14.732 1.00 68.09  ? 165 ALA A N   1 
ATOM   1143 C  CA  . ALA A 1 147 ? -1.086  -6.800  -15.095 1.00 60.70  ? 165 ALA A CA  1 
ATOM   1144 C  C   . ALA A 1 147 ? -0.816  -5.343  -14.796 1.00 61.77  ? 165 ALA A C   1 
ATOM   1145 O  O   . ALA A 1 147 ? -1.012  -4.478  -15.650 1.00 73.92  ? 165 ALA A O   1 
ATOM   1146 C  CB  . ALA A 1 147 ? -2.330  -7.270  -14.345 1.00 60.03  ? 165 ALA A CB  1 
ATOM   1147 N  N   . LEU A 1 148 ? -0.374  -5.063  -13.575 1.00 67.69  ? 166 LEU A N   1 
ATOM   1148 C  CA  . LEU A 1 148 ? -0.061  -3.694  -13.192 1.00 61.73  ? 166 LEU A CA  1 
ATOM   1149 C  C   . LEU A 1 148 ? 1.134   -3.177  -14.013 1.00 70.17  ? 166 LEU A C   1 
ATOM   1150 O  O   . LEU A 1 148 ? 1.109   -2.038  -14.468 1.00 64.84  ? 166 LEU A O   1 
ATOM   1151 C  CB  . LEU A 1 148 ? 0.140   -3.581  -11.670 1.00 64.61  ? 166 LEU A CB  1 
ATOM   1152 C  CG  . LEU A 1 148 ? -1.181  -3.724  -10.875 1.00 60.25  ? 166 LEU A CG  1 
ATOM   1153 C  CD1 . LEU A 1 148 ? -0.969  -4.144  -9.427  1.00 62.78  ? 166 LEU A CD1 1 
ATOM   1154 C  CD2 . LEU A 1 148 ? -1.991  -2.436  -10.943 1.00 66.16  ? 166 LEU A CD2 1 
ATOM   1155 N  N   . GLU A 1 149 ? 2.145   -4.014  -14.246 1.00 65.85  ? 167 GLU A N   1 
ATOM   1156 C  CA  . GLU A 1 149 ? 3.286   -3.621  -15.112 1.00 88.53  ? 167 GLU A CA  1 
ATOM   1157 C  C   . GLU A 1 149 ? 2.878   -3.319  -16.563 1.00 88.80  ? 167 GLU A C   1 
ATOM   1158 O  O   . GLU A 1 149 ? 3.313   -2.320  -17.136 1.00 101.86 ? 167 GLU A O   1 
ATOM   1159 C  CB  . GLU A 1 149 ? 4.364   -4.704  -15.129 1.00 91.29  ? 167 GLU A CB  1 
ATOM   1160 C  CG  . GLU A 1 149 ? 5.162   -4.825  -13.842 1.00 105.12 ? 167 GLU A CG  1 
ATOM   1161 C  CD  . GLU A 1 149 ? 5.908   -6.148  -13.731 1.00 109.67 ? 167 GLU A CD  1 
ATOM   1162 O  OE1 . GLU A 1 149 ? 5.871   -6.949  -14.690 1.00 109.13 ? 167 GLU A OE1 1 
ATOM   1163 O  OE2 . GLU A 1 149 ? 6.531   -6.393  -12.677 1.00 95.60  ? 167 GLU A OE2 1 
ATOM   1164 N  N   . HIS A 1 150 ? 2.058   -4.194  -17.148 1.00 94.43  ? 168 HIS A N   1 
ATOM   1165 C  CA  . HIS A 1 150 ? 1.588   -4.036  -18.533 1.00 103.20 ? 168 HIS A CA  1 
ATOM   1166 C  C   . HIS A 1 150 ? 0.659   -2.830  -18.711 1.00 105.20 ? 168 HIS A C   1 
ATOM   1167 O  O   . HIS A 1 150 ? 0.642   -2.218  -19.775 1.00 93.59  ? 168 HIS A O   1 
ATOM   1168 C  CB  . HIS A 1 150 ? 0.883   -5.308  -19.025 1.00 100.59 ? 168 HIS A CB  1 
ATOM   1169 N  N   . HIS A 1 151 ? -0.125  -2.508  -17.682 1.00 105.32 ? 169 HIS A N   1 
ATOM   1170 C  CA  . HIS A 1 151 ? -0.983  -1.316  -17.702 1.00 109.15 ? 169 HIS A CA  1 
ATOM   1171 C  C   . HIS A 1 151 ? -0.101  -0.053  -17.693 1.00 112.86 ? 169 HIS A C   1 
ATOM   1172 O  O   . HIS A 1 151 ? -0.443  0.949   -18.332 1.00 96.27  ? 169 HIS A O   1 
ATOM   1173 C  CB  . HIS A 1 151 ? -1.986  -1.351  -16.528 1.00 110.25 ? 169 HIS A CB  1 
ATOM   1174 C  CG  . HIS A 1 151 ? -2.745  -0.072  -16.315 1.00 105.37 ? 169 HIS A CG  1 
ATOM   1175 N  ND1 . HIS A 1 151 ? -2.793  0.565   -15.092 1.00 110.41 ? 169 HIS A ND1 1 
ATOM   1176 C  CD2 . HIS A 1 151 ? -3.476  0.690   -17.164 1.00 111.16 ? 169 HIS A CD2 1 
ATOM   1177 C  CE1 . HIS A 1 151 ? -3.527  1.660   -15.194 1.00 100.53 ? 169 HIS A CE1 1 
ATOM   1178 N  NE2 . HIS A 1 151 ? -3.950  1.761   -16.441 1.00 102.83 ? 169 HIS A NE2 1 
ATOM   1179 N  N   . HIS A 1 152 ? 1.033   -0.125  -16.983 1.00 115.42 ? 170 HIS A N   1 
ATOM   1180 C  CA  . HIS A 1 152 ? 2.024   0.959   -16.935 1.00 113.46 ? 170 HIS A CA  1 
ATOM   1181 C  C   . HIS A 1 152 ? 3.098   0.715   -18.006 1.00 106.11 ? 170 HIS A C   1 
ATOM   1182 O  O   . HIS A 1 152 ? 3.206   1.448   -18.990 1.00 87.22  ? 170 HIS A O   1 
ATOM   1183 C  CB  . HIS A 1 152 ? 2.704   1.055   -15.551 1.00 107.61 ? 170 HIS A CB  1 
ATOM   1184 C  CG  . HIS A 1 152 ? 1.753   1.115   -14.389 1.00 105.60 ? 170 HIS A CG  1 
ATOM   1185 N  ND1 . HIS A 1 152 ? 1.977   0.435   -13.208 1.00 97.32  ? 170 HIS A ND1 1 
ATOM   1186 C  CD2 . HIS A 1 152 ? 0.574   1.763   -14.227 1.00 103.10 ? 170 HIS A CD2 1 
ATOM   1187 C  CE1 . HIS A 1 152 ? 0.982   0.667   -12.371 1.00 92.07  ? 170 HIS A CE1 1 
ATOM   1188 N  NE2 . HIS A 1 152 ? 0.115   1.467   -12.965 1.00 92.19  ? 170 HIS A NE2 1 
HETATM 1189 S  S   . SO4 B 2 .   ? -18.160 -1.896  3.009   1.00 88.27  ? 201 SO4 A S   1 
HETATM 1190 O  O1  . SO4 B 2 .   ? -19.376 -2.494  2.419   1.00 101.02 ? 201 SO4 A O1  1 
HETATM 1191 O  O2  . SO4 B 2 .   ? -17.000 -2.757  2.698   1.00 83.87  ? 201 SO4 A O2  1 
HETATM 1192 O  O3  . SO4 B 2 .   ? -17.930 -0.558  2.416   1.00 72.99  ? 201 SO4 A O3  1 
HETATM 1193 O  O4  . SO4 B 2 .   ? -18.333 -1.757  4.478   1.00 71.46  ? 201 SO4 A O4  1 
HETATM 1194 C  C1  . GOL C 3 .   ? -2.559  -18.921 4.035   1.00 76.45  ? 202 GOL A C1  1 
HETATM 1195 O  O1  . GOL C 3 .   ? -3.115  -17.945 4.949   1.00 59.29  ? 202 GOL A O1  1 
HETATM 1196 C  C2  . GOL C 3 .   ? -2.488  -18.429 2.581   1.00 82.29  ? 202 GOL A C2  1 
HETATM 1197 O  O2  . GOL C 3 .   ? -3.224  -17.202 2.472   1.00 70.44  ? 202 GOL A O2  1 
HETATM 1198 C  C3  . GOL C 3 .   ? -1.029  -18.288 2.091   1.00 78.19  ? 202 GOL A C3  1 
HETATM 1199 O  O3  . GOL C 3 .   ? -0.929  -17.771 0.743   1.00 62.34  ? 202 GOL A O3  1 
HETATM 1200 C  C1  . GOL D 3 .   ? 8.021   0.276   -13.086 1.00 70.16  ? 203 GOL A C1  1 
HETATM 1201 O  O1  . GOL D 3 .   ? 8.665   -0.644  -12.173 1.00 68.27  ? 203 GOL A O1  1 
HETATM 1202 C  C2  . GOL D 3 .   ? 6.610   -0.165  -13.535 1.00 58.72  ? 203 GOL A C2  1 
HETATM 1203 O  O2  . GOL D 3 .   ? 5.684   0.932   -13.581 1.00 63.27  ? 203 GOL A O2  1 
HETATM 1204 C  C3  . GOL D 3 .   ? 5.955   -1.159  -12.614 1.00 70.65  ? 203 GOL A C3  1 
HETATM 1205 O  O3  . GOL D 3 .   ? 4.549   -0.993  -12.827 1.00 70.15  ? 203 GOL A O3  1 
HETATM 1206 CL CL  . CL  E 4 .   ? 15.080  -7.691  -3.869  1.00 69.43  ? 204 CL  A CL  1 
HETATM 1207 O  O   . HOH F 5 .   ? 5.541   -2.138  18.621  1.00 73.25  ? 301 HOH A O   1 
HETATM 1208 O  O   . HOH F 5 .   ? -17.657 -10.602 1.123   1.00 56.13  ? 302 HOH A O   1 
HETATM 1209 O  O   . HOH F 5 .   ? 18.899  9.278   0.141   1.00 68.69  ? 303 HOH A O   1 
HETATM 1210 O  O   . HOH F 5 .   ? -0.193  -13.028 0.120   1.00 43.21  ? 304 HOH A O   1 
HETATM 1211 O  O   . HOH F 5 .   ? 13.000  6.395   -6.630  1.00 68.18  ? 305 HOH A O   1 
HETATM 1212 O  O   . HOH F 5 .   ? -4.969  3.532   -10.065 1.00 72.43  ? 306 HOH A O   1 
HETATM 1213 O  O   . HOH F 5 .   ? -8.573  -6.370  10.053  1.00 54.69  ? 307 HOH A O   1 
HETATM 1214 O  O   . HOH F 5 .   ? -7.298  -20.511 -5.900  1.00 60.65  ? 308 HOH A O   1 
HETATM 1215 O  O   . HOH F 5 .   ? 3.662   0.342   17.374  1.00 70.19  ? 309 HOH A O   1 
HETATM 1216 O  O   . HOH F 5 .   ? -6.750  -15.083 -9.823  1.00 55.43  ? 310 HOH A O   1 
HETATM 1217 O  O   . HOH F 5 .   ? 11.013  -6.298  -8.045  1.00 51.45  ? 311 HOH A O   1 
HETATM 1218 O  O   . HOH F 5 .   ? -7.533  4.323   0.981   1.00 62.74  ? 312 HOH A O   1 
HETATM 1219 O  O   . HOH F 5 .   ? 16.220  0.214   10.854  1.00 38.32  ? 313 HOH A O   1 
HETATM 1220 O  O   . HOH F 5 .   ? 3.477   -2.938  -11.465 1.00 61.39  ? 314 HOH A O   1 
HETATM 1221 O  O   . HOH F 5 .   ? 3.312   -13.678 -1.101  1.00 44.09  ? 315 HOH A O   1 
HETATM 1222 O  O   . HOH F 5 .   ? -0.360  0.022   8.734   1.00 46.44  ? 316 HOH A O   1 
HETATM 1223 O  O   . HOH F 5 .   ? -3.200  -14.736 0.245   1.00 61.47  ? 317 HOH A O   1 
HETATM 1224 O  O   . HOH F 5 .   ? -14.944 -6.190  -10.824 1.00 63.30  ? 318 HOH A O   1 
HETATM 1225 O  O   . HOH F 5 .   ? 10.721  3.413   -4.291  1.00 43.16  ? 319 HOH A O   1 
HETATM 1226 O  O   . HOH F 5 .   ? 11.666  16.148  15.282  1.00 61.81  ? 320 HOH A O   1 
HETATM 1227 O  O   . HOH F 5 .   ? -11.892 -11.627 7.806   1.00 52.26  ? 321 HOH A O   1 
HETATM 1228 O  O   . HOH F 5 .   ? 11.129  11.968  15.271  1.00 45.78  ? 322 HOH A O   1 
HETATM 1229 O  O   . HOH F 5 .   ? -11.960 -11.450 3.377   1.00 41.35  ? 323 HOH A O   1 
HETATM 1230 O  O   . HOH F 5 .   ? -6.013  -14.209 -2.675  1.00 56.98  ? 324 HOH A O   1 
HETATM 1231 O  O   . HOH F 5 .   ? -10.825 -17.802 8.407   1.00 76.05  ? 325 HOH A O   1 
HETATM 1232 O  O   . HOH F 5 .   ? -13.964 -1.473  2.342   1.00 52.06  ? 326 HOH A O   1 
HETATM 1233 O  O   . HOH F 5 .   ? -6.846  8.290   12.848  1.00 62.25  ? 327 HOH A O   1 
HETATM 1234 O  O   . HOH F 5 .   ? -3.636  -8.310  5.043   1.00 39.75  ? 328 HOH A O   1 
HETATM 1235 O  O   . HOH F 5 .   ? 11.078  2.152   -7.639  1.00 69.94  ? 329 HOH A O   1 
HETATM 1236 O  O   . HOH F 5 .   ? -5.702  1.469   17.734  1.00 75.93  ? 330 HOH A O   1 
HETATM 1237 O  O   . HOH F 5 .   ? 8.479   4.387   17.573  1.00 67.85  ? 331 HOH A O   1 
HETATM 1238 O  O   . HOH F 5 .   ? -6.436  -8.162  -13.444 1.00 67.16  ? 332 HOH A O   1 
HETATM 1239 O  O   . HOH F 5 .   ? 4.790   -12.676 -3.014  1.00 57.49  ? 333 HOH A O   1 
HETATM 1240 O  O   . HOH F 5 .   ? 10.299  -10.426 -7.973  1.00 81.92  ? 334 HOH A O   1 
HETATM 1241 O  O   . HOH F 5 .   ? -12.485 -10.213 5.689   1.00 46.90  ? 335 HOH A O   1 
HETATM 1242 O  O   . HOH F 5 .   ? -14.020 -9.874  -8.149  1.00 56.34  ? 336 HOH A O   1 
HETATM 1243 O  O   . HOH F 5 .   ? 6.041   -3.124  -9.904  1.00 58.83  ? 337 HOH A O   1 
HETATM 1244 O  O   . HOH F 5 .   ? -9.658  -18.001 5.551   1.00 62.71  ? 338 HOH A O   1 
HETATM 1245 O  O   . HOH F 5 .   ? 10.085  13.797  18.920  1.00 62.54  ? 339 HOH A O   1 
HETATM 1246 O  O   . HOH F 5 .   ? -1.580  -6.751  6.294   1.00 35.24  ? 340 HOH A O   1 
HETATM 1247 O  O   . HOH F 5 .   ? 7.746   12.091  0.353   1.00 56.49  ? 341 HOH A O   1 
HETATM 1248 O  O   . HOH F 5 .   ? 14.002  -2.178  4.190   1.00 42.08  ? 342 HOH A O   1 
HETATM 1249 O  O   . HOH F 5 .   ? -15.708 6.598   6.202   1.00 60.39  ? 343 HOH A O   1 
HETATM 1250 O  O   . HOH F 5 .   ? 5.170   -8.130  4.599   0.50 41.72  ? 344 HOH A O   1 
HETATM 1251 O  O   . HOH F 5 .   ? -3.394  7.772   11.212  1.00 60.48  ? 345 HOH A O   1 
HETATM 1252 O  O   . HOH F 5 .   ? 17.774  2.625   16.258  1.00 67.16  ? 346 HOH A O   1 
HETATM 1253 O  O   . HOH F 5 .   ? -0.864  -4.766  8.365   1.00 46.21  ? 347 HOH A O   1 
HETATM 1254 O  O   . HOH F 5 .   ? -5.667  -17.927 6.310   1.00 68.79  ? 348 HOH A O   1 
HETATM 1255 O  O   . HOH F 5 .   ? -4.345  7.497   -9.109  1.00 67.87  ? 349 HOH A O   1 
HETATM 1256 O  O   . HOH F 5 .   ? -2.641  1.171   -12.094 1.00 70.76  ? 350 HOH A O   1 
HETATM 1257 O  O   . HOH F 5 .   ? -1.338  3.972   -13.289 1.00 60.67  ? 351 HOH A O   1 
HETATM 1258 O  O   . HOH F 5 .   ? 4.184   4.204   17.926  1.00 64.71  ? 352 HOH A O   1 
HETATM 1259 O  O   . HOH F 5 .   ? 7.569   13.064  3.385   1.00 60.23  ? 353 HOH A O   1 
HETATM 1260 O  O   . HOH F 5 .   ? 18.496  17.024  3.075   1.00 62.10  ? 354 HOH A O   1 
HETATM 1261 O  O   . HOH F 5 .   ? 9.209   12.621  22.499  1.00 78.03  ? 355 HOH A O   1 
HETATM 1262 O  O   . HOH F 5 .   ? 15.971  7.723   10.924  1.00 49.95  ? 356 HOH A O   1 
HETATM 1263 O  O   . HOH F 5 .   ? 6.952   -4.787  8.447   1.00 49.73  ? 357 HOH A O   1 
HETATM 1264 O  O   . HOH F 5 .   ? 14.904  -6.337  -7.364  1.00 64.73  ? 358 HOH A O   1 
HETATM 1265 O  O   . HOH F 5 .   ? 1.759   -16.109 -8.142  1.00 56.96  ? 359 HOH A O   1 
HETATM 1266 O  O   . HOH F 5 .   ? 17.633  17.494  13.323  1.00 68.39  ? 360 HOH A O   1 
HETATM 1267 O  O   . HOH F 5 .   ? -16.723 7.936   -1.172  1.00 62.47  ? 361 HOH A O   1 
HETATM 1268 O  O   . HOH F 5 .   ? -15.668 -10.513 -6.426  1.00 57.95  ? 362 HOH A O   1 
HETATM 1269 O  O   . HOH F 5 .   ? -18.465 -8.355  0.186   1.00 65.24  ? 363 HOH A O   1 
HETATM 1270 O  O   . HOH F 5 .   ? 8.251   -7.404  -7.475  1.00 64.60  ? 364 HOH A O   1 
HETATM 1271 O  O   . HOH F 5 .   ? 6.853   12.422  17.464  1.00 65.25  ? 365 HOH A O   1 
HETATM 1272 O  O   . HOH F 5 .   ? 19.241  17.631  5.939   1.00 80.48  ? 366 HOH A O   1 
HETATM 1273 O  O   . HOH F 5 .   ? -0.278  -16.107 -5.949  1.00 63.35  ? 367 HOH A O   1 
HETATM 1274 O  O   . HOH F 5 .   ? -4.221  -9.466  -13.244 1.00 56.28  ? 368 HOH A O   1 
HETATM 1275 O  O   . HOH F 5 .   ? 16.173  2.113   4.397   1.00 52.88  ? 369 HOH A O   1 
HETATM 1276 O  O   . HOH F 5 .   ? 9.345   -2.187  14.679  1.00 46.41  ? 370 HOH A O   1 
HETATM 1277 O  O   . HOH F 5 .   ? -5.787  -15.346 0.931   1.00 45.00  ? 371 HOH A O   1 
HETATM 1278 O  O   . HOH F 5 .   ? -4.249  6.732   -0.825  1.00 74.16  ? 372 HOH A O   1 
HETATM 1279 O  O   . HOH F 5 .   ? 12.527  -2.498  -10.719 1.00 74.18  ? 373 HOH A O   1 
HETATM 1280 O  O   . HOH F 5 .   ? 21.281  7.028   5.840   1.00 70.87  ? 374 HOH A O   1 
HETATM 1281 O  O   . HOH F 5 .   ? -13.235 3.893   13.413  1.00 73.24  ? 375 HOH A O   1 
HETATM 1282 O  O   . HOH F 5 .   ? 3.646   8.864   14.618  1.00 59.78  ? 376 HOH A O   1 
HETATM 1283 O  O   . HOH F 5 .   ? 8.026   -11.953 -1.901  0.50 54.44  ? 377 HOH A O   1 
HETATM 1284 O  O   . HOH F 5 .   ? 17.538  1.625   -5.775  1.00 65.71  ? 378 HOH A O   1 
HETATM 1285 O  O   . HOH F 5 .   ? -9.147  1.848   16.873  1.00 79.05  ? 379 HOH A O   1 
HETATM 1286 O  O   . HOH F 5 .   ? 13.445  2.914   20.009  1.00 61.60  ? 380 HOH A O   1 
HETATM 1287 O  O   . HOH F 5 .   ? -4.634  7.251   1.784   1.00 67.45  ? 381 HOH A O   1 
HETATM 1288 O  O   . HOH F 5 .   ? -14.651 -8.652  6.193   1.00 64.48  ? 382 HOH A O   1 
HETATM 1289 O  O   . HOH F 5 .   ? 5.189   -6.373  7.046   0.50 53.44  ? 383 HOH A O   1 
HETATM 1290 O  O   . HOH F 5 .   ? -3.517  4.918   -12.328 1.00 74.52  ? 384 HOH A O   1 
HETATM 1291 O  O   . HOH F 5 .   ? 13.061  -13.109 -3.564  1.00 58.50  ? 385 HOH A O   1 
HETATM 1292 O  O   . HOH F 5 .   ? -13.867 -2.795  6.420   1.00 64.25  ? 386 HOH A O   1 
HETATM 1293 O  O   . HOH F 5 .   ? 18.039  1.804   10.381  1.00 58.08  ? 387 HOH A O   1 
HETATM 1294 O  O   . HOH F 5 .   ? -17.783 -5.999  -10.053 1.00 64.00  ? 388 HOH A O   1 
HETATM 1295 O  O   . HOH F 5 .   ? 20.296  3.745   16.727  1.00 75.08  ? 389 HOH A O   1 
HETATM 1296 O  O   . HOH F 5 .   ? -7.392  -15.938 -1.182  1.00 51.29  ? 390 HOH A O   1 
HETATM 1297 O  O   . HOH F 5 .   ? -18.231 8.724   -3.090  1.00 83.74  ? 391 HOH A O   1 
HETATM 1298 O  O   . HOH F 5 .   ? -11.609 -7.592  9.746   1.00 62.22  ? 392 HOH A O   1 
HETATM 1299 O  O   . HOH F 5 .   ? 6.152   5.604   18.685  1.00 67.37  ? 393 HOH A O   1 
HETATM 1300 O  O   . HOH F 5 .   ? -14.705 -5.237  5.751   1.00 65.18  ? 394 HOH A O   1 
HETATM 1301 O  O   . HOH F 5 .   ? -12.255 0.685   14.313  1.00 73.72  ? 395 HOH A O   1 
HETATM 1302 O  O   . HOH F 5 .   ? 5.213   12.370  19.655  1.00 86.06  ? 396 HOH A O   1 
HETATM 1303 O  O   . HOH F 5 .   ? -11.250 -4.593  9.923   1.00 74.86  ? 397 HOH A O   1 
HETATM 1304 O  O   . HOH F 5 .   ? 2.829   1.400   19.951  1.00 71.36  ? 398 HOH A O   1 
HETATM 1305 O  O   . HOH F 5 .   ? -14.654 -9.813  9.447   1.00 70.52  ? 399 HOH A O   1 
HETATM 1306 O  O   . HOH F 5 .   ? -13.357 -3.327  8.953   1.00 66.34  ? 400 HOH A O   1 
# 
